data_1SKJ
# 
_entry.id   1SKJ 
# 
_audit_conform.dict_name       mmcif_pdbx.dic 
_audit_conform.dict_version    5.392 
_audit_conform.dict_location   http://mmcif.pdb.org/dictionaries/ascii/mmcif_pdbx.dic 
# 
loop_
_database_2.database_id 
_database_2.database_code 
_database_2.pdbx_database_accession 
_database_2.pdbx_DOI 
PDB   1SKJ         pdb_00001skj 10.2210/pdb1skj/pdb 
WWPDB D_1000176399 ?            ?                   
# 
loop_
_pdbx_audit_revision_history.ordinal 
_pdbx_audit_revision_history.data_content_type 
_pdbx_audit_revision_history.major_revision 
_pdbx_audit_revision_history.minor_revision 
_pdbx_audit_revision_history.revision_date 
1 'Structure model' 1 0 1998-02-25 
2 'Structure model' 1 1 2008-03-03 
3 'Structure model' 1 2 2011-07-13 
4 'Structure model' 1 3 2023-08-09 
5 'Structure model' 1 4 2024-05-22 
# 
_pdbx_audit_revision_details.ordinal             1 
_pdbx_audit_revision_details.revision_ordinal    1 
_pdbx_audit_revision_details.data_content_type   'Structure model' 
_pdbx_audit_revision_details.provider            repository 
_pdbx_audit_revision_details.type                'Initial release' 
_pdbx_audit_revision_details.description         ? 
_pdbx_audit_revision_details.details             ? 
# 
loop_
_pdbx_audit_revision_group.ordinal 
_pdbx_audit_revision_group.revision_ordinal 
_pdbx_audit_revision_group.data_content_type 
_pdbx_audit_revision_group.group 
1 2 'Structure model' 'Version format compliance' 
2 3 'Structure model' 'Version format compliance' 
3 4 'Structure model' 'Database references'       
4 4 'Structure model' 'Derived calculations'      
5 4 'Structure model' Other                       
6 4 'Structure model' 'Refinement description'    
7 5 'Structure model' 'Data collection'           
# 
loop_
_pdbx_audit_revision_category.ordinal 
_pdbx_audit_revision_category.revision_ordinal 
_pdbx_audit_revision_category.data_content_type 
_pdbx_audit_revision_category.category 
1 4 'Structure model' database_2                    
2 4 'Structure model' pdbx_database_status          
3 4 'Structure model' pdbx_initial_refinement_model 
4 4 'Structure model' struct_ref_seq_dif            
5 4 'Structure model' struct_site                   
6 5 'Structure model' chem_comp_atom                
7 5 'Structure model' chem_comp_bond                
# 
loop_
_pdbx_audit_revision_item.ordinal 
_pdbx_audit_revision_item.revision_ordinal 
_pdbx_audit_revision_item.data_content_type 
_pdbx_audit_revision_item.item 
1 4 'Structure model' '_database_2.pdbx_DOI'                
2 4 'Structure model' '_database_2.pdbx_database_accession' 
3 4 'Structure model' '_pdbx_database_status.process_site'  
4 4 'Structure model' '_struct_ref_seq_dif.details'         
5 4 'Structure model' '_struct_site.pdbx_auth_asym_id'      
6 4 'Structure model' '_struct_site.pdbx_auth_comp_id'      
7 4 'Structure model' '_struct_site.pdbx_auth_seq_id'       
# 
_pdbx_database_status.status_code                     REL 
_pdbx_database_status.entry_id                        1SKJ 
_pdbx_database_status.recvd_initial_deposition_date   1997-09-18 
_pdbx_database_status.deposit_site                    ? 
_pdbx_database_status.process_site                    BNL 
_pdbx_database_status.status_code_sf                  REL 
_pdbx_database_status.status_code_mr                  ? 
_pdbx_database_status.SG_entry                        ? 
_pdbx_database_status.pdb_format_compatible           Y 
_pdbx_database_status.status_code_cs                  ? 
_pdbx_database_status.status_code_nmr_data            ? 
_pdbx_database_status.methods_development_category    ? 
# 
loop_
_audit_author.name 
_audit_author.pdbx_ordinal 
'Holland, D.R.' 1 
'Rubin, J.R.'   2 
# 
loop_
_citation.id 
_citation.title 
_citation.journal_abbrev 
_citation.journal_volume 
_citation.page_first 
_citation.page_last 
_citation.year 
_citation.journal_id_ASTM 
_citation.country 
_citation.journal_id_ISSN 
_citation.journal_id_CSD 
_citation.book_publisher 
_citation.pdbx_database_id_PubMed 
_citation.pdbx_database_id_DOI 
primary 'Design, synthesis, and cocrystal structure of a nonpeptide Src SH2 domain ligand.' J.Med.Chem.             40 3719 3725 
1997 JMCMAR US 0022-2623 0151 ? 9371236 10.1021/jm970402q 
1       
'Binding of a High Affinity Phosphotyrosyl Peptide to the Src Sh2 Domain: Crystal Structures of the Complexed and Peptide-Free Forms' 
'Cell(Cambridge,Mass.)' 72 779  ?    1993 CELLB5 US 0092-8674 0998 ? ?       ?                 
# 
loop_
_citation_author.citation_id 
_citation_author.name 
_citation_author.ordinal 
_citation_author.identifier_ORCID 
primary 'Plummer, M.S.'  1  ? 
primary 'Holland, D.R.'  2  ? 
primary 'Shahripour, A.' 3  ? 
primary 'Lunney, E.A.'   4  ? 
primary 'Fergus, J.H.'   5  ? 
primary 'Marks, J.S.'    6  ? 
primary 'McConnell, P.'  7  ? 
primary 'Mueller, W.T.'  8  ? 
primary 'Sawyer, T.K.'   9  ? 
1       'Waksman, G.'    10 ? 
1       'Shoelson, S.E.' 11 ? 
1       'Pant, N.'       12 ? 
1       'Cowburn, D.'    13 ? 
1       'Kuriyan, J.'    14 ? 
# 
loop_
_entity.id 
_entity.type 
_entity.src_method 
_entity.pdbx_description 
_entity.formula_weight 
_entity.pdbx_number_of_molecules 
_entity.pdbx_ec 
_entity.pdbx_mutation 
_entity.pdbx_fragment 
_entity.details 
1 polymer     man 'PP60 V-SRC TYROSINE KINASE TRANSFORMING PROTEIN'                                                             
12907.508 1  2.7.1.112 'N-TERMINAL INS(GS) AND C-TERMINAL INS(EFIVTD)' 'SH2 DOMAIN' ? 
2 non-polymer syn '4-[3-CARBOXYMETHYL-3-(4-PHOSPHONOOXY-BENZYL)-UREIDO]-4-[(3-CYCLOHEXYL-PROPYL)-METHYL-CARBAMOYL]BUTYRIC ACID' 
571.557   1  ?         ?                                               ?            ? 
3 water       nat water                                                                                                         
18.015    61 ?         ?                                               ?            ? 
# 
_entity_name_com.entity_id   1 
_entity_name_com.name        'SRC SH2' 
# 
_entity_poly.entity_id                      1 
_entity_poly.type                           'polypeptide(L)' 
_entity_poly.nstd_linkage                   no 
_entity_poly.nstd_monomer                   no 
_entity_poly.pdbx_seq_one_letter_code       
;GSAEEWYFGKITRRESERLLLNPENPRGTFLVRESETTKGAYCLSVSDFDNAKGLNVKHYKIRKLDSGGFYITSRTQFSS
LQQLVAYYSKHADGLCHRLTNVCPTSKEFIVTD
;
_entity_poly.pdbx_seq_one_letter_code_can   
;GSAEEWYFGKITRRESERLLLNPENPRGTFLVRESETTKGAYCLSVSDFDNAKGLNVKHYKIRKLDSGGFYITSRTQFSS
LQQLVAYYSKHADGLCHRLTNVCPTSKEFIVTD
;
_entity_poly.pdbx_strand_id                 A 
_entity_poly.pdbx_target_identifier         ? 
# 
loop_
_pdbx_entity_nonpoly.entity_id 
_pdbx_entity_nonpoly.name 
_pdbx_entity_nonpoly.comp_id 
2 '4-[3-CARBOXYMETHYL-3-(4-PHOSPHONOOXY-BENZYL)-UREIDO]-4-[(3-CYCLOHEXYL-PROPYL)-METHYL-CARBAMOYL]BUTYRIC ACID' UR2 
3 water                                                                                                         HOH 
# 
loop_
_entity_poly_seq.entity_id 
_entity_poly_seq.num 
_entity_poly_seq.mon_id 
_entity_poly_seq.hetero 
1 1   GLY n 
1 2   SER n 
1 3   ALA n 
1 4   GLU n 
1 5   GLU n 
1 6   TRP n 
1 7   TYR n 
1 8   PHE n 
1 9   GLY n 
1 10  LYS n 
1 11  ILE n 
1 12  THR n 
1 13  ARG n 
1 14  ARG n 
1 15  GLU n 
1 16  SER n 
1 17  GLU n 
1 18  ARG n 
1 19  LEU n 
1 20  LEU n 
1 21  LEU n 
1 22  ASN n 
1 23  PRO n 
1 24  GLU n 
1 25  ASN n 
1 26  PRO n 
1 27  ARG n 
1 28  GLY n 
1 29  THR n 
1 30  PHE n 
1 31  LEU n 
1 32  VAL n 
1 33  ARG n 
1 34  GLU n 
1 35  SER n 
1 36  GLU n 
1 37  THR n 
1 38  THR n 
1 39  LYS n 
1 40  GLY n 
1 41  ALA n 
1 42  TYR n 
1 43  CYS n 
1 44  LEU n 
1 45  SER n 
1 46  VAL n 
1 47  SER n 
1 48  ASP n 
1 49  PHE n 
1 50  ASP n 
1 51  ASN n 
1 52  ALA n 
1 53  LYS n 
1 54  GLY n 
1 55  LEU n 
1 56  ASN n 
1 57  VAL n 
1 58  LYS n 
1 59  HIS n 
1 60  TYR n 
1 61  LYS n 
1 62  ILE n 
1 63  ARG n 
1 64  LYS n 
1 65  LEU n 
1 66  ASP n 
1 67  SER n 
1 68  GLY n 
1 69  GLY n 
1 70  PHE n 
1 71  TYR n 
1 72  ILE n 
1 73  THR n 
1 74  SER n 
1 75  ARG n 
1 76  THR n 
1 77  GLN n 
1 78  PHE n 
1 79  SER n 
1 80  SER n 
1 81  LEU n 
1 82  GLN n 
1 83  GLN n 
1 84  LEU n 
1 85  VAL n 
1 86  ALA n 
1 87  TYR n 
1 88  TYR n 
1 89  SER n 
1 90  LYS n 
1 91  HIS n 
1 92  ALA n 
1 93  ASP n 
1 94  GLY n 
1 95  LEU n 
1 96  CYS n 
1 97  HIS n 
1 98  ARG n 
1 99  LEU n 
1 100 THR n 
1 101 ASN n 
1 102 VAL n 
1 103 CYS n 
1 104 PRO n 
1 105 THR n 
1 106 SER n 
1 107 LYS n 
1 108 GLU n 
1 109 PHE n 
1 110 ILE n 
1 111 VAL n 
1 112 THR n 
1 113 ASP n 
# 
_entity_src_gen.entity_id                          1 
_entity_src_gen.pdbx_src_id                        1 
_entity_src_gen.pdbx_alt_source_flag               sample 
_entity_src_gen.pdbx_seq_type                      ? 
_entity_src_gen.pdbx_beg_seq_num                   ? 
_entity_src_gen.pdbx_end_seq_num                   ? 
_entity_src_gen.gene_src_common_name               ? 
_entity_src_gen.gene_src_genus                     Alpharetrovirus 
_entity_src_gen.pdbx_gene_src_gene                 ? 
_entity_src_gen.gene_src_species                   ? 
_entity_src_gen.gene_src_strain                    'SCHMIDT-RUPPIN STRAIN A' 
_entity_src_gen.gene_src_tissue                    ? 
_entity_src_gen.gene_src_tissue_fraction           ? 
_entity_src_gen.gene_src_details                   ? 
_entity_src_gen.pdbx_gene_src_fragment             ? 
_entity_src_gen.pdbx_gene_src_scientific_name      'Rous sarcoma virus' 
_entity_src_gen.pdbx_gene_src_ncbi_taxonomy_id     11886 
_entity_src_gen.pdbx_gene_src_variant              ? 
_entity_src_gen.pdbx_gene_src_cell_line            'JM 83' 
_entity_src_gen.pdbx_gene_src_atcc                 ? 
_entity_src_gen.pdbx_gene_src_organ                ? 
_entity_src_gen.pdbx_gene_src_organelle            ? 
_entity_src_gen.pdbx_gene_src_cell                 ? 
_entity_src_gen.pdbx_gene_src_cellular_location    ? 
_entity_src_gen.host_org_common_name               ? 
_entity_src_gen.pdbx_host_org_scientific_name      'Escherichia coli' 
_entity_src_gen.pdbx_host_org_ncbi_taxonomy_id     562 
_entity_src_gen.host_org_genus                     Escherichia 
_entity_src_gen.pdbx_host_org_gene                 ? 
_entity_src_gen.pdbx_host_org_organ                ? 
_entity_src_gen.host_org_species                   ? 
_entity_src_gen.pdbx_host_org_tissue               ? 
_entity_src_gen.pdbx_host_org_tissue_fraction      ? 
_entity_src_gen.pdbx_host_org_strain               ? 
_entity_src_gen.pdbx_host_org_variant              ? 
_entity_src_gen.pdbx_host_org_cell_line            JM83 
_entity_src_gen.pdbx_host_org_atcc                 ? 
_entity_src_gen.pdbx_host_org_culture_collection   ? 
_entity_src_gen.pdbx_host_org_cell                 ? 
_entity_src_gen.pdbx_host_org_organelle            ? 
_entity_src_gen.pdbx_host_org_cellular_location    ? 
_entity_src_gen.pdbx_host_org_vector_type          BACTERIUM 
_entity_src_gen.pdbx_host_org_vector               PGEX-KT 
_entity_src_gen.host_org_details                   ? 
_entity_src_gen.expression_system_id               ? 
_entity_src_gen.plasmid_name                       ? 
_entity_src_gen.plasmid_details                    ? 
_entity_src_gen.pdbx_description                   ? 
# 
loop_
_chem_comp.id 
_chem_comp.type 
_chem_comp.mon_nstd_flag 
_chem_comp.name 
_chem_comp.pdbx_synonyms 
_chem_comp.formula 
_chem_comp.formula_weight 
ALA 'L-peptide linking' y ALANINE ? 'C3 H7 N O2'       89.093  
ARG 'L-peptide linking' y ARGININE ? 'C6 H15 N4 O2 1'   175.209 
ASN 'L-peptide linking' y ASPARAGINE ? 'C4 H8 N2 O3'      132.118 
ASP 'L-peptide linking' y 'ASPARTIC ACID' ? 'C4 H7 N O4'       133.103 
CYS 'L-peptide linking' y CYSTEINE ? 'C3 H7 N O2 S'     121.158 
GLN 'L-peptide linking' y GLUTAMINE ? 'C5 H10 N2 O3'     146.144 
GLU 'L-peptide linking' y 'GLUTAMIC ACID' ? 'C5 H9 N O4'       147.129 
GLY 'peptide linking'   y GLYCINE ? 'C2 H5 N O2'       75.067  
HIS 'L-peptide linking' y HISTIDINE ? 'C6 H10 N3 O2 1'   156.162 
HOH non-polymer         . WATER ? 'H2 O'             18.015  
ILE 'L-peptide linking' y ISOLEUCINE ? 'C6 H13 N O2'      131.173 
LEU 'L-peptide linking' y LEUCINE ? 'C6 H13 N O2'      131.173 
LYS 'L-peptide linking' y LYSINE ? 'C6 H15 N2 O2 1'   147.195 
PHE 'L-peptide linking' y PHENYLALANINE ? 'C9 H11 N O2'      165.189 
PRO 'L-peptide linking' y PROLINE ? 'C5 H9 N O2'       115.130 
SER 'L-peptide linking' y SERINE ? 'C3 H7 N O3'       105.093 
THR 'L-peptide linking' y THREONINE ? 'C4 H9 N O3'       119.119 
TRP 'L-peptide linking' y TRYPTOPHAN ? 'C11 H12 N2 O2'    204.225 
TYR 'L-peptide linking' y TYROSINE ? 'C9 H11 N O3'      181.189 
UR2 non-polymer         . 
'4-[3-CARBOXYMETHYL-3-(4-PHOSPHONOOXY-BENZYL)-UREIDO]-4-[(3-CYCLOHEXYL-PROPYL)-METHYL-CARBAMOYL]BUTYRIC ACID' ? 'C25 H38 N3 O10 P' 
571.557 
VAL 'L-peptide linking' y VALINE ? 'C5 H11 N O2'      117.146 
# 
loop_
_pdbx_poly_seq_scheme.asym_id 
_pdbx_poly_seq_scheme.entity_id 
_pdbx_poly_seq_scheme.seq_id 
_pdbx_poly_seq_scheme.mon_id 
_pdbx_poly_seq_scheme.ndb_seq_num 
_pdbx_poly_seq_scheme.pdb_seq_num 
_pdbx_poly_seq_scheme.auth_seq_num 
_pdbx_poly_seq_scheme.pdb_mon_id 
_pdbx_poly_seq_scheme.auth_mon_id 
_pdbx_poly_seq_scheme.pdb_strand_id 
_pdbx_poly_seq_scheme.pdb_ins_code 
_pdbx_poly_seq_scheme.hetero 
A 1 1   GLY 1   0   ?   ?   ?   A . n 
A 1 2   SER 2   1   ?   ?   ?   A . n 
A 1 3   ALA 3   2   ?   ?   ?   A . n 
A 1 4   GLU 4   3   3   GLU GLU A . n 
A 1 5   GLU 5   4   4   GLU GLU A . n 
A 1 6   TRP 6   5   5   TRP TRP A . n 
A 1 7   TYR 7   6   6   TYR TYR A . n 
A 1 8   PHE 8   7   7   PHE PHE A . n 
A 1 9   GLY 9   8   8   GLY GLY A . n 
A 1 10  LYS 10  9   9   LYS LYS A . n 
A 1 11  ILE 11  10  10  ILE ILE A . n 
A 1 12  THR 12  11  11  THR THR A . n 
A 1 13  ARG 13  12  12  ARG ARG A . n 
A 1 14  ARG 14  13  13  ARG ARG A . n 
A 1 15  GLU 15  14  14  GLU GLU A . n 
A 1 16  SER 16  15  15  SER SER A . n 
A 1 17  GLU 17  16  16  GLU GLU A . n 
A 1 18  ARG 18  17  17  ARG ARG A . n 
A 1 19  LEU 19  18  18  LEU LEU A . n 
A 1 20  LEU 20  19  19  LEU LEU A . n 
A 1 21  LEU 21  20  20  LEU LEU A . n 
A 1 22  ASN 22  21  21  ASN ASN A . n 
A 1 23  PRO 23  22  22  PRO PRO A . n 
A 1 24  GLU 24  23  23  GLU GLU A . n 
A 1 25  ASN 25  24  24  ASN ASN A . n 
A 1 26  PRO 26  25  25  PRO PRO A . n 
A 1 27  ARG 27  26  26  ARG ARG A . n 
A 1 28  GLY 28  27  27  GLY GLY A . n 
A 1 29  THR 29  28  28  THR THR A . n 
A 1 30  PHE 30  29  29  PHE PHE A . n 
A 1 31  LEU 31  30  30  LEU LEU A . n 
A 1 32  VAL 32  31  31  VAL VAL A . n 
A 1 33  ARG 33  32  32  ARG ARG A . n 
A 1 34  GLU 34  33  33  GLU GLU A . n 
A 1 35  SER 35  34  34  SER SER A . n 
A 1 36  GLU 36  35  35  GLU GLU A . n 
A 1 37  THR 37  36  36  THR THR A . n 
A 1 38  THR 38  37  37  THR THR A . n 
A 1 39  LYS 39  38  38  LYS LYS A . n 
A 1 40  GLY 40  39  39  GLY GLY A . n 
A 1 41  ALA 41  40  40  ALA ALA A . n 
A 1 42  TYR 42  41  41  TYR TYR A . n 
A 1 43  CYS 43  42  42  CYS CYS A . n 
A 1 44  LEU 44  43  43  LEU LEU A . n 
A 1 45  SER 45  44  44  SER SER A . n 
A 1 46  VAL 46  45  45  VAL VAL A . n 
A 1 47  SER 47  46  46  SER SER A . n 
A 1 48  ASP 48  47  47  ASP ASP A . n 
A 1 49  PHE 49  48  48  PHE PHE A . n 
A 1 50  ASP 50  49  49  ASP ASP A . n 
A 1 51  ASN 51  50  50  ASN ASN A . n 
A 1 52  ALA 52  51  51  ALA ALA A . n 
A 1 53  LYS 53  52  52  LYS LYS A . n 
A 1 54  GLY 54  53  53  GLY GLY A . n 
A 1 55  LEU 55  54  54  LEU LEU A . n 
A 1 56  ASN 56  55  55  ASN ASN A . n 
A 1 57  VAL 57  56  56  VAL VAL A . n 
A 1 58  LYS 58  57  57  LYS LYS A . n 
A 1 59  HIS 59  58  58  HIS HIS A . n 
A 1 60  TYR 60  59  59  TYR TYR A . n 
A 1 61  LYS 61  60  60  LYS LYS A . n 
A 1 62  ILE 62  61  61  ILE ILE A . n 
A 1 63  ARG 63  62  62  ARG ARG A . n 
A 1 64  LYS 64  63  63  LYS LYS A . n 
A 1 65  LEU 65  64  64  LEU LEU A . n 
A 1 66  ASP 66  65  65  ASP ASP A . n 
A 1 67  SER 67  66  66  SER SER A . n 
A 1 68  GLY 68  67  67  GLY GLY A . n 
A 1 69  GLY 69  68  68  GLY GLY A . n 
A 1 70  PHE 70  69  69  PHE PHE A . n 
A 1 71  TYR 71  70  70  TYR TYR A . n 
A 1 72  ILE 72  71  71  ILE ILE A . n 
A 1 73  THR 73  72  72  THR THR A . n 
A 1 74  SER 74  73  73  SER SER A . n 
A 1 75  ARG 75  74  74  ARG ARG A . n 
A 1 76  THR 76  75  75  THR THR A . n 
A 1 77  GLN 77  76  76  GLN GLN A . n 
A 1 78  PHE 78  77  77  PHE PHE A . n 
A 1 79  SER 79  78  78  SER SER A . n 
A 1 80  SER 80  79  79  SER SER A . n 
A 1 81  LEU 81  80  80  LEU LEU A . n 
A 1 82  GLN 82  81  81  GLN GLN A . n 
A 1 83  GLN 83  82  82  GLN GLN A . n 
A 1 84  LEU 84  83  83  LEU LEU A . n 
A 1 85  VAL 85  84  84  VAL VAL A . n 
A 1 86  ALA 86  85  85  ALA ALA A . n 
A 1 87  TYR 87  86  86  TYR TYR A . n 
A 1 88  TYR 88  87  87  TYR TYR A . n 
A 1 89  SER 89  88  88  SER SER A . n 
A 1 90  LYS 90  89  89  LYS LYS A . n 
A 1 91  HIS 91  90  90  HIS HIS A . n 
A 1 92  ALA 92  91  91  ALA ALA A . n 
A 1 93  ASP 93  92  92  ASP ASP A . n 
A 1 94  GLY 94  93  93  GLY GLY A . n 
A 1 95  LEU 95  94  94  LEU LEU A . n 
A 1 96  CYS 96  95  95  CYS CYS A . n 
A 1 97  HIS 97  96  96  HIS HIS A . n 
A 1 98  ARG 98  97  97  ARG ARG A . n 
A 1 99  LEU 99  98  98  LEU LEU A . n 
A 1 100 THR 100 99  99  THR THR A . n 
A 1 101 ASN 101 100 100 ASN ASN A . n 
A 1 102 VAL 102 101 101 VAL VAL A . n 
A 1 103 CYS 103 102 102 CYS CYS A . n 
A 1 104 PRO 104 103 103 PRO PRO A . n 
A 1 105 THR 105 104 104 THR THR A . n 
A 1 106 SER 106 105 ?   ?   ?   A . n 
A 1 107 LYS 107 106 ?   ?   ?   A . n 
A 1 108 GLU 108 107 ?   ?   ?   A . n 
A 1 109 PHE 109 108 ?   ?   ?   A . n 
A 1 110 ILE 110 109 ?   ?   ?   A . n 
A 1 111 VAL 111 110 ?   ?   ?   A . n 
A 1 112 THR 112 111 ?   ?   ?   A . n 
A 1 113 ASP 113 112 ?   ?   ?   A . n 
# 
loop_
_pdbx_nonpoly_scheme.asym_id 
_pdbx_nonpoly_scheme.entity_id 
_pdbx_nonpoly_scheme.mon_id 
_pdbx_nonpoly_scheme.ndb_seq_num 
_pdbx_nonpoly_scheme.pdb_seq_num 
_pdbx_nonpoly_scheme.auth_seq_num 
_pdbx_nonpoly_scheme.pdb_mon_id 
_pdbx_nonpoly_scheme.auth_mon_id 
_pdbx_nonpoly_scheme.pdb_strand_id 
_pdbx_nonpoly_scheme.pdb_ins_code 
B 2 UR2 1  113 1   UR2 UR2 A . 
C 3 HOH 1  114 1   HOH HOH A . 
C 3 HOH 2  115 2   HOH HOH A . 
C 3 HOH 3  116 3   HOH HOH A . 
C 3 HOH 4  117 4   HOH HOH A . 
C 3 HOH 5  118 5   HOH HOH A . 
C 3 HOH 6  119 7   HOH HOH A . 
C 3 HOH 7  120 9   HOH HOH A . 
C 3 HOH 8  121 10  HOH HOH A . 
C 3 HOH 9  122 11  HOH HOH A . 
C 3 HOH 10 123 12  HOH HOH A . 
C 3 HOH 11 124 13  HOH HOH A . 
C 3 HOH 12 125 16  HOH HOH A . 
C 3 HOH 13 126 19  HOH HOH A . 
C 3 HOH 14 127 21  HOH HOH A . 
C 3 HOH 15 128 22  HOH HOH A . 
C 3 HOH 16 129 23  HOH HOH A . 
C 3 HOH 17 130 24  HOH HOH A . 
C 3 HOH 18 131 25  HOH HOH A . 
C 3 HOH 19 132 26  HOH HOH A . 
C 3 HOH 20 133 27  HOH HOH A . 
C 3 HOH 21 134 28  HOH HOH A . 
C 3 HOH 22 135 30  HOH HOH A . 
C 3 HOH 23 136 31  HOH HOH A . 
C 3 HOH 24 137 32  HOH HOH A . 
C 3 HOH 25 138 33  HOH HOH A . 
C 3 HOH 26 139 36  HOH HOH A . 
C 3 HOH 27 140 37  HOH HOH A . 
C 3 HOH 28 141 38  HOH HOH A . 
C 3 HOH 29 142 39  HOH HOH A . 
C 3 HOH 30 143 40  HOH HOH A . 
C 3 HOH 31 144 41  HOH HOH A . 
C 3 HOH 32 145 42  HOH HOH A . 
C 3 HOH 33 146 44  HOH HOH A . 
C 3 HOH 34 147 45  HOH HOH A . 
C 3 HOH 35 148 48  HOH HOH A . 
C 3 HOH 36 149 49  HOH HOH A . 
C 3 HOH 37 150 51  HOH HOH A . 
C 3 HOH 38 151 52  HOH HOH A . 
C 3 HOH 39 152 53  HOH HOH A . 
C 3 HOH 40 153 55  HOH HOH A . 
C 3 HOH 41 154 60  HOH HOH A . 
C 3 HOH 42 155 63  HOH HOH A . 
C 3 HOH 43 156 65  HOH HOH A . 
C 3 HOH 44 157 67  HOH HOH A . 
C 3 HOH 45 158 68  HOH HOH A . 
C 3 HOH 46 159 69  HOH HOH A . 
C 3 HOH 47 160 71  HOH HOH A . 
C 3 HOH 48 161 74  HOH HOH A . 
C 3 HOH 49 162 77  HOH HOH A . 
C 3 HOH 50 163 80  HOH HOH A . 
C 3 HOH 51 164 85  HOH HOH A . 
C 3 HOH 52 165 88  HOH HOH A . 
C 3 HOH 53 166 89  HOH HOH A . 
C 3 HOH 54 167 93  HOH HOH A . 
C 3 HOH 55 168 94  HOH HOH A . 
C 3 HOH 56 169 96  HOH HOH A . 
C 3 HOH 57 170 97  HOH HOH A . 
C 3 HOH 58 171 98  HOH HOH A . 
C 3 HOH 59 172 106 HOH HOH A . 
C 3 HOH 60 173 116 HOH HOH A . 
C 3 HOH 61 174 117 HOH HOH A . 
# 
loop_
_pdbx_unobs_or_zero_occ_atoms.id 
_pdbx_unobs_or_zero_occ_atoms.PDB_model_num 
_pdbx_unobs_or_zero_occ_atoms.polymer_flag 
_pdbx_unobs_or_zero_occ_atoms.occupancy_flag 
_pdbx_unobs_or_zero_occ_atoms.auth_asym_id 
_pdbx_unobs_or_zero_occ_atoms.auth_comp_id 
_pdbx_unobs_or_zero_occ_atoms.auth_seq_id 
_pdbx_unobs_or_zero_occ_atoms.PDB_ins_code 
_pdbx_unobs_or_zero_occ_atoms.auth_atom_id 
_pdbx_unobs_or_zero_occ_atoms.label_alt_id 
_pdbx_unobs_or_zero_occ_atoms.label_asym_id 
_pdbx_unobs_or_zero_occ_atoms.label_comp_id 
_pdbx_unobs_or_zero_occ_atoms.label_seq_id 
_pdbx_unobs_or_zero_occ_atoms.label_atom_id 
1 1 Y 1 A GLU 3 ? CB  ? A GLU 4 CB  
2 1 Y 1 A GLU 3 ? CG  ? A GLU 4 CG  
3 1 Y 1 A GLU 3 ? CD  ? A GLU 4 CD  
4 1 Y 1 A GLU 3 ? OE1 ? A GLU 4 OE1 
5 1 Y 1 A GLU 3 ? OE2 ? A GLU 4 OE2 
6 1 Y 1 A GLU 4 ? CG  ? A GLU 5 CG  
7 1 Y 1 A GLU 4 ? CD  ? A GLU 5 CD  
8 1 Y 1 A GLU 4 ? OE1 ? A GLU 5 OE1 
9 1 Y 1 A GLU 4 ? OE2 ? A GLU 5 OE2 
# 
loop_
_software.name 
_software.classification 
_software.version 
_software.citation_id 
_software.pdbx_ordinal 
X-PLOR 'model building' 3.1 ? 1 
X-PLOR refinement       3.1 ? 2 
XDS    'data reduction' .   ? 3 
XDS    'data scaling'   .   ? 4 
X-PLOR phasing          3.1 ? 5 
# 
_cell.entry_id           1SKJ 
_cell.length_a           74.400 
_cell.length_b           74.400 
_cell.length_c           38.800 
_cell.angle_alpha        90.00 
_cell.angle_beta         90.00 
_cell.angle_gamma        120.00 
_cell.Z_PDB              6 
_cell.pdbx_unique_axis   ? 
# 
_symmetry.entry_id                         1SKJ 
_symmetry.space_group_name_H-M             'P 61' 
_symmetry.pdbx_full_space_group_name_H-M   ? 
_symmetry.cell_setting                     ? 
_symmetry.Int_Tables_number                169 
# 
_exptl.entry_id          1SKJ 
_exptl.method            'X-RAY DIFFRACTION' 
_exptl.crystals_number   1 
# 
_exptl_crystal.id                    1 
_exptl_crystal.density_meas          ? 
_exptl_crystal.density_Matthews      2.5 
_exptl_crystal.density_percent_sol   48.77 
_exptl_crystal.description           'WAKSMAN AND KURIYAN SRC SH2 STRUCTURE' 
# 
_exptl_crystal_grow.crystal_id      1 
_exptl_crystal_grow.method          'VAPOR DIFFUSION, HANGING DROP' 
_exptl_crystal_grow.temp            ? 
_exptl_crystal_grow.temp_details    ? 
_exptl_crystal_grow.pH              6.0 
_exptl_crystal_grow.pdbx_pH_range   ? 
_exptl_crystal_grow.pdbx_details    
;20% PEG 6K, 0.1M ODIUM CACODYLATE PH 6, HANGING DROP EXPERIMENT, PROTEIN 29 MG/ ML, INHIBITOR 4 MG/ML, 4:4:2 RATIO (WELL:PROT:INHIB), pH 6.0, vapor diffusion - hanging drop
;
# 
_diffrn.id                     1 
_diffrn.ambient_temp           293 
_diffrn.ambient_temp_details   ? 
_diffrn.crystal_id             1 
# 
_diffrn_detector.diffrn_id              1 
_diffrn_detector.detector               'IMAGE PLATE' 
_diffrn_detector.type                   MARRESEARCH 
_diffrn_detector.pdbx_collection_date   1994-07 
_diffrn_detector.details                ? 
# 
_diffrn_radiation.diffrn_id                        1 
_diffrn_radiation.wavelength_id                    1 
_diffrn_radiation.pdbx_monochromatic_or_laue_m_l   M 
_diffrn_radiation.monochromator                    'CU FILTER' 
_diffrn_radiation.pdbx_diffrn_protocol             ? 
_diffrn_radiation.pdbx_scattering_type             x-ray 
# 
_diffrn_radiation_wavelength.id           1 
_diffrn_radiation_wavelength.wavelength   1.5418 
_diffrn_radiation_wavelength.wt           1.0 
# 
_diffrn_source.diffrn_id                   1 
_diffrn_source.source                      'ROTATING ANODE' 
_diffrn_source.type                        RIGAKU 
_diffrn_source.pdbx_synchrotron_site       ? 
_diffrn_source.pdbx_synchrotron_beamline   ? 
_diffrn_source.pdbx_wavelength             1.5418 
_diffrn_source.pdbx_wavelength_list        ? 
# 
_reflns.entry_id                     1SKJ 
_reflns.observed_criterion_sigma_I   2. 
_reflns.observed_criterion_sigma_F   ? 
_reflns.d_resolution_low             25. 
_reflns.d_resolution_high            2.4 
_reflns.number_obs                   4694 
_reflns.number_all                   ? 
_reflns.percent_possible_obs         95.48 
_reflns.pdbx_Rmerge_I_obs            0.1090000 
_reflns.pdbx_Rsym_value              ? 
_reflns.pdbx_netI_over_sigmaI        18.9 
_reflns.B_iso_Wilson_estimate        25.5 
_reflns.pdbx_redundancy              3.7 
_reflns.pdbx_diffrn_id               1 
_reflns.pdbx_ordinal                 1 
# 
_reflns_shell.d_res_high             2.4 
_reflns_shell.d_res_low              2.5 
_reflns_shell.percent_possible_all   96.9 
_reflns_shell.Rmerge_I_obs           0.2760000 
_reflns_shell.pdbx_Rsym_value        ? 
_reflns_shell.meanI_over_sigI_obs    7. 
_reflns_shell.pdbx_redundancy        3.5 
_reflns_shell.pdbx_diffrn_id         ? 
_reflns_shell.pdbx_ordinal           1 
# 
_refine.entry_id                                 1SKJ 
_refine.ls_number_reflns_obs                     4253 
_refine.ls_number_reflns_all                     ? 
_refine.pdbx_ls_sigma_I                          ? 
_refine.pdbx_ls_sigma_F                          2.4 
_refine.pdbx_data_cutoff_high_absF               ? 
_refine.pdbx_data_cutoff_low_absF                ? 
_refine.pdbx_data_cutoff_high_rms_absF           ? 
_refine.ls_d_res_low                             8. 
_refine.ls_d_res_high                            2.0 
_refine.ls_percent_reflns_obs                    89. 
_refine.ls_R_factor_obs                          0.2000000 
_refine.ls_R_factor_all                          ? 
_refine.ls_R_factor_R_work                       0.2000000 
_refine.ls_R_factor_R_free                       0.2750000 
_refine.ls_R_factor_R_free_error                 ? 
_refine.ls_R_factor_R_free_error_details         ? 
_refine.ls_percent_reflns_R_free                 10. 
_refine.ls_number_reflns_R_free                  438 
_refine.ls_number_parameters                     ? 
_refine.ls_number_restraints                     ? 
_refine.occupancy_min                            ? 
_refine.occupancy_max                            ? 
_refine.B_iso_mean                               17. 
_refine.aniso_B[1][1]                            ? 
_refine.aniso_B[2][2]                            ? 
_refine.aniso_B[3][3]                            ? 
_refine.aniso_B[1][2]                            ? 
_refine.aniso_B[1][3]                            ? 
_refine.aniso_B[2][3]                            ? 
_refine.solvent_model_details                    ? 
_refine.solvent_model_param_ksol                 ? 
_refine.solvent_model_param_bsol                 ? 
_refine.pdbx_ls_cross_valid_method               R-FREE 
_refine.details                                  ? 
_refine.pdbx_starting_model                      'PROTEIN MODEL FROM 1SPS' 
_refine.pdbx_method_to_determine_struct          'MOLECULAR REPLACEMENT' 
_refine.pdbx_isotropic_thermal_model             ? 
_refine.pdbx_stereochemistry_target_values       ? 
_refine.pdbx_stereochem_target_val_spec_case     ? 
_refine.pdbx_R_Free_selection_details            RANDOM 
_refine.pdbx_overall_ESU_R                       ? 
_refine.pdbx_overall_ESU_R_Free                  ? 
_refine.overall_SU_ML                            ? 
_refine.overall_SU_B                             ? 
_refine.pdbx_refine_id                           'X-RAY DIFFRACTION' 
_refine.pdbx_diffrn_id                           1 
_refine.pdbx_TLS_residual_ADP_flag               ? 
_refine.correlation_coeff_Fo_to_Fc               ? 
_refine.correlation_coeff_Fo_to_Fc_free          ? 
_refine.pdbx_solvent_vdw_probe_radii             ? 
_refine.pdbx_solvent_ion_probe_radii             ? 
_refine.pdbx_solvent_shrinkage_radii             ? 
_refine.pdbx_overall_phase_error                 ? 
_refine.overall_SU_R_Cruickshank_DPI             ? 
_refine.pdbx_overall_SU_R_free_Cruickshank_DPI   ? 
_refine.pdbx_overall_SU_R_Blow_DPI               ? 
_refine.pdbx_overall_SU_R_free_Blow_DPI          ? 
# 
_refine_hist.pdbx_refine_id                   'X-RAY DIFFRACTION' 
_refine_hist.cycle_id                         LAST 
_refine_hist.pdbx_number_atoms_protein        820 
_refine_hist.pdbx_number_atoms_nucleic_acid   0 
_refine_hist.pdbx_number_atoms_ligand         0 
_refine_hist.number_atoms_solvent             61 
_refine_hist.number_atoms_total               881 
_refine_hist.d_res_high                       2.0 
_refine_hist.d_res_low                        8. 
# 
loop_
_refine_ls_restr.type 
_refine_ls_restr.dev_ideal 
_refine_ls_restr.dev_ideal_target 
_refine_ls_restr.weight 
_refine_ls_restr.number 
_refine_ls_restr.pdbx_refine_id 
_refine_ls_restr.pdbx_restraint_function 
x_bond_d                0.014 ? ? ? 'X-RAY DIFFRACTION' ? 
x_bond_d_na             ?     ? ? ? 'X-RAY DIFFRACTION' ? 
x_bond_d_prot           ?     ? ? ? 'X-RAY DIFFRACTION' ? 
x_angle_d               ?     ? ? ? 'X-RAY DIFFRACTION' ? 
x_angle_d_na            ?     ? ? ? 'X-RAY DIFFRACTION' ? 
x_angle_d_prot          ?     ? ? ? 'X-RAY DIFFRACTION' ? 
x_angle_deg             2.9   ? ? ? 'X-RAY DIFFRACTION' ? 
x_angle_deg_na          ?     ? ? ? 'X-RAY DIFFRACTION' ? 
x_angle_deg_prot        ?     ? ? ? 'X-RAY DIFFRACTION' ? 
x_dihedral_angle_d      28.6  ? ? ? 'X-RAY DIFFRACTION' ? 
x_dihedral_angle_d_na   ?     ? ? ? 'X-RAY DIFFRACTION' ? 
x_dihedral_angle_d_prot ?     ? ? ? 'X-RAY DIFFRACTION' ? 
x_improper_angle_d      2.7   ? ? ? 'X-RAY DIFFRACTION' ? 
x_improper_angle_d_na   ?     ? ? ? 'X-RAY DIFFRACTION' ? 
x_improper_angle_d_prot ?     ? ? ? 'X-RAY DIFFRACTION' ? 
x_mcbond_it             ?     ? ? ? 'X-RAY DIFFRACTION' ? 
x_mcangle_it            ?     ? ? ? 'X-RAY DIFFRACTION' ? 
x_scbond_it             ?     ? ? ? 'X-RAY DIFFRACTION' ? 
x_scangle_it            ?     ? ? ? 'X-RAY DIFFRACTION' ? 
# 
_refine_ls_shell.pdbx_total_number_of_bins_used   8 
_refine_ls_shell.d_res_high                       2.40 
_refine_ls_shell.d_res_low                        2.51 
_refine_ls_shell.number_reflns_R_work             445 
_refine_ls_shell.R_factor_R_work                  0.2400000 
_refine_ls_shell.percent_reflns_obs               85. 
_refine_ls_shell.R_factor_R_free                  0.2800000 
_refine_ls_shell.R_factor_R_free_error            ? 
_refine_ls_shell.percent_reflns_R_free            10. 
_refine_ls_shell.number_reflns_R_free             53 
_refine_ls_shell.pdbx_refine_id                   'X-RAY DIFFRACTION' 
_refine_ls_shell.number_reflns_all                ? 
_refine_ls_shell.R_factor_all                     ? 
# 
_struct.entry_id                  1SKJ 
_struct.title                     'COCRYSTAL STRUCTURE OF UREA-SUBSTITUTED PHOSPHOPEPTIDE COMPLEX' 
_struct.pdbx_model_details        ? 
_struct.pdbx_CASP_flag            ? 
_struct.pdbx_model_type_details   ? 
# 
_struct_keywords.entry_id        1SKJ 
_struct_keywords.pdbx_keywords   'TYROSINE-PROTEIN KINASE' 
_struct_keywords.text            
'TYROSINE-PROTEIN KINASE, V-SRC SH2 DOMAIN, PHOSPHOTYROSINE RECOGNITION DOMAIN, PP60 SRC SH2 DOMAIN, PEPTIDOMIMETIC, UREIDO' 
# 
loop_
_struct_asym.id 
_struct_asym.pdbx_blank_PDB_chainid_flag 
_struct_asym.pdbx_modified 
_struct_asym.entity_id 
_struct_asym.details 
A N N 1 ? 
B N N 2 ? 
C N N 3 ? 
# 
_struct_ref.id                         1 
_struct_ref.db_name                    UNP 
_struct_ref.db_code                    SRC_RSVSA 
_struct_ref.entity_id                  1 
_struct_ref.pdbx_db_accession          P00524 
_struct_ref.pdbx_align_begin           1 
_struct_ref.pdbx_seq_one_letter_code   
;MGSSKSKPKGPSQRRRSLEPPDSTHHGGFPASQTPNKTAAPDTHRTPSRSFGTVATEPKLFGDFNTSDTVTSPQRAGALA
GGVTTFVALYDYESWIETDLSFKKGERLQIVNNTEGNWWLAHSVTTGQTGYIPSNYVAPSDSIQAEEWYFGKITRRESER
LLLNPENPRGTFLVRESETTKGAYCLSVSDFDNAKGLNVKHYKIRKLDSGGFYITSRTQFSSLQQLVAYYSKHADGLCHR
LTNVCPTSKPQTQGLAKDAWEIPRESLRLEVKLGQGCFGEVWMGTWNGTTRVAIKTLKPGTMSPEAFLQEAQVMKKLRHK
KLVQLYAVVSEEPIYIVIEYMSKGSLLDFLKGEMGKYLRLPQLVDMAAQIASGMAYVERMNYVHRDLRAANILVGENLVC
KVADFGLARLIEDNEYTARQGAKFPIKWTAPEAALYGRFTIKSDVWSFGILLTELTTKGRVPYPGMGNGEVLDRVERGYR
MPCPPECPESLHDLMSQCWRRDPEERPTFEYLQAQLLPACVLEVAE
;
_struct_ref.pdbx_db_isoform            ? 
# 
_struct_ref_seq.align_id                      1 
_struct_ref_seq.ref_id                        1 
_struct_ref_seq.pdbx_PDB_id_code              1SKJ 
_struct_ref_seq.pdbx_strand_id                A 
_struct_ref_seq.seq_align_beg                 2 
_struct_ref_seq.pdbx_seq_align_beg_ins_code   ? 
_struct_ref_seq.seq_align_end                 112 
_struct_ref_seq.pdbx_seq_align_end_ins_code   ? 
_struct_ref_seq.pdbx_db_accession             P00524 
_struct_ref_seq.db_align_beg                  142 
_struct_ref_seq.pdbx_db_align_beg_ins_code    ? 
_struct_ref_seq.db_align_end                  252 
_struct_ref_seq.pdbx_db_align_end_ins_code    ? 
_struct_ref_seq.pdbx_auth_seq_align_beg       1 
_struct_ref_seq.pdbx_auth_seq_align_end       111 
# 
loop_
_struct_ref_seq_dif.align_id 
_struct_ref_seq_dif.pdbx_pdb_id_code 
_struct_ref_seq_dif.mon_id 
_struct_ref_seq_dif.pdbx_pdb_strand_id 
_struct_ref_seq_dif.seq_num 
_struct_ref_seq_dif.pdbx_pdb_ins_code 
_struct_ref_seq_dif.pdbx_seq_db_name 
_struct_ref_seq_dif.pdbx_seq_db_accession_code 
_struct_ref_seq_dif.db_mon_id 
_struct_ref_seq_dif.pdbx_seq_db_seq_num 
_struct_ref_seq_dif.details 
_struct_ref_seq_dif.pdbx_auth_seq_num 
_struct_ref_seq_dif.pdbx_ordinal 
1 1SKJ ?   A ?   ? UNP P00524 ILE 143 deletion  ?   1 
1 1SKJ ?   A ?   ? UNP P00524 GLN 144 deletion  ?   2 
1 1SKJ GLU A 108 ? UNP P00524 ?   ?   insertion 107 3 
1 1SKJ PHE A 109 ? UNP P00524 ?   ?   insertion 108 4 
1 1SKJ ILE A 110 ? UNP P00524 PRO 250 conflict  109 5 
1 1SKJ VAL A 111 ? UNP P00524 GLN 251 conflict  110 6 
# 
_pdbx_struct_assembly.id                   1 
_pdbx_struct_assembly.details              author_defined_assembly 
_pdbx_struct_assembly.method_details       ? 
_pdbx_struct_assembly.oligomeric_details   monomeric 
_pdbx_struct_assembly.oligomeric_count     1 
# 
_pdbx_struct_assembly_gen.assembly_id       1 
_pdbx_struct_assembly_gen.oper_expression   1 
_pdbx_struct_assembly_gen.asym_id_list      A,B,C 
# 
_pdbx_struct_oper_list.id                   1 
_pdbx_struct_oper_list.type                 'identity operation' 
_pdbx_struct_oper_list.name                 1_555 
_pdbx_struct_oper_list.symmetry_operation   x,y,z 
_pdbx_struct_oper_list.matrix[1][1]         1.0000000000 
_pdbx_struct_oper_list.matrix[1][2]         0.0000000000 
_pdbx_struct_oper_list.matrix[1][3]         0.0000000000 
_pdbx_struct_oper_list.vector[1]            0.0000000000 
_pdbx_struct_oper_list.matrix[2][1]         0.0000000000 
_pdbx_struct_oper_list.matrix[2][2]         1.0000000000 
_pdbx_struct_oper_list.matrix[2][3]         0.0000000000 
_pdbx_struct_oper_list.vector[2]            0.0000000000 
_pdbx_struct_oper_list.matrix[3][1]         0.0000000000 
_pdbx_struct_oper_list.matrix[3][2]         0.0000000000 
_pdbx_struct_oper_list.matrix[3][3]         1.0000000000 
_pdbx_struct_oper_list.vector[3]            0.0000000000 
# 
_struct_biol.id   1 
# 
loop_
_struct_conf.conf_type_id 
_struct_conf.id 
_struct_conf.pdbx_PDB_helix_id 
_struct_conf.beg_label_comp_id 
_struct_conf.beg_label_asym_id 
_struct_conf.beg_label_seq_id 
_struct_conf.pdbx_beg_PDB_ins_code 
_struct_conf.end_label_comp_id 
_struct_conf.end_label_asym_id 
_struct_conf.end_label_seq_id 
_struct_conf.pdbx_end_PDB_ins_code 
_struct_conf.beg_auth_comp_id 
_struct_conf.beg_auth_asym_id 
_struct_conf.beg_auth_seq_id 
_struct_conf.end_auth_comp_id 
_struct_conf.end_auth_asym_id 
_struct_conf.end_auth_seq_id 
_struct_conf.pdbx_PDB_helix_class 
_struct_conf.details 
_struct_conf.pdbx_PDB_helix_length 
HELX_P HELX_P1 1 ARG A 13 ? LEU A 20 ? ARG A 12 LEU A 19 1 ? 8 
HELX_P HELX_P2 2 LEU A 81 ? TYR A 88 ? LEU A 80 TYR A 87 1 ? 8 
# 
_struct_conf_type.id          HELX_P 
_struct_conf_type.criteria    ? 
_struct_conf_type.reference   ? 
# 
_struct_sheet.id               A 
_struct_sheet.type             ? 
_struct_sheet.number_strands   3 
_struct_sheet.details          ? 
# 
loop_
_struct_sheet_order.sheet_id 
_struct_sheet_order.range_id_1 
_struct_sheet_order.range_id_2 
_struct_sheet_order.offset 
_struct_sheet_order.sense 
A 1 2 ? anti-parallel 
A 2 3 ? anti-parallel 
# 
loop_
_struct_sheet_range.sheet_id 
_struct_sheet_range.id 
_struct_sheet_range.beg_label_comp_id 
_struct_sheet_range.beg_label_asym_id 
_struct_sheet_range.beg_label_seq_id 
_struct_sheet_range.pdbx_beg_PDB_ins_code 
_struct_sheet_range.end_label_comp_id 
_struct_sheet_range.end_label_asym_id 
_struct_sheet_range.end_label_seq_id 
_struct_sheet_range.pdbx_end_PDB_ins_code 
_struct_sheet_range.beg_auth_comp_id 
_struct_sheet_range.beg_auth_asym_id 
_struct_sheet_range.beg_auth_seq_id 
_struct_sheet_range.end_auth_comp_id 
_struct_sheet_range.end_auth_asym_id 
_struct_sheet_range.end_auth_seq_id 
A 1 PHE A 30 ? GLU A 34 ? PHE A 29 GLU A 33 
A 2 TYR A 42 ? ASP A 50 ? TYR A 41 ASP A 49 
A 3 GLY A 54 ? ILE A 62 ? GLY A 53 ILE A 61 
# 
loop_
_pdbx_struct_sheet_hbond.sheet_id 
_pdbx_struct_sheet_hbond.range_id_1 
_pdbx_struct_sheet_hbond.range_id_2 
_pdbx_struct_sheet_hbond.range_1_label_atom_id 
_pdbx_struct_sheet_hbond.range_1_label_comp_id 
_pdbx_struct_sheet_hbond.range_1_label_asym_id 
_pdbx_struct_sheet_hbond.range_1_label_seq_id 
_pdbx_struct_sheet_hbond.range_1_PDB_ins_code 
_pdbx_struct_sheet_hbond.range_1_auth_atom_id 
_pdbx_struct_sheet_hbond.range_1_auth_comp_id 
_pdbx_struct_sheet_hbond.range_1_auth_asym_id 
_pdbx_struct_sheet_hbond.range_1_auth_seq_id 
_pdbx_struct_sheet_hbond.range_2_label_atom_id 
_pdbx_struct_sheet_hbond.range_2_label_comp_id 
_pdbx_struct_sheet_hbond.range_2_label_asym_id 
_pdbx_struct_sheet_hbond.range_2_label_seq_id 
_pdbx_struct_sheet_hbond.range_2_PDB_ins_code 
_pdbx_struct_sheet_hbond.range_2_auth_atom_id 
_pdbx_struct_sheet_hbond.range_2_auth_comp_id 
_pdbx_struct_sheet_hbond.range_2_auth_asym_id 
_pdbx_struct_sheet_hbond.range_2_auth_seq_id 
A 1 2 O LEU A 31 ? O LEU A 30 N SER A 45 ? N SER A 44 
A 2 3 O TYR A 42 ? O TYR A 41 N ILE A 62 ? N ILE A 61 
# 
_struct_site.id                   AC1 
_struct_site.pdbx_evidence_code   Software 
_struct_site.pdbx_auth_asym_id    A 
_struct_site.pdbx_auth_comp_id    UR2 
_struct_site.pdbx_auth_seq_id     113 
_struct_site.pdbx_auth_ins_code   ? 
_struct_site.pdbx_num_residues    16 
_struct_site.details              'BINDING SITE FOR RESIDUE UR2 A 113' 
# 
loop_
_struct_site_gen.id 
_struct_site_gen.site_id 
_struct_site_gen.pdbx_num_res 
_struct_site_gen.label_comp_id 
_struct_site_gen.label_asym_id 
_struct_site_gen.label_seq_id 
_struct_site_gen.pdbx_auth_ins_code 
_struct_site_gen.auth_comp_id 
_struct_site_gen.auth_asym_id 
_struct_site_gen.auth_seq_id 
_struct_site_gen.label_atom_id 
_struct_site_gen.label_alt_id 
_struct_site_gen.symmetry 
_struct_site_gen.details 
1  AC1 16 PRO A 23 ? PRO A 22  . ? 4_674 ? 
2  AC1 16 ARG A 27 ? ARG A 26  . ? 4_674 ? 
3  AC1 16 ARG A 33 ? ARG A 32  . ? 1_555 ? 
4  AC1 16 SER A 35 ? SER A 34  . ? 1_555 ? 
5  AC1 16 GLU A 36 ? GLU A 35  . ? 1_555 ? 
6  AC1 16 THR A 37 ? THR A 36  . ? 1_555 ? 
7  AC1 16 CYS A 43 ? CYS A 42  . ? 1_555 ? 
8  AC1 16 HIS A 59 ? HIS A 58  . ? 1_555 ? 
9  AC1 16 TYR A 60 ? TYR A 59  . ? 1_555 ? 
10 AC1 16 LYS A 61 ? LYS A 60  . ? 1_555 ? 
11 AC1 16 ILE A 72 ? ILE A 71  . ? 1_555 ? 
12 AC1 16 ASP A 93 ? ASP A 92  . ? 1_555 ? 
13 AC1 16 GLY A 94 ? GLY A 93  . ? 1_555 ? 
14 AC1 16 HIS A 97 ? HIS A 96  . ? 4_674 ? 
15 AC1 16 HOH C .  ? HOH A 133 . ? 4_674 ? 
16 AC1 16 HOH C .  ? HOH A 153 . ? 1_555 ? 
# 
_pdbx_validate_rmsd_angle.id                         1 
_pdbx_validate_rmsd_angle.PDB_model_num              1 
_pdbx_validate_rmsd_angle.auth_atom_id_1             CA 
_pdbx_validate_rmsd_angle.auth_asym_id_1             A 
_pdbx_validate_rmsd_angle.auth_comp_id_1             LEU 
_pdbx_validate_rmsd_angle.auth_seq_id_1              30 
_pdbx_validate_rmsd_angle.PDB_ins_code_1             ? 
_pdbx_validate_rmsd_angle.label_alt_id_1             ? 
_pdbx_validate_rmsd_angle.auth_atom_id_2             CB 
_pdbx_validate_rmsd_angle.auth_asym_id_2             A 
_pdbx_validate_rmsd_angle.auth_comp_id_2             LEU 
_pdbx_validate_rmsd_angle.auth_seq_id_2              30 
_pdbx_validate_rmsd_angle.PDB_ins_code_2             ? 
_pdbx_validate_rmsd_angle.label_alt_id_2             ? 
_pdbx_validate_rmsd_angle.auth_atom_id_3             CG 
_pdbx_validate_rmsd_angle.auth_asym_id_3             A 
_pdbx_validate_rmsd_angle.auth_comp_id_3             LEU 
_pdbx_validate_rmsd_angle.auth_seq_id_3              30 
_pdbx_validate_rmsd_angle.PDB_ins_code_3             ? 
_pdbx_validate_rmsd_angle.label_alt_id_3             ? 
_pdbx_validate_rmsd_angle.angle_value                129.49 
_pdbx_validate_rmsd_angle.angle_target_value         115.30 
_pdbx_validate_rmsd_angle.angle_deviation            14.19 
_pdbx_validate_rmsd_angle.angle_standard_deviation   2.30 
_pdbx_validate_rmsd_angle.linker_flag                N 
# 
loop_
_pdbx_validate_torsion.id 
_pdbx_validate_torsion.PDB_model_num 
_pdbx_validate_torsion.auth_comp_id 
_pdbx_validate_torsion.auth_asym_id 
_pdbx_validate_torsion.auth_seq_id 
_pdbx_validate_torsion.PDB_ins_code 
_pdbx_validate_torsion.label_alt_id 
_pdbx_validate_torsion.phi 
_pdbx_validate_torsion.psi 
1 1 GLU A 4  ? ? -34.37  -30.75 
2 1 SER A 66 ? ? -95.70  39.39  
3 1 THR A 99 ? ? -117.09 -88.43 
# 
_pdbx_validate_chiral.id              1 
_pdbx_validate_chiral.PDB_model_num   1 
_pdbx_validate_chiral.auth_atom_id    CA 
_pdbx_validate_chiral.label_alt_id    ? 
_pdbx_validate_chiral.auth_asym_id    A 
_pdbx_validate_chiral.auth_comp_id    THR 
_pdbx_validate_chiral.auth_seq_id     104 
_pdbx_validate_chiral.PDB_ins_code    ? 
_pdbx_validate_chiral.details         'WRONG HAND' 
_pdbx_validate_chiral.omega           . 
# 
_pdbx_validate_planes.id              1 
_pdbx_validate_planes.PDB_model_num   1 
_pdbx_validate_planes.auth_comp_id    TYR 
_pdbx_validate_planes.auth_asym_id    A 
_pdbx_validate_planes.auth_seq_id     41 
_pdbx_validate_planes.PDB_ins_code    ? 
_pdbx_validate_planes.label_alt_id    ? 
_pdbx_validate_planes.rmsd            0.070 
_pdbx_validate_planes.type            'SIDE CHAIN' 
# 
_pdbx_entry_details.entry_id                 1SKJ 
_pdbx_entry_details.compound_details         ? 
_pdbx_entry_details.source_details           ? 
_pdbx_entry_details.nonpolymer_details       ? 
_pdbx_entry_details.sequence_details         
;G-S-A-A-E- - : G-S ARE NOT NATURAL SEQUENCE - BYPRODUCT OF
CLONING
: E-F-I-V-T-D NOT NATURAL SEQUENCE - BYPRODUCT OF CLONING
;
_pdbx_entry_details.has_ligand_of_interest   ? 
# 
loop_
_pdbx_unobs_or_zero_occ_residues.id 
_pdbx_unobs_or_zero_occ_residues.PDB_model_num 
_pdbx_unobs_or_zero_occ_residues.polymer_flag 
_pdbx_unobs_or_zero_occ_residues.occupancy_flag 
_pdbx_unobs_or_zero_occ_residues.auth_asym_id 
_pdbx_unobs_or_zero_occ_residues.auth_comp_id 
_pdbx_unobs_or_zero_occ_residues.auth_seq_id 
_pdbx_unobs_or_zero_occ_residues.PDB_ins_code 
_pdbx_unobs_or_zero_occ_residues.label_asym_id 
_pdbx_unobs_or_zero_occ_residues.label_comp_id 
_pdbx_unobs_or_zero_occ_residues.label_seq_id 
1  1 Y 1 A GLY 0   ? A GLY 1   
2  1 Y 1 A SER 1   ? A SER 2   
3  1 Y 1 A ALA 2   ? A ALA 3   
4  1 Y 1 A SER 105 ? A SER 106 
5  1 Y 1 A LYS 106 ? A LYS 107 
6  1 Y 1 A GLU 107 ? A GLU 108 
7  1 Y 1 A PHE 108 ? A PHE 109 
8  1 Y 1 A ILE 109 ? A ILE 110 
9  1 Y 1 A VAL 110 ? A VAL 111 
10 1 Y 1 A THR 111 ? A THR 112 
11 1 Y 1 A ASP 112 ? A ASP 113 
# 
loop_
_chem_comp_atom.comp_id 
_chem_comp_atom.atom_id 
_chem_comp_atom.type_symbol 
_chem_comp_atom.pdbx_aromatic_flag 
_chem_comp_atom.pdbx_stereo_config 
_chem_comp_atom.pdbx_ordinal 
ALA N    N N N 1   
ALA CA   C N S 2   
ALA C    C N N 3   
ALA O    O N N 4   
ALA CB   C N N 5   
ALA OXT  O N N 6   
ALA H    H N N 7   
ALA H2   H N N 8   
ALA HA   H N N 9   
ALA HB1  H N N 10  
ALA HB2  H N N 11  
ALA HB3  H N N 12  
ALA HXT  H N N 13  
ARG N    N N N 14  
ARG CA   C N S 15  
ARG C    C N N 16  
ARG O    O N N 17  
ARG CB   C N N 18  
ARG CG   C N N 19  
ARG CD   C N N 20  
ARG NE   N N N 21  
ARG CZ   C N N 22  
ARG NH1  N N N 23  
ARG NH2  N N N 24  
ARG OXT  O N N 25  
ARG H    H N N 26  
ARG H2   H N N 27  
ARG HA   H N N 28  
ARG HB2  H N N 29  
ARG HB3  H N N 30  
ARG HG2  H N N 31  
ARG HG3  H N N 32  
ARG HD2  H N N 33  
ARG HD3  H N N 34  
ARG HE   H N N 35  
ARG HH11 H N N 36  
ARG HH12 H N N 37  
ARG HH21 H N N 38  
ARG HH22 H N N 39  
ARG HXT  H N N 40  
ASN N    N N N 41  
ASN CA   C N S 42  
ASN C    C N N 43  
ASN O    O N N 44  
ASN CB   C N N 45  
ASN CG   C N N 46  
ASN OD1  O N N 47  
ASN ND2  N N N 48  
ASN OXT  O N N 49  
ASN H    H N N 50  
ASN H2   H N N 51  
ASN HA   H N N 52  
ASN HB2  H N N 53  
ASN HB3  H N N 54  
ASN HD21 H N N 55  
ASN HD22 H N N 56  
ASN HXT  H N N 57  
ASP N    N N N 58  
ASP CA   C N S 59  
ASP C    C N N 60  
ASP O    O N N 61  
ASP CB   C N N 62  
ASP CG   C N N 63  
ASP OD1  O N N 64  
ASP OD2  O N N 65  
ASP OXT  O N N 66  
ASP H    H N N 67  
ASP H2   H N N 68  
ASP HA   H N N 69  
ASP HB2  H N N 70  
ASP HB3  H N N 71  
ASP HD2  H N N 72  
ASP HXT  H N N 73  
CYS N    N N N 74  
CYS CA   C N R 75  
CYS C    C N N 76  
CYS O    O N N 77  
CYS CB   C N N 78  
CYS SG   S N N 79  
CYS OXT  O N N 80  
CYS H    H N N 81  
CYS H2   H N N 82  
CYS HA   H N N 83  
CYS HB2  H N N 84  
CYS HB3  H N N 85  
CYS HG   H N N 86  
CYS HXT  H N N 87  
GLN N    N N N 88  
GLN CA   C N S 89  
GLN C    C N N 90  
GLN O    O N N 91  
GLN CB   C N N 92  
GLN CG   C N N 93  
GLN CD   C N N 94  
GLN OE1  O N N 95  
GLN NE2  N N N 96  
GLN OXT  O N N 97  
GLN H    H N N 98  
GLN H2   H N N 99  
GLN HA   H N N 100 
GLN HB2  H N N 101 
GLN HB3  H N N 102 
GLN HG2  H N N 103 
GLN HG3  H N N 104 
GLN HE21 H N N 105 
GLN HE22 H N N 106 
GLN HXT  H N N 107 
GLU N    N N N 108 
GLU CA   C N S 109 
GLU C    C N N 110 
GLU O    O N N 111 
GLU CB   C N N 112 
GLU CG   C N N 113 
GLU CD   C N N 114 
GLU OE1  O N N 115 
GLU OE2  O N N 116 
GLU OXT  O N N 117 
GLU H    H N N 118 
GLU H2   H N N 119 
GLU HA   H N N 120 
GLU HB2  H N N 121 
GLU HB3  H N N 122 
GLU HG2  H N N 123 
GLU HG3  H N N 124 
GLU HE2  H N N 125 
GLU HXT  H N N 126 
GLY N    N N N 127 
GLY CA   C N N 128 
GLY C    C N N 129 
GLY O    O N N 130 
GLY OXT  O N N 131 
GLY H    H N N 132 
GLY H2   H N N 133 
GLY HA2  H N N 134 
GLY HA3  H N N 135 
GLY HXT  H N N 136 
HIS N    N N N 137 
HIS CA   C N S 138 
HIS C    C N N 139 
HIS O    O N N 140 
HIS CB   C N N 141 
HIS CG   C Y N 142 
HIS ND1  N Y N 143 
HIS CD2  C Y N 144 
HIS CE1  C Y N 145 
HIS NE2  N Y N 146 
HIS OXT  O N N 147 
HIS H    H N N 148 
HIS H2   H N N 149 
HIS HA   H N N 150 
HIS HB2  H N N 151 
HIS HB3  H N N 152 
HIS HD1  H N N 153 
HIS HD2  H N N 154 
HIS HE1  H N N 155 
HIS HE2  H N N 156 
HIS HXT  H N N 157 
HOH O    O N N 158 
HOH H1   H N N 159 
HOH H2   H N N 160 
ILE N    N N N 161 
ILE CA   C N S 162 
ILE C    C N N 163 
ILE O    O N N 164 
ILE CB   C N S 165 
ILE CG1  C N N 166 
ILE CG2  C N N 167 
ILE CD1  C N N 168 
ILE OXT  O N N 169 
ILE H    H N N 170 
ILE H2   H N N 171 
ILE HA   H N N 172 
ILE HB   H N N 173 
ILE HG12 H N N 174 
ILE HG13 H N N 175 
ILE HG21 H N N 176 
ILE HG22 H N N 177 
ILE HG23 H N N 178 
ILE HD11 H N N 179 
ILE HD12 H N N 180 
ILE HD13 H N N 181 
ILE HXT  H N N 182 
LEU N    N N N 183 
LEU CA   C N S 184 
LEU C    C N N 185 
LEU O    O N N 186 
LEU CB   C N N 187 
LEU CG   C N N 188 
LEU CD1  C N N 189 
LEU CD2  C N N 190 
LEU OXT  O N N 191 
LEU H    H N N 192 
LEU H2   H N N 193 
LEU HA   H N N 194 
LEU HB2  H N N 195 
LEU HB3  H N N 196 
LEU HG   H N N 197 
LEU HD11 H N N 198 
LEU HD12 H N N 199 
LEU HD13 H N N 200 
LEU HD21 H N N 201 
LEU HD22 H N N 202 
LEU HD23 H N N 203 
LEU HXT  H N N 204 
LYS N    N N N 205 
LYS CA   C N S 206 
LYS C    C N N 207 
LYS O    O N N 208 
LYS CB   C N N 209 
LYS CG   C N N 210 
LYS CD   C N N 211 
LYS CE   C N N 212 
LYS NZ   N N N 213 
LYS OXT  O N N 214 
LYS H    H N N 215 
LYS H2   H N N 216 
LYS HA   H N N 217 
LYS HB2  H N N 218 
LYS HB3  H N N 219 
LYS HG2  H N N 220 
LYS HG3  H N N 221 
LYS HD2  H N N 222 
LYS HD3  H N N 223 
LYS HE2  H N N 224 
LYS HE3  H N N 225 
LYS HZ1  H N N 226 
LYS HZ2  H N N 227 
LYS HZ3  H N N 228 
LYS HXT  H N N 229 
PHE N    N N N 230 
PHE CA   C N S 231 
PHE C    C N N 232 
PHE O    O N N 233 
PHE CB   C N N 234 
PHE CG   C Y N 235 
PHE CD1  C Y N 236 
PHE CD2  C Y N 237 
PHE CE1  C Y N 238 
PHE CE2  C Y N 239 
PHE CZ   C Y N 240 
PHE OXT  O N N 241 
PHE H    H N N 242 
PHE H2   H N N 243 
PHE HA   H N N 244 
PHE HB2  H N N 245 
PHE HB3  H N N 246 
PHE HD1  H N N 247 
PHE HD2  H N N 248 
PHE HE1  H N N 249 
PHE HE2  H N N 250 
PHE HZ   H N N 251 
PHE HXT  H N N 252 
PRO N    N N N 253 
PRO CA   C N S 254 
PRO C    C N N 255 
PRO O    O N N 256 
PRO CB   C N N 257 
PRO CG   C N N 258 
PRO CD   C N N 259 
PRO OXT  O N N 260 
PRO H    H N N 261 
PRO HA   H N N 262 
PRO HB2  H N N 263 
PRO HB3  H N N 264 
PRO HG2  H N N 265 
PRO HG3  H N N 266 
PRO HD2  H N N 267 
PRO HD3  H N N 268 
PRO HXT  H N N 269 
SER N    N N N 270 
SER CA   C N S 271 
SER C    C N N 272 
SER O    O N N 273 
SER CB   C N N 274 
SER OG   O N N 275 
SER OXT  O N N 276 
SER H    H N N 277 
SER H2   H N N 278 
SER HA   H N N 279 
SER HB2  H N N 280 
SER HB3  H N N 281 
SER HG   H N N 282 
SER HXT  H N N 283 
THR N    N N N 284 
THR CA   C N S 285 
THR C    C N N 286 
THR O    O N N 287 
THR CB   C N R 288 
THR OG1  O N N 289 
THR CG2  C N N 290 
THR OXT  O N N 291 
THR H    H N N 292 
THR H2   H N N 293 
THR HA   H N N 294 
THR HB   H N N 295 
THR HG1  H N N 296 
THR HG21 H N N 297 
THR HG22 H N N 298 
THR HG23 H N N 299 
THR HXT  H N N 300 
TRP N    N N N 301 
TRP CA   C N S 302 
TRP C    C N N 303 
TRP O    O N N 304 
TRP CB   C N N 305 
TRP CG   C Y N 306 
TRP CD1  C Y N 307 
TRP CD2  C Y N 308 
TRP NE1  N Y N 309 
TRP CE2  C Y N 310 
TRP CE3  C Y N 311 
TRP CZ2  C Y N 312 
TRP CZ3  C Y N 313 
TRP CH2  C Y N 314 
TRP OXT  O N N 315 
TRP H    H N N 316 
TRP H2   H N N 317 
TRP HA   H N N 318 
TRP HB2  H N N 319 
TRP HB3  H N N 320 
TRP HD1  H N N 321 
TRP HE1  H N N 322 
TRP HE3  H N N 323 
TRP HZ2  H N N 324 
TRP HZ3  H N N 325 
TRP HH2  H N N 326 
TRP HXT  H N N 327 
TYR N    N N N 328 
TYR CA   C N S 329 
TYR C    C N N 330 
TYR O    O N N 331 
TYR CB   C N N 332 
TYR CG   C Y N 333 
TYR CD1  C Y N 334 
TYR CD2  C Y N 335 
TYR CE1  C Y N 336 
TYR CE2  C Y N 337 
TYR CZ   C Y N 338 
TYR OH   O N N 339 
TYR OXT  O N N 340 
TYR H    H N N 341 
TYR H2   H N N 342 
TYR HA   H N N 343 
TYR HB2  H N N 344 
TYR HB3  H N N 345 
TYR HD1  H N N 346 
TYR HD2  H N N 347 
TYR HE1  H N N 348 
TYR HE2  H N N 349 
TYR HH   H N N 350 
TYR HXT  H N N 351 
UR2 C1   C Y N 352 
UR2 C10  C N N 353 
UR2 C13  C N N 354 
UR2 C16  C N S 355 
UR2 C17  C N N 356 
UR2 C18  C N N 357 
UR2 C19  C N N 358 
UR2 C2   C Y N 359 
UR2 C22  C N N 360 
UR2 C25  C N N 361 
UR2 C26  C N N 362 
UR2 C27  C N N 363 
UR2 C28  C N N 364 
UR2 C29  C N N 365 
UR2 C3   C Y N 366 
UR2 C30  C N N 367 
UR2 C31  C N N 368 
UR2 C32  C N N 369 
UR2 C33  C N N 370 
UR2 C34  C N N 371 
UR2 C4   C Y N 372 
UR2 C5   C Y N 373 
UR2 C6   C Y N 374 
UR2 C7   C N N 375 
UR2 C9   C N N 376 
UR2 N15  N N N 377 
UR2 N24  N N N 378 
UR2 N8   N N N 379 
UR2 O11  O N N 380 
UR2 O12  O N N 381 
UR2 O14  O N N 382 
UR2 O1P  O N N 383 
UR2 O20  O N N 384 
UR2 O21  O N N 385 
UR2 O23  O N N 386 
UR2 O2P  O N N 387 
UR2 O3P  O N N 388 
UR2 O4P  O N N 389 
UR2 P    P N N 390 
UR2 H16  H N N 391 
UR2 H171 H N N 392 
UR2 H172 H N N 393 
UR2 H181 H N N 394 
UR2 H182 H N N 395 
UR2 H2   H N N 396 
UR2 H251 H N N 397 
UR2 H252 H N N 398 
UR2 H253 H N N 399 
UR2 H261 H N N 400 
UR2 H262 H N N 401 
UR2 H271 H N N 402 
UR2 H272 H N N 403 
UR2 H281 H N N 404 
UR2 H282 H N N 405 
UR2 H29  H N N 406 
UR2 H3   H N N 407 
UR2 H301 H N N 408 
UR2 H302 H N N 409 
UR2 H311 H N N 410 
UR2 H312 H N N 411 
UR2 H321 H N N 412 
UR2 H322 H N N 413 
UR2 H331 H N N 414 
UR2 H332 H N N 415 
UR2 H341 H N N 416 
UR2 H342 H N N 417 
UR2 H5   H N N 418 
UR2 H6   H N N 419 
UR2 H71  H N N 420 
UR2 H72  H N N 421 
UR2 H91  H N N 422 
UR2 H92  H N N 423 
UR2 HN5  H N N 424 
UR2 HO1  H N N 425 
UR2 HO2  H N N 426 
UR2 HOP2 H N N 427 
UR2 HOP3 H N N 428 
VAL N    N N N 429 
VAL CA   C N S 430 
VAL C    C N N 431 
VAL O    O N N 432 
VAL CB   C N N 433 
VAL CG1  C N N 434 
VAL CG2  C N N 435 
VAL OXT  O N N 436 
VAL H    H N N 437 
VAL H2   H N N 438 
VAL HA   H N N 439 
VAL HB   H N N 440 
VAL HG11 H N N 441 
VAL HG12 H N N 442 
VAL HG13 H N N 443 
VAL HG21 H N N 444 
VAL HG22 H N N 445 
VAL HG23 H N N 446 
VAL HXT  H N N 447 
# 
loop_
_chem_comp_bond.comp_id 
_chem_comp_bond.atom_id_1 
_chem_comp_bond.atom_id_2 
_chem_comp_bond.value_order 
_chem_comp_bond.pdbx_aromatic_flag 
_chem_comp_bond.pdbx_stereo_config 
_chem_comp_bond.pdbx_ordinal 
ALA N   CA   sing N N 1   
ALA N   H    sing N N 2   
ALA N   H2   sing N N 3   
ALA CA  C    sing N N 4   
ALA CA  CB   sing N N 5   
ALA CA  HA   sing N N 6   
ALA C   O    doub N N 7   
ALA C   OXT  sing N N 8   
ALA CB  HB1  sing N N 9   
ALA CB  HB2  sing N N 10  
ALA CB  HB3  sing N N 11  
ALA OXT HXT  sing N N 12  
ARG N   CA   sing N N 13  
ARG N   H    sing N N 14  
ARG N   H2   sing N N 15  
ARG CA  C    sing N N 16  
ARG CA  CB   sing N N 17  
ARG CA  HA   sing N N 18  
ARG C   O    doub N N 19  
ARG C   OXT  sing N N 20  
ARG CB  CG   sing N N 21  
ARG CB  HB2  sing N N 22  
ARG CB  HB3  sing N N 23  
ARG CG  CD   sing N N 24  
ARG CG  HG2  sing N N 25  
ARG CG  HG3  sing N N 26  
ARG CD  NE   sing N N 27  
ARG CD  HD2  sing N N 28  
ARG CD  HD3  sing N N 29  
ARG NE  CZ   sing N N 30  
ARG NE  HE   sing N N 31  
ARG CZ  NH1  sing N N 32  
ARG CZ  NH2  doub N N 33  
ARG NH1 HH11 sing N N 34  
ARG NH1 HH12 sing N N 35  
ARG NH2 HH21 sing N N 36  
ARG NH2 HH22 sing N N 37  
ARG OXT HXT  sing N N 38  
ASN N   CA   sing N N 39  
ASN N   H    sing N N 40  
ASN N   H2   sing N N 41  
ASN CA  C    sing N N 42  
ASN CA  CB   sing N N 43  
ASN CA  HA   sing N N 44  
ASN C   O    doub N N 45  
ASN C   OXT  sing N N 46  
ASN CB  CG   sing N N 47  
ASN CB  HB2  sing N N 48  
ASN CB  HB3  sing N N 49  
ASN CG  OD1  doub N N 50  
ASN CG  ND2  sing N N 51  
ASN ND2 HD21 sing N N 52  
ASN ND2 HD22 sing N N 53  
ASN OXT HXT  sing N N 54  
ASP N   CA   sing N N 55  
ASP N   H    sing N N 56  
ASP N   H2   sing N N 57  
ASP CA  C    sing N N 58  
ASP CA  CB   sing N N 59  
ASP CA  HA   sing N N 60  
ASP C   O    doub N N 61  
ASP C   OXT  sing N N 62  
ASP CB  CG   sing N N 63  
ASP CB  HB2  sing N N 64  
ASP CB  HB3  sing N N 65  
ASP CG  OD1  doub N N 66  
ASP CG  OD2  sing N N 67  
ASP OD2 HD2  sing N N 68  
ASP OXT HXT  sing N N 69  
CYS N   CA   sing N N 70  
CYS N   H    sing N N 71  
CYS N   H2   sing N N 72  
CYS CA  C    sing N N 73  
CYS CA  CB   sing N N 74  
CYS CA  HA   sing N N 75  
CYS C   O    doub N N 76  
CYS C   OXT  sing N N 77  
CYS CB  SG   sing N N 78  
CYS CB  HB2  sing N N 79  
CYS CB  HB3  sing N N 80  
CYS SG  HG   sing N N 81  
CYS OXT HXT  sing N N 82  
GLN N   CA   sing N N 83  
GLN N   H    sing N N 84  
GLN N   H2   sing N N 85  
GLN CA  C    sing N N 86  
GLN CA  CB   sing N N 87  
GLN CA  HA   sing N N 88  
GLN C   O    doub N N 89  
GLN C   OXT  sing N N 90  
GLN CB  CG   sing N N 91  
GLN CB  HB2  sing N N 92  
GLN CB  HB3  sing N N 93  
GLN CG  CD   sing N N 94  
GLN CG  HG2  sing N N 95  
GLN CG  HG3  sing N N 96  
GLN CD  OE1  doub N N 97  
GLN CD  NE2  sing N N 98  
GLN NE2 HE21 sing N N 99  
GLN NE2 HE22 sing N N 100 
GLN OXT HXT  sing N N 101 
GLU N   CA   sing N N 102 
GLU N   H    sing N N 103 
GLU N   H2   sing N N 104 
GLU CA  C    sing N N 105 
GLU CA  CB   sing N N 106 
GLU CA  HA   sing N N 107 
GLU C   O    doub N N 108 
GLU C   OXT  sing N N 109 
GLU CB  CG   sing N N 110 
GLU CB  HB2  sing N N 111 
GLU CB  HB3  sing N N 112 
GLU CG  CD   sing N N 113 
GLU CG  HG2  sing N N 114 
GLU CG  HG3  sing N N 115 
GLU CD  OE1  doub N N 116 
GLU CD  OE2  sing N N 117 
GLU OE2 HE2  sing N N 118 
GLU OXT HXT  sing N N 119 
GLY N   CA   sing N N 120 
GLY N   H    sing N N 121 
GLY N   H2   sing N N 122 
GLY CA  C    sing N N 123 
GLY CA  HA2  sing N N 124 
GLY CA  HA3  sing N N 125 
GLY C   O    doub N N 126 
GLY C   OXT  sing N N 127 
GLY OXT HXT  sing N N 128 
HIS N   CA   sing N N 129 
HIS N   H    sing N N 130 
HIS N   H2   sing N N 131 
HIS CA  C    sing N N 132 
HIS CA  CB   sing N N 133 
HIS CA  HA   sing N N 134 
HIS C   O    doub N N 135 
HIS C   OXT  sing N N 136 
HIS CB  CG   sing N N 137 
HIS CB  HB2  sing N N 138 
HIS CB  HB3  sing N N 139 
HIS CG  ND1  sing Y N 140 
HIS CG  CD2  doub Y N 141 
HIS ND1 CE1  doub Y N 142 
HIS ND1 HD1  sing N N 143 
HIS CD2 NE2  sing Y N 144 
HIS CD2 HD2  sing N N 145 
HIS CE1 NE2  sing Y N 146 
HIS CE1 HE1  sing N N 147 
HIS NE2 HE2  sing N N 148 
HIS OXT HXT  sing N N 149 
HOH O   H1   sing N N 150 
HOH O   H2   sing N N 151 
ILE N   CA   sing N N 152 
ILE N   H    sing N N 153 
ILE N   H2   sing N N 154 
ILE CA  C    sing N N 155 
ILE CA  CB   sing N N 156 
ILE CA  HA   sing N N 157 
ILE C   O    doub N N 158 
ILE C   OXT  sing N N 159 
ILE CB  CG1  sing N N 160 
ILE CB  CG2  sing N N 161 
ILE CB  HB   sing N N 162 
ILE CG1 CD1  sing N N 163 
ILE CG1 HG12 sing N N 164 
ILE CG1 HG13 sing N N 165 
ILE CG2 HG21 sing N N 166 
ILE CG2 HG22 sing N N 167 
ILE CG2 HG23 sing N N 168 
ILE CD1 HD11 sing N N 169 
ILE CD1 HD12 sing N N 170 
ILE CD1 HD13 sing N N 171 
ILE OXT HXT  sing N N 172 
LEU N   CA   sing N N 173 
LEU N   H    sing N N 174 
LEU N   H2   sing N N 175 
LEU CA  C    sing N N 176 
LEU CA  CB   sing N N 177 
LEU CA  HA   sing N N 178 
LEU C   O    doub N N 179 
LEU C   OXT  sing N N 180 
LEU CB  CG   sing N N 181 
LEU CB  HB2  sing N N 182 
LEU CB  HB3  sing N N 183 
LEU CG  CD1  sing N N 184 
LEU CG  CD2  sing N N 185 
LEU CG  HG   sing N N 186 
LEU CD1 HD11 sing N N 187 
LEU CD1 HD12 sing N N 188 
LEU CD1 HD13 sing N N 189 
LEU CD2 HD21 sing N N 190 
LEU CD2 HD22 sing N N 191 
LEU CD2 HD23 sing N N 192 
LEU OXT HXT  sing N N 193 
LYS N   CA   sing N N 194 
LYS N   H    sing N N 195 
LYS N   H2   sing N N 196 
LYS CA  C    sing N N 197 
LYS CA  CB   sing N N 198 
LYS CA  HA   sing N N 199 
LYS C   O    doub N N 200 
LYS C   OXT  sing N N 201 
LYS CB  CG   sing N N 202 
LYS CB  HB2  sing N N 203 
LYS CB  HB3  sing N N 204 
LYS CG  CD   sing N N 205 
LYS CG  HG2  sing N N 206 
LYS CG  HG3  sing N N 207 
LYS CD  CE   sing N N 208 
LYS CD  HD2  sing N N 209 
LYS CD  HD3  sing N N 210 
LYS CE  NZ   sing N N 211 
LYS CE  HE2  sing N N 212 
LYS CE  HE3  sing N N 213 
LYS NZ  HZ1  sing N N 214 
LYS NZ  HZ2  sing N N 215 
LYS NZ  HZ3  sing N N 216 
LYS OXT HXT  sing N N 217 
PHE N   CA   sing N N 218 
PHE N   H    sing N N 219 
PHE N   H2   sing N N 220 
PHE CA  C    sing N N 221 
PHE CA  CB   sing N N 222 
PHE CA  HA   sing N N 223 
PHE C   O    doub N N 224 
PHE C   OXT  sing N N 225 
PHE CB  CG   sing N N 226 
PHE CB  HB2  sing N N 227 
PHE CB  HB3  sing N N 228 
PHE CG  CD1  doub Y N 229 
PHE CG  CD2  sing Y N 230 
PHE CD1 CE1  sing Y N 231 
PHE CD1 HD1  sing N N 232 
PHE CD2 CE2  doub Y N 233 
PHE CD2 HD2  sing N N 234 
PHE CE1 CZ   doub Y N 235 
PHE CE1 HE1  sing N N 236 
PHE CE2 CZ   sing Y N 237 
PHE CE2 HE2  sing N N 238 
PHE CZ  HZ   sing N N 239 
PHE OXT HXT  sing N N 240 
PRO N   CA   sing N N 241 
PRO N   CD   sing N N 242 
PRO N   H    sing N N 243 
PRO CA  C    sing N N 244 
PRO CA  CB   sing N N 245 
PRO CA  HA   sing N N 246 
PRO C   O    doub N N 247 
PRO C   OXT  sing N N 248 
PRO CB  CG   sing N N 249 
PRO CB  HB2  sing N N 250 
PRO CB  HB3  sing N N 251 
PRO CG  CD   sing N N 252 
PRO CG  HG2  sing N N 253 
PRO CG  HG3  sing N N 254 
PRO CD  HD2  sing N N 255 
PRO CD  HD3  sing N N 256 
PRO OXT HXT  sing N N 257 
SER N   CA   sing N N 258 
SER N   H    sing N N 259 
SER N   H2   sing N N 260 
SER CA  C    sing N N 261 
SER CA  CB   sing N N 262 
SER CA  HA   sing N N 263 
SER C   O    doub N N 264 
SER C   OXT  sing N N 265 
SER CB  OG   sing N N 266 
SER CB  HB2  sing N N 267 
SER CB  HB3  sing N N 268 
SER OG  HG   sing N N 269 
SER OXT HXT  sing N N 270 
THR N   CA   sing N N 271 
THR N   H    sing N N 272 
THR N   H2   sing N N 273 
THR CA  C    sing N N 274 
THR CA  CB   sing N N 275 
THR CA  HA   sing N N 276 
THR C   O    doub N N 277 
THR C   OXT  sing N N 278 
THR CB  OG1  sing N N 279 
THR CB  CG2  sing N N 280 
THR CB  HB   sing N N 281 
THR OG1 HG1  sing N N 282 
THR CG2 HG21 sing N N 283 
THR CG2 HG22 sing N N 284 
THR CG2 HG23 sing N N 285 
THR OXT HXT  sing N N 286 
TRP N   CA   sing N N 287 
TRP N   H    sing N N 288 
TRP N   H2   sing N N 289 
TRP CA  C    sing N N 290 
TRP CA  CB   sing N N 291 
TRP CA  HA   sing N N 292 
TRP C   O    doub N N 293 
TRP C   OXT  sing N N 294 
TRP CB  CG   sing N N 295 
TRP CB  HB2  sing N N 296 
TRP CB  HB3  sing N N 297 
TRP CG  CD1  doub Y N 298 
TRP CG  CD2  sing Y N 299 
TRP CD1 NE1  sing Y N 300 
TRP CD1 HD1  sing N N 301 
TRP CD2 CE2  doub Y N 302 
TRP CD2 CE3  sing Y N 303 
TRP NE1 CE2  sing Y N 304 
TRP NE1 HE1  sing N N 305 
TRP CE2 CZ2  sing Y N 306 
TRP CE3 CZ3  doub Y N 307 
TRP CE3 HE3  sing N N 308 
TRP CZ2 CH2  doub Y N 309 
TRP CZ2 HZ2  sing N N 310 
TRP CZ3 CH2  sing Y N 311 
TRP CZ3 HZ3  sing N N 312 
TRP CH2 HH2  sing N N 313 
TRP OXT HXT  sing N N 314 
TYR N   CA   sing N N 315 
TYR N   H    sing N N 316 
TYR N   H2   sing N N 317 
TYR CA  C    sing N N 318 
TYR CA  CB   sing N N 319 
TYR CA  HA   sing N N 320 
TYR C   O    doub N N 321 
TYR C   OXT  sing N N 322 
TYR CB  CG   sing N N 323 
TYR CB  HB2  sing N N 324 
TYR CB  HB3  sing N N 325 
TYR CG  CD1  doub Y N 326 
TYR CG  CD2  sing Y N 327 
TYR CD1 CE1  sing Y N 328 
TYR CD1 HD1  sing N N 329 
TYR CD2 CE2  doub Y N 330 
TYR CD2 HD2  sing N N 331 
TYR CE1 CZ   doub Y N 332 
TYR CE1 HE1  sing N N 333 
TYR CE2 CZ   sing Y N 334 
TYR CE2 HE2  sing N N 335 
TYR CZ  OH   sing N N 336 
TYR OH  HH   sing N N 337 
TYR OXT HXT  sing N N 338 
UR2 C1  C2   doub Y N 339 
UR2 C1  C6   sing Y N 340 
UR2 C1  O4P  sing N N 341 
UR2 C10 C9   sing N N 342 
UR2 C10 O11  sing N N 343 
UR2 C10 O12  doub N N 344 
UR2 C13 N15  sing N N 345 
UR2 C13 N8   sing N N 346 
UR2 C13 O14  doub N N 347 
UR2 C16 C17  sing N N 348 
UR2 C16 C22  sing N N 349 
UR2 C16 N15  sing N N 350 
UR2 C16 H16  sing N N 351 
UR2 C17 C18  sing N N 352 
UR2 C17 H171 sing N N 353 
UR2 C17 H172 sing N N 354 
UR2 C18 C19  sing N N 355 
UR2 C18 H181 sing N N 356 
UR2 C18 H182 sing N N 357 
UR2 C19 O20  doub N N 358 
UR2 C19 O21  sing N N 359 
UR2 C2  C3   sing Y N 360 
UR2 C2  H2   sing N N 361 
UR2 C22 N24  sing N N 362 
UR2 C22 O23  doub N N 363 
UR2 C25 N24  sing N N 364 
UR2 C25 H251 sing N N 365 
UR2 C25 H252 sing N N 366 
UR2 C25 H253 sing N N 367 
UR2 C26 C27  sing N N 368 
UR2 C26 N24  sing N N 369 
UR2 C26 H261 sing N N 370 
UR2 C26 H262 sing N N 371 
UR2 C27 C28  sing N N 372 
UR2 C27 H271 sing N N 373 
UR2 C27 H272 sing N N 374 
UR2 C28 C29  sing N N 375 
UR2 C28 H281 sing N N 376 
UR2 C28 H282 sing N N 377 
UR2 C29 C30  sing N N 378 
UR2 C29 C34  sing N N 379 
UR2 C29 H29  sing N N 380 
UR2 C3  C4   doub Y N 381 
UR2 C3  H3   sing N N 382 
UR2 C30 C31  sing N N 383 
UR2 C30 H301 sing N N 384 
UR2 C30 H302 sing N N 385 
UR2 C31 C32  sing N N 386 
UR2 C31 H311 sing N N 387 
UR2 C31 H312 sing N N 388 
UR2 C32 C33  sing N N 389 
UR2 C32 H321 sing N N 390 
UR2 C32 H322 sing N N 391 
UR2 C33 C34  sing N N 392 
UR2 C33 H331 sing N N 393 
UR2 C33 H332 sing N N 394 
UR2 C34 H341 sing N N 395 
UR2 C34 H342 sing N N 396 
UR2 C4  C5   sing Y N 397 
UR2 C4  C7   sing N N 398 
UR2 C5  C6   doub Y N 399 
UR2 C5  H5   sing N N 400 
UR2 C6  H6   sing N N 401 
UR2 C7  N8   sing N N 402 
UR2 C7  H71  sing N N 403 
UR2 C7  H72  sing N N 404 
UR2 C9  N8   sing N N 405 
UR2 C9  H91  sing N N 406 
UR2 C9  H92  sing N N 407 
UR2 N15 HN5  sing N N 408 
UR2 O11 HO1  sing N N 409 
UR2 O1P P    doub N N 410 
UR2 O21 HO2  sing N N 411 
UR2 O2P P    sing N N 412 
UR2 O2P HOP2 sing N N 413 
UR2 O3P P    sing N N 414 
UR2 O3P HOP3 sing N N 415 
UR2 O4P P    sing N N 416 
VAL N   CA   sing N N 417 
VAL N   H    sing N N 418 
VAL N   H2   sing N N 419 
VAL CA  C    sing N N 420 
VAL CA  CB   sing N N 421 
VAL CA  HA   sing N N 422 
VAL C   O    doub N N 423 
VAL C   OXT  sing N N 424 
VAL CB  CG1  sing N N 425 
VAL CB  CG2  sing N N 426 
VAL CB  HB   sing N N 427 
VAL CG1 HG11 sing N N 428 
VAL CG1 HG12 sing N N 429 
VAL CG1 HG13 sing N N 430 
VAL CG2 HG21 sing N N 431 
VAL CG2 HG22 sing N N 432 
VAL CG2 HG23 sing N N 433 
VAL OXT HXT  sing N N 434 
# 
_pdbx_initial_refinement_model.id               1 
_pdbx_initial_refinement_model.entity_id_list   ? 
_pdbx_initial_refinement_model.type             'experimental model' 
_pdbx_initial_refinement_model.source_name      PDB 
_pdbx_initial_refinement_model.accession_code   1SPS 
_pdbx_initial_refinement_model.details          'PROTEIN MODEL FROM 1SPS' 
# 
_atom_sites.entry_id                    1SKJ 
_atom_sites.fract_transf_matrix[1][1]   -0.01333164 
_atom_sites.fract_transf_matrix[1][2]   -0.00170597 
_atom_sites.fract_transf_matrix[1][3]   0.00776112 
_atom_sites.fract_transf_matrix[2][1]   -0.01043954 
_atom_sites.fract_transf_matrix[2][2]   0.01148366 
_atom_sites.fract_transf_matrix[2][3]   0.00010948 
_atom_sites.fract_transf_matrix[3][1]   -0.01103457 
_atom_sites.fract_transf_matrix[3][2]   -0.00982998 
_atom_sites.fract_transf_matrix[3][3]   -0.02111533 
_atom_sites.fract_transf_vector[1]      0.341824 
_atom_sites.fract_transf_vector[2]      0.911724 
_atom_sites.fract_transf_vector[3]      0.002158 
# 
loop_
_atom_type.symbol 
C 
H 
N 
O 
P 
S 
# 
loop_
_atom_site.group_PDB 
_atom_site.id 
_atom_site.type_symbol 
_atom_site.label_atom_id 
_atom_site.label_alt_id 
_atom_site.label_comp_id 
_atom_site.label_asym_id 
_atom_site.label_entity_id 
_atom_site.label_seq_id 
_atom_site.pdbx_PDB_ins_code 
_atom_site.Cartn_x 
_atom_site.Cartn_y 
_atom_site.Cartn_z 
_atom_site.occupancy 
_atom_site.B_iso_or_equiv 
_atom_site.pdbx_formal_charge 
_atom_site.auth_seq_id 
_atom_site.auth_comp_id 
_atom_site.auth_asym_id 
_atom_site.auth_atom_id 
_atom_site.pdbx_PDB_model_num 
ATOM   1    N N    . GLU A 1 4   ? 7.253   -3.632  -10.368 1.00 30.63 ? 3   GLU A N    1 
ATOM   2    C CA   . GLU A 1 4   ? 6.413   -3.618  -11.600 1.00 29.39 ? 3   GLU A CA   1 
ATOM   3    C C    . GLU A 1 4   ? 5.295   -2.546  -11.579 1.00 28.62 ? 3   GLU A C    1 
ATOM   4    O O    . GLU A 1 4   ? 5.417   -1.610  -10.795 1.00 27.90 ? 3   GLU A O    1 
ATOM   5    N N    . GLU A 1 5   ? 4.224   -2.763  -12.397 1.00 24.97 ? 4   GLU A N    1 
ATOM   6    C CA   . GLU A 1 5   ? 3.007   -1.912  -12.532 1.00 20.68 ? 4   GLU A CA   1 
ATOM   7    C C    . GLU A 1 5   ? 2.392   -1.142  -11.340 1.00 17.16 ? 4   GLU A C    1 
ATOM   8    O O    . GLU A 1 5   ? 1.799   -0.080  -11.459 1.00 17.42 ? 4   GLU A O    1 
ATOM   9    C CB   . GLU A 1 5   ? 1.887   -2.772  -13.131 1.00 20.83 ? 4   GLU A CB   1 
ATOM   10   H H    . GLU A 1 5   ? 4.296   -3.512  -13.053 0.00 0.00  ? 4   GLU A H    1 
ATOM   11   N N    . TRP A 1 6   ? 2.576   -1.759  -10.162 1.00 13.21 ? 5   TRP A N    1 
ATOM   12   C CA   . TRP A 1 6   ? 2.116   -1.146  -8.907  1.00 10.50 ? 5   TRP A CA   1 
ATOM   13   C C    . TRP A 1 6   ? 3.020   -0.117  -8.219  1.00 10.08 ? 5   TRP A C    1 
ATOM   14   O O    . TRP A 1 6   ? 2.665   0.464   -7.205  1.00 11.08 ? 5   TRP A O    1 
ATOM   15   C CB   . TRP A 1 6   ? 1.717   -2.236  -7.902  1.00 7.77  ? 5   TRP A CB   1 
ATOM   16   C CG   . TRP A 1 6   ? 2.730   -3.364  -7.826  1.00 7.10  ? 5   TRP A CG   1 
ATOM   17   C CD1  . TRP A 1 6   ? 2.550   -4.634  -8.387  1.00 4.48  ? 5   TRP A CD1  1 
ATOM   18   C CD2  . TRP A 1 6   ? 4.006   -3.436  -7.133  1.00 5.33  ? 5   TRP A CD2  1 
ATOM   19   N NE1  . TRP A 1 6   ? 3.583   -5.464  -8.086  1.00 4.80  ? 5   TRP A NE1  1 
ATOM   20   C CE2  . TRP A 1 6   ? 4.507   -4.766  -7.310  1.00 5.74  ? 5   TRP A CE2  1 
ATOM   21   C CE3  . TRP A 1 6   ? 4.770   -2.510  -6.389  1.00 6.31  ? 5   TRP A CE3  1 
ATOM   22   C CZ2  . TRP A 1 6   ? 5.737   -5.145  -6.723  1.00 6.54  ? 5   TRP A CZ2  1 
ATOM   23   C CZ3  . TRP A 1 6   ? 6.005   -2.895  -5.815  1.00 5.02  ? 5   TRP A CZ3  1 
ATOM   24   C CH2  . TRP A 1 6   ? 6.480   -4.208  -5.978  1.00 5.59  ? 5   TRP A CH2  1 
ATOM   25   H H    . TRP A 1 6   ? 2.934   -2.684  -10.200 0.00 0.00  ? 5   TRP A H    1 
ATOM   26   H HE1  . TRP A 1 6   ? 3.612   -6.416  -8.339  0.00 0.00  ? 5   TRP A HE1  1 
ATOM   27   N N    . TYR A 1 7   ? 4.226   0.057   -8.798  1.00 9.78  ? 6   TYR A N    1 
ATOM   28   C CA   . TYR A 1 7   ? 5.170   1.032   -8.248  1.00 10.82 ? 6   TYR A CA   1 
ATOM   29   C C    . TYR A 1 7   ? 5.057   2.388   -8.891  1.00 12.98 ? 6   TYR A C    1 
ATOM   30   O O    . TYR A 1 7   ? 5.656   2.657   -9.924  1.00 13.23 ? 6   TYR A O    1 
ATOM   31   C CB   . TYR A 1 7   ? 6.639   0.558   -8.335  1.00 11.33 ? 6   TYR A CB   1 
ATOM   32   C CG   . TYR A 1 7   ? 7.542   1.420   -7.473  1.00 10.01 ? 6   TYR A CG   1 
ATOM   33   C CD1  . TYR A 1 7   ? 7.499   1.255   -6.076  1.00 9.19  ? 6   TYR A CD1  1 
ATOM   34   C CD2  . TYR A 1 7   ? 8.379   2.392   -8.070  1.00 8.68  ? 6   TYR A CD2  1 
ATOM   35   C CE1  . TYR A 1 7   ? 8.231   2.131   -5.257  1.00 10.34 ? 6   TYR A CE1  1 
ATOM   36   C CE2  . TYR A 1 7   ? 9.128   3.257   -7.256  1.00 6.85  ? 6   TYR A CE2  1 
ATOM   37   C CZ   . TYR A 1 7   ? 9.009   3.127   -5.864  1.00 8.71  ? 6   TYR A CZ   1 
ATOM   38   O OH   . TYR A 1 7   ? 9.647   4.003   -5.045  1.00 9.48  ? 6   TYR A OH   1 
ATOM   39   H H    . TYR A 1 7   ? 4.391   -0.362  -9.689  0.00 0.00  ? 6   TYR A H    1 
ATOM   40   H HH   . TYR A 1 7   ? 10.530  4.165   -5.372  0.00 0.00  ? 6   TYR A HH   1 
ATOM   41   N N    . PHE A 1 8   ? 4.263   3.218   -8.199  1.00 13.70 ? 7   PHE A N    1 
ATOM   42   C CA   . PHE A 1 8   ? 4.023   4.595   -8.653  1.00 14.08 ? 7   PHE A CA   1 
ATOM   43   C C    . PHE A 1 8   ? 5.099   5.627   -8.240  1.00 15.96 ? 7   PHE A C    1 
ATOM   44   O O    . PHE A 1 8   ? 5.014   6.830   -8.461  1.00 18.49 ? 7   PHE A O    1 
ATOM   45   C CB   . PHE A 1 8   ? 2.636   5.048   -8.167  1.00 12.75 ? 7   PHE A CB   1 
ATOM   46   C CG   . PHE A 1 8   ? 1.471   4.497   -8.967  1.00 13.59 ? 7   PHE A CG   1 
ATOM   47   C CD1  . PHE A 1 8   ? 1.344   3.116   -9.256  1.00 13.93 ? 7   PHE A CD1  1 
ATOM   48   C CD2  . PHE A 1 8   ? 0.488   5.411   -9.419  1.00 14.58 ? 7   PHE A CD2  1 
ATOM   49   C CE1  . PHE A 1 8   ? 0.231   2.659   -10.002 1.00 13.94 ? 7   PHE A CE1  1 
ATOM   50   C CE2  . PHE A 1 8   ? -0.623  4.960   -10.169 1.00 11.62 ? 7   PHE A CE2  1 
ATOM   51   C CZ   . PHE A 1 8   ? -0.740  3.585   -10.449 1.00 11.97 ? 7   PHE A CZ   1 
ATOM   52   H H    . PHE A 1 8   ? 3.841   2.851   -7.367  0.00 0.00  ? 7   PHE A H    1 
ATOM   53   N N    . GLY A 1 9   ? 6.150   5.138   -7.579  1.00 16.22 ? 8   GLY A N    1 
ATOM   54   C CA   . GLY A 1 9   ? 7.248   6.074   -7.274  1.00 18.16 ? 8   GLY A CA   1 
ATOM   55   C C    . GLY A 1 9   ? 7.007   7.359   -6.452  1.00 21.22 ? 8   GLY A C    1 
ATOM   56   O O    . GLY A 1 9   ? 6.424   7.358   -5.378  1.00 21.23 ? 8   GLY A O    1 
ATOM   57   H H    . GLY A 1 9   ? 6.171   4.160   -7.394  0.00 0.00  ? 8   GLY A H    1 
ATOM   58   N N    . LYS A 1 10  ? 7.479   8.488   -7.014  1.00 23.18 ? 9   LYS A N    1 
ATOM   59   C CA   . LYS A 1 10  ? 7.326   9.774   -6.285  1.00 24.25 ? 9   LYS A CA   1 
ATOM   60   C C    . LYS A 1 10  ? 5.963   10.524  -6.337  1.00 22.71 ? 9   LYS A C    1 
ATOM   61   O O    . LYS A 1 10  ? 5.845   11.715  -6.097  1.00 23.69 ? 9   LYS A O    1 
ATOM   62   C CB   . LYS A 1 10  ? 8.517   10.705  -6.591  1.00 25.91 ? 9   LYS A CB   1 
ATOM   63   C CG   . LYS A 1 10  ? 9.850   9.945   -6.577  1.00 31.40 ? 9   LYS A CG   1 
ATOM   64   C CD   . LYS A 1 10  ? 11.103  10.830  -6.587  1.00 36.30 ? 9   LYS A CD   1 
ATOM   65   C CE   . LYS A 1 10  ? 12.423  10.031  -6.685  1.00 40.31 ? 9   LYS A CE   1 
ATOM   66   N NZ   . LYS A 1 10  ? 12.599  9.119   -5.546  1.00 42.29 ? 9   LYS A NZ   1 
ATOM   67   H H    . LYS A 1 10  ? 7.857   8.415   -7.934  0.00 0.00  ? 9   LYS A H    1 
ATOM   68   H HZ1  . LYS A 1 10  ? 12.137  9.474   -4.678  0.00 0.00  ? 9   LYS A HZ1  1 
ATOM   69   H HZ2  . LYS A 1 10  ? 12.077  8.218   -5.643  0.00 0.00  ? 9   LYS A HZ2  1 
ATOM   70   H HZ3  . LYS A 1 10  ? 13.567  8.859   -5.308  0.00 0.00  ? 9   LYS A HZ3  1 
ATOM   71   N N    . ILE A 1 11  ? 4.915   9.737   -6.636  1.00 20.88 ? 10  ILE A N    1 
ATOM   72   C CA   . ILE A 1 11  ? 3.538   10.234  -6.473  1.00 17.74 ? 10  ILE A CA   1 
ATOM   73   C C    . ILE A 1 11  ? 3.139   10.693  -5.054  1.00 16.76 ? 10  ILE A C    1 
ATOM   74   O O    . ILE A 1 11  ? 3.463   10.096  -4.030  1.00 16.47 ? 10  ILE A O    1 
ATOM   75   C CB   . ILE A 1 11  ? 2.561   9.190   -7.053  1.00 16.55 ? 10  ILE A CB   1 
ATOM   76   C CG1  . ILE A 1 11  ? 1.147   9.702   -7.298  1.00 17.31 ? 10  ILE A CG1  1 
ATOM   77   C CG2  . ILE A 1 11  ? 2.477   7.953   -6.178  1.00 17.05 ? 10  ILE A CG2  1 
ATOM   78   C CD1  . ILE A 1 11  ? 0.304   8.638   -7.991  1.00 14.46 ? 10  ILE A CD1  1 
ATOM   79   H H    . ILE A 1 11  ? 5.108   8.773   -6.798  0.00 0.00  ? 10  ILE A H    1 
ATOM   80   N N    . THR A 1 12  ? 2.421   11.826  -5.040  1.00 16.81 ? 11  THR A N    1 
ATOM   81   C CA   . THR A 1 12  ? 2.036   12.365  -3.726  1.00 16.12 ? 11  THR A CA   1 
ATOM   82   C C    . THR A 1 12  ? 0.952   11.603  -3.000  1.00 13.88 ? 11  THR A C    1 
ATOM   83   O O    . THR A 1 12  ? 0.139   10.896  -3.576  1.00 14.50 ? 11  THR A O    1 
ATOM   84   C CB   . THR A 1 12  ? 1.590   13.833  -3.800  1.00 15.86 ? 11  THR A CB   1 
ATOM   85   O OG1  . THR A 1 12  ? 0.358   13.977  -4.519  1.00 18.57 ? 11  THR A OG1  1 
ATOM   86   C CG2  . THR A 1 12  ? 2.662   14.694  -4.448  1.00 16.95 ? 11  THR A CG2  1 
ATOM   87   H H    . THR A 1 12  ? 2.265   12.325  -5.894  0.00 0.00  ? 11  THR A H    1 
ATOM   88   H HG1  . THR A 1 12  ? 0.512   14.707  -5.118  0.00 0.00  ? 11  THR A HG1  1 
ATOM   89   N N    . ARG A 1 13  ? 0.893   11.793  -1.690  1.00 15.11 ? 12  ARG A N    1 
ATOM   90   C CA   . ARG A 1 13  ? -0.246  11.232  -0.944  1.00 13.38 ? 12  ARG A CA   1 
ATOM   91   C C    . ARG A 1 13  ? -1.626  11.593  -1.489  1.00 11.63 ? 12  ARG A C    1 
ATOM   92   O O    . ARG A 1 13  ? -2.422  10.742  -1.846  1.00 10.45 ? 12  ARG A O    1 
ATOM   93   C CB   . ARG A 1 13  ? -0.144  11.680  0.501   1.00 12.05 ? 12  ARG A CB   1 
ATOM   94   C CG   . ARG A 1 13  ? -1.220  11.098  1.362   1.00 12.24 ? 12  ARG A CG   1 
ATOM   95   C CD   . ARG A 1 13  ? -1.564  12.068  2.455   1.00 16.47 ? 12  ARG A CD   1 
ATOM   96   N NE   . ARG A 1 13  ? -2.762  11.546  3.072   1.00 24.67 ? 12  ARG A NE   1 
ATOM   97   C CZ   . ARG A 1 13  ? -2.954  11.616  4.369   1.00 27.77 ? 12  ARG A CZ   1 
ATOM   98   N NH1  . ARG A 1 13  ? -2.022  12.138  5.134   1.00 30.34 ? 12  ARG A NH1  1 
ATOM   99   N NH2  . ARG A 1 13  ? -4.089  11.177  4.849   1.00 26.79 ? 12  ARG A NH2  1 
ATOM   100  H H    . ARG A 1 13  ? 1.595   12.369  -1.258  0.00 0.00  ? 12  ARG A H    1 
ATOM   101  H HE   . ARG A 1 13  ? -3.528  11.187  2.519   0.00 0.00  ? 12  ARG A HE   1 
ATOM   102  H HH11 . ARG A 1 13  ? -1.140  12.383  4.735   0.00 0.00  ? 12  ARG A HH11 1 
ATOM   103  H HH12 . ARG A 1 13  ? -2.246  12.354  6.079   0.00 0.00  ? 12  ARG A HH12 1 
ATOM   104  H HH21 . ARG A 1 13  ? -4.741  10.765  4.203   0.00 0.00  ? 12  ARG A HH21 1 
ATOM   105  H HH22 . ARG A 1 13  ? -4.355  11.253  5.800   0.00 0.00  ? 12  ARG A HH22 1 
ATOM   106  N N    . ARG A 1 14  ? -1.818  12.907  -1.608  1.00 11.52 ? 13  ARG A N    1 
ATOM   107  C CA   . ARG A 1 14  ? -3.070  13.396  -2.169  1.00 13.01 ? 13  ARG A CA   1 
ATOM   108  C C    . ARG A 1 14  ? -3.441  12.928  -3.588  1.00 12.71 ? 13  ARG A C    1 
ATOM   109  O O    . ARG A 1 14  ? -4.555  12.488  -3.854  1.00 13.10 ? 13  ARG A O    1 
ATOM   110  C CB   . ARG A 1 14  ? -3.103  14.915  -1.983  1.00 13.88 ? 13  ARG A CB   1 
ATOM   111  C CG   . ARG A 1 14  ? -4.494  15.466  -1.634  1.00 19.68 ? 13  ARG A CG   1 
ATOM   112  C CD   . ARG A 1 14  ? -5.089  14.965  -0.294  1.00 24.82 ? 13  ARG A CD   1 
ATOM   113  N NE   . ARG A 1 14  ? -4.592  15.639  0.914   1.00 27.26 ? 13  ARG A NE   1 
ATOM   114  C CZ   . ARG A 1 14  ? -4.688  15.144  2.157   1.00 31.29 ? 13  ARG A CZ   1 
ATOM   115  N NH1  . ARG A 1 14  ? -5.064  13.917  2.414   1.00 29.72 ? 13  ARG A NH1  1 
ATOM   116  N NH2  . ARG A 1 14  ? -4.371  15.926  3.155   1.00 32.15 ? 13  ARG A NH2  1 
ATOM   117  H H    . ARG A 1 14  ? -1.098  13.529  -1.300  0.00 0.00  ? 13  ARG A H    1 
ATOM   118  H HE   . ARG A 1 14  ? -4.197  16.548  0.884   0.00 0.00  ? 13  ARG A HE   1 
ATOM   119  H HH11 . ARG A 1 14  ? -5.256  13.271  1.672   0.00 0.00  ? 13  ARG A HH11 1 
ATOM   120  H HH12 . ARG A 1 14  ? -5.120  13.628  3.368   0.00 0.00  ? 13  ARG A HH12 1 
ATOM   121  H HH21 . ARG A 1 14  ? -4.108  16.872  3.049   0.00 0.00  ? 13  ARG A HH21 1 
ATOM   122  H HH22 . ARG A 1 14  ? -4.369  15.550  4.090   0.00 0.00  ? 13  ARG A HH22 1 
ATOM   123  N N    . GLU A 1 15  ? -2.453  12.951  -4.501  1.00 12.45 ? 14  GLU A N    1 
ATOM   124  C CA   . GLU A 1 15  ? -2.792  12.378  -5.831  1.00 13.89 ? 14  GLU A CA   1 
ATOM   125  C C    . GLU A 1 15  ? -3.105  10.872  -5.834  1.00 12.76 ? 14  GLU A C    1 
ATOM   126  O O    . GLU A 1 15  ? -3.957  10.337  -6.537  1.00 13.59 ? 14  GLU A O    1 
ATOM   127  C CB   . GLU A 1 15  ? -1.702  12.662  -6.890  1.00 16.31 ? 14  GLU A CB   1 
ATOM   128  C CG   . GLU A 1 15  ? -1.676  14.067  -7.537  1.00 15.98 ? 14  GLU A CG   1 
ATOM   129  C CD   . GLU A 1 15  ? -2.754  14.204  -8.611  1.00 19.34 ? 14  GLU A CD   1 
ATOM   130  O OE1  . GLU A 1 15  ? -3.891  14.553  -8.306  1.00 18.21 ? 14  GLU A OE1  1 
ATOM   131  O OE2  . GLU A 1 15  ? -2.475  13.950  -9.778  1.00 18.72 ? 14  GLU A OE2  1 
ATOM   132  H H    . GLU A 1 15  ? -1.560  13.347  -4.273  0.00 0.00  ? 14  GLU A H    1 
ATOM   133  N N    . SER A 1 16  ? -2.383  10.176  -4.947  1.00 12.46 ? 15  SER A N    1 
ATOM   134  C CA   . SER A 1 16  ? -2.681  8.742   -4.826  1.00 12.95 ? 15  SER A CA   1 
ATOM   135  C C    . SER A 1 16  ? -4.050  8.395   -4.250  1.00 13.43 ? 15  SER A C    1 
ATOM   136  O O    . SER A 1 16  ? -4.761  7.524   -4.727  1.00 14.64 ? 15  SER A O    1 
ATOM   137  C CB   . SER A 1 16  ? -1.558  8.001   -4.097  1.00 11.74 ? 15  SER A CB   1 
ATOM   138  O OG   . SER A 1 16  ? -1.485  8.369   -2.722  1.00 12.99 ? 15  SER A OG   1 
ATOM   139  H H    . SER A 1 16  ? -1.683  10.659  -4.419  0.00 0.00  ? 15  SER A H    1 
ATOM   140  H HG   . SER A 1 16  ? -1.713  9.294   -2.680  0.00 0.00  ? 15  SER A HG   1 
ATOM   141  N N    . GLU A 1 17  ? -4.456  9.202   -3.260  1.00 14.42 ? 16  GLU A N    1 
ATOM   142  C CA   . GLU A 1 17  ? -5.851  9.196   -2.798  1.00 12.96 ? 16  GLU A CA   1 
ATOM   143  C C    . GLU A 1 17  ? -6.910  9.549   -3.854  1.00 12.16 ? 16  GLU A C    1 
ATOM   144  O O    . GLU A 1 17  ? -7.917  8.873   -4.003  1.00 12.99 ? 16  GLU A O    1 
ATOM   145  C CB   . GLU A 1 17  ? -6.007  10.112  -1.573  1.00 14.66 ? 16  GLU A CB   1 
ATOM   146  C CG   . GLU A 1 17  ? -5.118  9.792   -0.355  1.00 14.06 ? 16  GLU A CG   1 
ATOM   147  C CD   . GLU A 1 17  ? -5.336  10.803  0.769   1.00 14.48 ? 16  GLU A CD   1 
ATOM   148  O OE1  . GLU A 1 17  ? -5.527  11.982  0.509   1.00 18.23 ? 16  GLU A OE1  1 
ATOM   149  O OE2  . GLU A 1 17  ? -5.308  10.441  1.933   1.00 15.71 ? 16  GLU A OE2  1 
ATOM   150  H H    . GLU A 1 17  ? -3.803  9.843   -2.854  0.00 0.00  ? 16  GLU A H    1 
ATOM   151  N N    . ARG A 1 18  ? -6.646  10.603  -4.650  1.00 11.04 ? 17  ARG A N    1 
ATOM   152  C CA   . ARG A 1 18  ? -7.531  10.838  -5.800  1.00 9.27  ? 17  ARG A CA   1 
ATOM   153  C C    . ARG A 1 18  ? -7.657  9.714   -6.840  1.00 9.60  ? 17  ARG A C    1 
ATOM   154  O O    . ARG A 1 18  ? -8.746  9.386   -7.291  1.00 10.48 ? 17  ARG A O    1 
ATOM   155  C CB   . ARG A 1 18  ? -7.181  12.149  -6.504  1.00 10.36 ? 17  ARG A CB   1 
ATOM   156  C CG   . ARG A 1 18  ? -8.134  12.425  -7.674  1.00 9.65  ? 17  ARG A CG   1 
ATOM   157  C CD   . ARG A 1 18  ? -7.702  13.615  -8.501  1.00 14.54 ? 17  ARG A CD   1 
ATOM   158  N NE   . ARG A 1 18  ? -6.376  13.419  -9.059  1.00 15.23 ? 17  ARG A NE   1 
ATOM   159  C CZ   . ARG A 1 18  ? -6.135  12.939  -10.256 1.00 13.63 ? 17  ARG A CZ   1 
ATOM   160  N NH1  . ARG A 1 18  ? -7.102  12.487  -11.004 1.00 11.51 ? 17  ARG A NH1  1 
ATOM   161  N NH2  . ARG A 1 18  ? -4.906  12.942  -10.679 1.00 15.34 ? 17  ARG A NH2  1 
ATOM   162  H H    . ARG A 1 18  ? -5.857  11.186  -4.443  0.00 0.00  ? 17  ARG A H    1 
ATOM   163  H HE   . ARG A 1 18  ? -5.568  13.706  -8.537  0.00 0.00  ? 17  ARG A HE   1 
ATOM   164  H HH11 . ARG A 1 18  ? -8.042  12.533  -10.662 0.00 0.00  ? 17  ARG A HH11 1 
ATOM   165  H HH12 . ARG A 1 18  ? -6.910  12.110  -11.901 0.00 0.00  ? 17  ARG A HH12 1 
ATOM   166  H HH21 . ARG A 1 18  ? -4.199  13.351  -10.072 0.00 0.00  ? 17  ARG A HH21 1 
ATOM   167  H HH22 . ARG A 1 18  ? -4.614  12.591  -11.559 0.00 0.00  ? 17  ARG A HH22 1 
ATOM   168  N N    . LEU A 1 19  ? -6.518  9.103   -7.217  1.00 9.36  ? 18  LEU A N    1 
ATOM   169  C CA   . LEU A 1 19  ? -6.560  7.893   -8.068  1.00 7.65  ? 18  LEU A CA   1 
ATOM   170  C C    . LEU A 1 19  ? -7.283  6.676   -7.490  1.00 6.31  ? 18  LEU A C    1 
ATOM   171  O O    . LEU A 1 19  ? -8.191  6.084   -8.063  1.00 4.65  ? 18  LEU A O    1 
ATOM   172  C CB   . LEU A 1 19  ? -5.127  7.466   -8.406  1.00 11.23 ? 18  LEU A CB   1 
ATOM   173  C CG   . LEU A 1 19  ? -4.511  7.974   -9.710  1.00 12.08 ? 18  LEU A CG   1 
ATOM   174  C CD1  . LEU A 1 19  ? -5.103  9.295   -10.188 1.00 13.37 ? 18  LEU A CD1  1 
ATOM   175  C CD2  . LEU A 1 19  ? -2.991  8.030   -9.559  1.00 9.60  ? 18  LEU A CD2  1 
ATOM   176  H H    . LEU A 1 19  ? -5.652  9.483   -6.884  0.00 0.00  ? 18  LEU A H    1 
ATOM   177  N N    . LEU A 1 20  ? -6.842  6.334   -6.274  1.00 5.66  ? 19  LEU A N    1 
ATOM   178  C CA   . LEU A 1 20  ? -7.483  5.259   -5.518  1.00 6.73  ? 19  LEU A CA   1 
ATOM   179  C C    . LEU A 1 20  ? -8.985  5.377   -5.239  1.00 8.45  ? 19  LEU A C    1 
ATOM   180  O O    . LEU A 1 20  ? -9.714  4.396   -5.358  1.00 8.21  ? 19  LEU A O    1 
ATOM   181  C CB   . LEU A 1 20  ? -6.777  5.028   -4.192  1.00 4.66  ? 19  LEU A CB   1 
ATOM   182  C CG   . LEU A 1 20  ? -5.457  4.304   -4.337  1.00 6.76  ? 19  LEU A CG   1 
ATOM   183  C CD1  . LEU A 1 20  ? -4.569  4.529   -3.119  1.00 6.97  ? 19  LEU A CD1  1 
ATOM   184  C CD2  . LEU A 1 20  ? -5.645  2.816   -4.607  1.00 7.28  ? 19  LEU A CD2  1 
ATOM   185  H H    . LEU A 1 20  ? -6.069  6.851   -5.910  0.00 0.00  ? 19  LEU A H    1 
ATOM   186  N N    . LEU A 1 21  ? -9.434  6.610   -4.901  1.00 8.60  ? 20  LEU A N    1 
ATOM   187  C CA   . LEU A 1 21  ? -10.859 6.816   -4.545  1.00 9.81  ? 20  LEU A CA   1 
ATOM   188  C C    . LEU A 1 21  ? -11.962 6.617   -5.589  1.00 10.01 ? 20  LEU A C    1 
ATOM   189  O O    . LEU A 1 21  ? -13.142 6.530   -5.276  1.00 11.38 ? 20  LEU A O    1 
ATOM   190  C CB   . LEU A 1 21  ? -11.047 8.155   -3.839  1.00 8.30  ? 20  LEU A CB   1 
ATOM   191  C CG   . LEU A 1 21  ? -10.440 8.062   -2.448  1.00 9.37  ? 20  LEU A CG   1 
ATOM   192  C CD1  . LEU A 1 21  ? -10.165 9.446   -1.861  1.00 13.38 ? 20  LEU A CD1  1 
ATOM   193  C CD2  . LEU A 1 21  ? -11.303 7.217   -1.502  1.00 10.76 ? 20  LEU A CD2  1 
ATOM   194  H H    . LEU A 1 21  ? -8.758  7.334   -4.757  0.00 0.00  ? 20  LEU A H    1 
ATOM   195  N N    . ASN A 1 22  ? -11.537 6.501   -6.855  1.00 10.56 ? 21  ASN A N    1 
ATOM   196  C CA   . ASN A 1 22  ? -12.493 6.203   -7.945  1.00 12.35 ? 21  ASN A CA   1 
ATOM   197  C C    . ASN A 1 22  ? -13.482 5.036   -7.658  1.00 12.35 ? 21  ASN A C    1 
ATOM   198  O O    . ASN A 1 22  ? -13.089 3.895   -7.422  1.00 9.90  ? 21  ASN A O    1 
ATOM   199  C CB   . ASN A 1 22  ? -11.666 5.997   -9.234  1.00 14.06 ? 21  ASN A CB   1 
ATOM   200  C CG   . ASN A 1 22  ? -12.521 5.712   -10.454 1.00 15.89 ? 21  ASN A CG   1 
ATOM   201  O OD1  . ASN A 1 22  ? -13.720 5.874   -10.486 1.00 17.87 ? 21  ASN A OD1  1 
ATOM   202  N ND2  . ASN A 1 22  ? -11.879 5.213   -11.470 1.00 19.73 ? 21  ASN A ND2  1 
ATOM   203  H H    . ASN A 1 22  ? -10.557 6.590   -7.012  0.00 0.00  ? 21  ASN A H    1 
ATOM   204  H HD21 . ASN A 1 22  ? -12.494 4.968   -12.224 0.00 0.00  ? 21  ASN A HD21 1 
ATOM   205  H HD22 . ASN A 1 22  ? -10.895 5.039   -11.481 0.00 0.00  ? 21  ASN A HD22 1 
ATOM   206  N N    . PRO A 1 23  ? -14.796 5.366   -7.632  1.00 11.98 ? 22  PRO A N    1 
ATOM   207  C CA   . PRO A 1 23  ? -15.786 4.355   -7.230  1.00 11.80 ? 22  PRO A CA   1 
ATOM   208  C C    . PRO A 1 23  ? -15.752 3.023   -7.957  1.00 11.18 ? 22  PRO A C    1 
ATOM   209  O O    . PRO A 1 23  ? -16.112 1.992   -7.417  1.00 13.25 ? 22  PRO A O    1 
ATOM   210  C CB   . PRO A 1 23  ? -17.104 5.106   -7.361  1.00 11.20 ? 22  PRO A CB   1 
ATOM   211  C CG   . PRO A 1 23  ? -16.737 6.560   -7.097  1.00 11.19 ? 22  PRO A CG   1 
ATOM   212  C CD   . PRO A 1 23  ? -15.388 6.689   -7.802  1.00 11.47 ? 22  PRO A CD   1 
ATOM   213  N N    . GLU A 1 24  ? -15.249 3.080   -9.191  1.00 11.71 ? 23  GLU A N    1 
ATOM   214  C CA   . GLU A 1 24  ? -14.963 1.853   -9.937  1.00 12.00 ? 23  GLU A CA   1 
ATOM   215  C C    . GLU A 1 24  ? -13.945 0.865   -9.388  1.00 12.04 ? 23  GLU A C    1 
ATOM   216  O O    . GLU A 1 24  ? -14.021 -0.329  -9.640  1.00 14.01 ? 23  GLU A O    1 
ATOM   217  C CB   . GLU A 1 24  ? -14.540 2.214   -11.337 1.00 14.93 ? 23  GLU A CB   1 
ATOM   218  C CG   . GLU A 1 24  ? -15.702 2.847   -12.086 1.00 22.70 ? 23  GLU A CG   1 
ATOM   219  C CD   . GLU A 1 24  ? -15.208 3.132   -13.481 1.00 28.06 ? 23  GLU A CD   1 
ATOM   220  O OE1  . GLU A 1 24  ? -15.188 2.194   -14.270 1.00 30.38 ? 23  GLU A OE1  1 
ATOM   221  O OE2  . GLU A 1 24  ? -14.833 4.274   -13.770 1.00 30.65 ? 23  GLU A OE2  1 
ATOM   222  H H    . GLU A 1 24  ? -15.067 3.981   -9.588  0.00 0.00  ? 23  GLU A H    1 
ATOM   223  N N    . ASN A 1 25  ? -12.991 1.388   -8.614  1.00 11.55 ? 24  ASN A N    1 
ATOM   224  C CA   . ASN A 1 25  ? -12.019 0.546   -7.901  1.00 11.78 ? 24  ASN A CA   1 
ATOM   225  C C    . ASN A 1 25  ? -12.603 -0.371  -6.819  1.00 12.31 ? 24  ASN A C    1 
ATOM   226  O O    . ASN A 1 25  ? -13.204 0.067   -5.845  1.00 14.61 ? 24  ASN A O    1 
ATOM   227  C CB   . ASN A 1 25  ? -10.907 1.407   -7.257  1.00 12.25 ? 24  ASN A CB   1 
ATOM   228  C CG   . ASN A 1 25  ? -9.942  1.974   -8.301  1.00 12.41 ? 24  ASN A CG   1 
ATOM   229  O OD1  . ASN A 1 25  ? -9.674  1.424   -9.360  1.00 11.50 ? 24  ASN A OD1  1 
ATOM   230  N ND2  . ASN A 1 25  ? -9.411  3.143   -7.972  1.00 11.40 ? 24  ASN A ND2  1 
ATOM   231  H H    . ASN A 1 25  ? -13.036 2.371   -8.465  0.00 0.00  ? 24  ASN A H    1 
ATOM   232  H HD21 . ASN A 1 25  ? -8.887  3.565   -8.706  0.00 0.00  ? 24  ASN A HD21 1 
ATOM   233  H HD22 . ASN A 1 25  ? -9.544  3.550   -7.073  0.00 0.00  ? 24  ASN A HD22 1 
ATOM   234  N N    . PRO A 1 26  ? -12.371 -1.696  -6.974  1.00 12.94 ? 25  PRO A N    1 
ATOM   235  C CA   . PRO A 1 26  ? -12.793 -2.585  -5.884  1.00 13.09 ? 25  PRO A CA   1 
ATOM   236  C C    . PRO A 1 26  ? -11.998 -2.387  -4.589  1.00 12.70 ? 25  PRO A C    1 
ATOM   237  O O    . PRO A 1 26  ? -10.886 -1.874  -4.541  1.00 15.58 ? 25  PRO A O    1 
ATOM   238  C CB   . PRO A 1 26  ? -12.581 -3.976  -6.497  1.00 12.24 ? 25  PRO A CB   1 
ATOM   239  C CG   . PRO A 1 26  ? -11.429 -3.799  -7.484  1.00 13.40 ? 25  PRO A CG   1 
ATOM   240  C CD   . PRO A 1 26  ? -11.709 -2.409  -8.072  1.00 14.01 ? 25  PRO A CD   1 
ATOM   241  N N    . ARG A 1 27  ? -12.585 -2.867  -3.521  1.00 12.40 ? 26  ARG A N    1 
ATOM   242  C CA   . ARG A 1 27  ? -11.811 -2.945  -2.280  1.00 10.10 ? 26  ARG A CA   1 
ATOM   243  C C    . ARG A 1 27  ? -10.469 -3.689  -2.353  1.00 9.77  ? 26  ARG A C    1 
ATOM   244  O O    . ARG A 1 27  ? -10.350 -4.756  -2.944  1.00 10.76 ? 26  ARG A O    1 
ATOM   245  C CB   . ARG A 1 27  ? -12.726 -3.578  -1.241  1.00 11.64 ? 26  ARG A CB   1 
ATOM   246  C CG   . ARG A 1 27  ? -12.884 -2.757  0.007   1.00 12.65 ? 26  ARG A CG   1 
ATOM   247  C CD   . ARG A 1 27  ? -13.747 -3.536  0.971   1.00 11.17 ? 26  ARG A CD   1 
ATOM   248  N NE   . ARG A 1 27  ? -13.176 -3.358  2.294   1.00 11.38 ? 26  ARG A NE   1 
ATOM   249  C CZ   . ARG A 1 27  ? -13.819 -3.738  3.384   1.00 12.01 ? 26  ARG A CZ   1 
ATOM   250  N NH1  . ARG A 1 27  ? -14.976 -4.356  3.344   1.00 12.17 ? 26  ARG A NH1  1 
ATOM   251  N NH2  . ARG A 1 27  ? -13.278 -3.468  4.531   1.00 13.59 ? 26  ARG A NH2  1 
ATOM   252  H H    . ARG A 1 27  ? -13.524 -3.227  -3.585  0.00 0.00  ? 26  ARG A H    1 
ATOM   253  H HE   . ARG A 1 27  ? -12.309 -2.873  2.429   0.00 0.00  ? 26  ARG A HE   1 
ATOM   254  H HH11 . ARG A 1 27  ? -15.425 -4.544  2.469   0.00 0.00  ? 26  ARG A HH11 1 
ATOM   255  H HH12 . ARG A 1 27  ? -15.388 -4.634  4.215   0.00 0.00  ? 26  ARG A HH12 1 
ATOM   256  H HH21 . ARG A 1 27  ? -12.428 -2.921  4.539   0.00 0.00  ? 26  ARG A HH21 1 
ATOM   257  H HH22 . ARG A 1 27  ? -13.695 -3.770  5.383   0.00 0.00  ? 26  ARG A HH22 1 
ATOM   258  N N    . GLY A 1 28  ? -9.446  -3.058  -1.759  1.00 8.66  ? 27  GLY A N    1 
ATOM   259  C CA   . GLY A 1 28  ? -8.079  -3.573  -1.914  1.00 7.34  ? 27  GLY A CA   1 
ATOM   260  C C    . GLY A 1 28  ? -7.331  -3.158  -3.193  1.00 8.34  ? 27  GLY A C    1 
ATOM   261  O O    . GLY A 1 28  ? -6.241  -3.631  -3.512  1.00 8.73  ? 27  GLY A O    1 
ATOM   262  H H    . GLY A 1 28  ? -9.642  -2.190  -1.300  0.00 0.00  ? 27  GLY A H    1 
ATOM   263  N N    . THR A 1 29  ? -7.939  -2.201  -3.930  1.00 9.23  ? 28  THR A N    1 
ATOM   264  C CA   . THR A 1 29  ? -7.102  -1.513  -4.942  1.00 10.31 ? 28  THR A CA   1 
ATOM   265  C C    . THR A 1 29  ? -5.911  -0.772  -4.323  1.00 11.40 ? 28  THR A C    1 
ATOM   266  O O    . THR A 1 29  ? -6.021  -0.119  -3.293  1.00 10.76 ? 28  THR A O    1 
ATOM   267  C CB   . THR A 1 29  ? -7.902  -0.556  -5.843  1.00 8.23  ? 28  THR A CB   1 
ATOM   268  O OG1  . THR A 1 29  ? -8.949  -1.278  -6.455  1.00 11.67 ? 28  THR A OG1  1 
ATOM   269  C CG2  . THR A 1 29  ? -7.100  0.111   -6.949  1.00 5.97  ? 28  THR A CG2  1 
ATOM   270  H H    . THR A 1 29  ? -8.799  -1.809  -3.607  0.00 0.00  ? 28  THR A H    1 
ATOM   271  H HG1  . THR A 1 29  ? -9.541  -1.507  -5.738  0.00 0.00  ? 28  THR A HG1  1 
ATOM   272  N N    . PHE A 1 30  ? -4.744  -0.930  -4.970  1.00 12.28 ? 29  PHE A N    1 
ATOM   273  C CA   . PHE A 1 30  ? -3.542  -0.429  -4.304  1.00 11.01 ? 29  PHE A CA   1 
ATOM   274  C C    . PHE A 1 30  ? -2.497  0.195   -5.207  1.00 11.27 ? 29  PHE A C    1 
ATOM   275  O O    . PHE A 1 30  ? -2.386  -0.069  -6.407  1.00 9.89  ? 29  PHE A O    1 
ATOM   276  C CB   . PHE A 1 30  ? -2.936  -1.502  -3.364  1.00 10.76 ? 29  PHE A CB   1 
ATOM   277  C CG   . PHE A 1 30  ? -2.182  -2.573  -4.114  1.00 9.51  ? 29  PHE A CG   1 
ATOM   278  C CD1  . PHE A 1 30  ? -2.887  -3.611  -4.774  1.00 10.86 ? 29  PHE A CD1  1 
ATOM   279  C CD2  . PHE A 1 30  ? -0.774  -2.502  -4.159  1.00 7.99  ? 29  PHE A CD2  1 
ATOM   280  C CE1  . PHE A 1 30  ? -2.176  -4.560  -5.538  1.00 9.05  ? 29  PHE A CE1  1 
ATOM   281  C CE2  . PHE A 1 30  ? -0.067  -3.445  -4.929  1.00 9.09  ? 29  PHE A CE2  1 
ATOM   282  C CZ   . PHE A 1 30  ? -0.771  -4.448  -5.634  1.00 8.37  ? 29  PHE A CZ   1 
ATOM   283  H H    . PHE A 1 30  ? -4.728  -1.533  -5.765  0.00 0.00  ? 29  PHE A H    1 
ATOM   284  N N    . LEU A 1 31  ? -1.698  1.017   -4.515  1.00 11.77 ? 30  LEU A N    1 
ATOM   285  C CA   . LEU A 1 31  ? -0.362  1.317   -5.043  1.00 11.50 ? 30  LEU A CA   1 
ATOM   286  C C    . LEU A 1 31  ? 0.787   1.312   -4.019  1.00 10.94 ? 30  LEU A C    1 
ATOM   287  O O    . LEU A 1 31  ? 0.596   1.461   -2.812  1.00 11.02 ? 30  LEU A O    1 
ATOM   288  C CB   . LEU A 1 31  ? -0.373  2.559   -5.987  1.00 10.07 ? 30  LEU A CB   1 
ATOM   289  C CG   . LEU A 1 31  ? -0.367  4.084   -5.627  1.00 10.88 ? 30  LEU A CG   1 
ATOM   290  C CD1  . LEU A 1 31  ? -1.740  4.748   -5.749  1.00 10.06 ? 30  LEU A CD1  1 
ATOM   291  C CD2  . LEU A 1 31  ? 0.426   4.508   -4.387  1.00 6.32  ? 30  LEU A CD2  1 
ATOM   292  H H    . LEU A 1 31  ? -1.976  1.252   -3.581  0.00 0.00  ? 30  LEU A H    1 
ATOM   293  N N    . VAL A 1 32  ? 2.009   1.198   -4.556  1.00 11.11 ? 31  VAL A N    1 
ATOM   294  C CA   . VAL A 1 32  ? 3.133   1.630   -3.711  1.00 10.09 ? 31  VAL A CA   1 
ATOM   295  C C    . VAL A 1 32  ? 3.937   2.812   -4.229  1.00 10.41 ? 31  VAL A C    1 
ATOM   296  O O    . VAL A 1 32  ? 4.129   3.030   -5.419  1.00 11.69 ? 31  VAL A O    1 
ATOM   297  C CB   . VAL A 1 32  ? 4.012   0.473   -3.119  1.00 10.59 ? 31  VAL A CB   1 
ATOM   298  C CG1  . VAL A 1 32  ? 3.499   -0.923  -3.462  1.00 8.64  ? 31  VAL A CG1  1 
ATOM   299  C CG2  . VAL A 1 32  ? 5.532   0.621   -3.263  1.00 10.95 ? 31  VAL A CG2  1 
ATOM   300  H H    . VAL A 1 32  ? 2.100   0.959   -5.526  0.00 0.00  ? 31  VAL A H    1 
ATOM   301  N N    . ARG A 1 33  ? 4.350   3.615   -3.252  1.00 10.35 ? 32  ARG A N    1 
ATOM   302  C CA   . ARG A 1 33  ? 5.021   4.866   -3.575  1.00 9.27  ? 32  ARG A CA   1 
ATOM   303  C C    . ARG A 1 33  ? 6.099   5.187   -2.567  1.00 10.18 ? 32  ARG A C    1 
ATOM   304  O O    . ARG A 1 33  ? 6.208   4.561   -1.524  1.00 9.64  ? 32  ARG A O    1 
ATOM   305  C CB   . ARG A 1 33  ? 4.029   6.031   -3.597  1.00 8.95  ? 32  ARG A CB   1 
ATOM   306  C CG   . ARG A 1 33  ? 3.235   6.194   -2.290  1.00 11.59 ? 32  ARG A CG   1 
ATOM   307  C CD   . ARG A 1 33  ? 2.351   7.443   -2.232  1.00 11.18 ? 32  ARG A CD   1 
ATOM   308  N NE   . ARG A 1 33  ? 1.552   7.505   -1.007  1.00 9.85  ? 32  ARG A NE   1 
ATOM   309  C CZ   . ARG A 1 33  ? 1.962   8.269   0.010   1.00 11.11 ? 32  ARG A CZ   1 
ATOM   310  N NH1  . ARG A 1 33  ? 3.108   8.898   -0.014  1.00 10.72 ? 32  ARG A NH1  1 
ATOM   311  N NH2  . ARG A 1 33  ? 1.206   8.392   1.066   1.00 8.45  ? 32  ARG A NH2  1 
ATOM   312  H H    . ARG A 1 33  ? 4.158   3.318   -2.314  0.00 0.00  ? 32  ARG A H    1 
ATOM   313  H HE   . ARG A 1 33  ? 0.650   7.077   -0.975  0.00 0.00  ? 32  ARG A HE   1 
ATOM   314  H HH11 . ARG A 1 33  ? 3.751   8.791   -0.776  0.00 0.00  ? 32  ARG A HH11 1 
ATOM   315  H HH12 . ARG A 1 33  ? 3.357   9.495   0.750   0.00 0.00  ? 32  ARG A HH12 1 
ATOM   316  H HH21 . ARG A 1 33  ? 0.304   7.977   1.085   0.00 0.00  ? 32  ARG A HH21 1 
ATOM   317  H HH22 . ARG A 1 33  ? 1.539   8.922   1.852   0.00 0.00  ? 32  ARG A HH22 1 
ATOM   318  N N    . GLU A 1 34  ? 6.839   6.245   -2.849  1.00 11.34 ? 33  GLU A N    1 
ATOM   319  C CA   . GLU A 1 34  ? 7.585   6.798   -1.724  1.00 13.36 ? 33  GLU A CA   1 
ATOM   320  C C    . GLU A 1 34  ? 6.766   7.434   -0.572  1.00 12.79 ? 33  GLU A C    1 
ATOM   321  O O    . GLU A 1 34  ? 5.675   7.987   -0.708  1.00 14.06 ? 33  GLU A O    1 
ATOM   322  C CB   . GLU A 1 34  ? 8.658   7.749   -2.266  1.00 15.23 ? 33  GLU A CB   1 
ATOM   323  C CG   . GLU A 1 34  ? 9.508   7.089   -3.355  1.00 17.44 ? 33  GLU A CG   1 
ATOM   324  C CD   . GLU A 1 34  ? 10.783  7.873   -3.665  1.00 19.00 ? 33  GLU A CD   1 
ATOM   325  O OE1  . GLU A 1 34  ? 10.832  9.085   -3.576  1.00 19.84 ? 33  GLU A OE1  1 
ATOM   326  O OE2  . GLU A 1 34  ? 11.775  7.271   -4.034  1.00 21.47 ? 33  GLU A OE2  1 
ATOM   327  H H    . GLU A 1 34  ? 6.697   6.750   -3.694  0.00 0.00  ? 33  GLU A H    1 
ATOM   328  N N    . SER A 1 35  ? 7.363   7.352   0.617   1.00 13.14 ? 34  SER A N    1 
ATOM   329  C CA   . SER A 1 35  ? 6.946   8.285   1.669   1.00 12.59 ? 34  SER A CA   1 
ATOM   330  C C    . SER A 1 35  ? 7.362   9.755   1.477   1.00 14.18 ? 34  SER A C    1 
ATOM   331  O O    . SER A 1 35  ? 8.541   10.049  1.329   1.00 15.22 ? 34  SER A O    1 
ATOM   332  C CB   . SER A 1 35  ? 7.477   7.849   3.028   1.00 10.32 ? 34  SER A CB   1 
ATOM   333  O OG   . SER A 1 35  ? 6.906   8.740   3.999   1.00 14.53 ? 34  SER A OG   1 
ATOM   334  H H    . SER A 1 35  ? 8.215   6.825   0.643   0.00 0.00  ? 34  SER A H    1 
ATOM   335  H HG   . SER A 1 35  ? 5.964   8.651   3.898   0.00 0.00  ? 34  SER A HG   1 
ATOM   336  N N    . GLU A 1 36  ? 6.375   10.679  1.533   1.00 13.88 ? 35  GLU A N    1 
ATOM   337  C CA   . GLU A 1 36  ? 6.649   12.132  1.478   1.00 14.28 ? 35  GLU A CA   1 
ATOM   338  C C    . GLU A 1 36  ? 7.319   12.701  2.723   1.00 15.66 ? 35  GLU A C    1 
ATOM   339  O O    . GLU A 1 36  ? 8.095   13.661  2.753   1.00 18.23 ? 35  GLU A O    1 
ATOM   340  C CB   . GLU A 1 36  ? 5.378   12.954  1.266   1.00 13.60 ? 35  GLU A CB   1 
ATOM   341  C CG   . GLU A 1 36  ? 4.501   12.551  0.074   1.00 18.27 ? 35  GLU A CG   1 
ATOM   342  C CD   . GLU A 1 36  ? 3.332   13.536  -0.076  1.00 21.14 ? 35  GLU A CD   1 
ATOM   343  O OE1  . GLU A 1 36  ? 2.357   13.453  0.674   1.00 21.70 ? 35  GLU A OE1  1 
ATOM   344  O OE2  . GLU A 1 36  ? 3.371   14.380  -0.966  1.00 21.30 ? 35  GLU A OE2  1 
ATOM   345  H H    . GLU A 1 36  ? 5.432   10.384  1.629   0.00 0.00  ? 35  GLU A H    1 
ATOM   346  N N    . THR A 1 37  ? 6.977   12.025  3.810   1.00 16.35 ? 36  THR A N    1 
ATOM   347  C CA   . THR A 1 37  ? 7.398   12.476  5.135   1.00 17.47 ? 36  THR A CA   1 
ATOM   348  C C    . THR A 1 37  ? 8.476   11.645  5.816   1.00 19.03 ? 36  THR A C    1 
ATOM   349  O O    . THR A 1 37  ? 9.214   12.093  6.675   1.00 19.95 ? 36  THR A O    1 
ATOM   350  C CB   . THR A 1 37  ? 6.191   12.521  6.053   1.00 17.76 ? 36  THR A CB   1 
ATOM   351  O OG1  . THR A 1 37  ? 5.612   11.222  6.178   1.00 20.79 ? 36  THR A OG1  1 
ATOM   352  C CG2  . THR A 1 37  ? 5.156   13.471  5.483   1.00 18.51 ? 36  THR A CG2  1 
ATOM   353  H H    . THR A 1 37  ? 6.343   11.264  3.681   0.00 0.00  ? 36  THR A H    1 
ATOM   354  H HG1  . THR A 1 37  ? 4.746   11.307  5.773   0.00 0.00  ? 36  THR A HG1  1 
ATOM   355  N N    . THR A 1 38  ? 8.590   10.403  5.386   1.00 19.78 ? 37  THR A N    1 
ATOM   356  C CA   . THR A 1 38  ? 9.657   9.603   5.979   1.00 21.97 ? 37  THR A CA   1 
ATOM   357  C C    . THR A 1 38  ? 10.665  9.223   4.946   1.00 23.63 ? 37  THR A C    1 
ATOM   358  O O    . THR A 1 38  ? 10.385  8.525   3.978   1.00 25.17 ? 37  THR A O    1 
ATOM   359  C CB   . THR A 1 38  ? 9.137   8.329   6.625   1.00 23.15 ? 37  THR A CB   1 
ATOM   360  O OG1  . THR A 1 38  ? 8.056   8.631   7.529   1.00 20.99 ? 37  THR A OG1  1 
ATOM   361  C CG2  . THR A 1 38  ? 10.265  7.575   7.330   1.00 23.26 ? 37  THR A CG2  1 
ATOM   362  H H    . THR A 1 38  ? 7.973   10.055  4.683   0.00 0.00  ? 37  THR A H    1 
ATOM   363  H HG1  . THR A 1 38  ? 8.418   9.304   8.109   0.00 0.00  ? 37  THR A HG1  1 
ATOM   364  N N    . LYS A 1 39  ? 11.843  9.788   5.139   1.00 24.94 ? 38  LYS A N    1 
ATOM   365  C CA   . LYS A 1 39  ? 12.670  9.673   3.947   1.00 26.45 ? 38  LYS A CA   1 
ATOM   366  C C    . LYS A 1 39  ? 13.671  8.513   3.898   1.00 25.12 ? 38  LYS A C    1 
ATOM   367  O O    . LYS A 1 39  ? 14.220  8.050   4.892   1.00 25.76 ? 38  LYS A O    1 
ATOM   368  C CB   . LYS A 1 39  ? 13.081  11.080  3.495   1.00 31.01 ? 38  LYS A CB   1 
ATOM   369  C CG   . LYS A 1 39  ? 11.883  11.574  2.645   1.00 33.73 ? 38  LYS A CG   1 
ATOM   370  C CD   . LYS A 1 39  ? 11.664  13.077  2.438   1.00 36.58 ? 38  LYS A CD   1 
ATOM   371  C CE   . LYS A 1 39  ? 11.146  13.792  3.698   1.00 38.63 ? 38  LYS A CE   1 
ATOM   372  N NZ   . LYS A 1 39  ? 10.339  14.961  3.315   1.00 36.76 ? 38  LYS A NZ   1 
ATOM   373  H H    . LYS A 1 39  ? 12.095  10.243  5.987   0.00 0.00  ? 38  LYS A H    1 
ATOM   374  H HZ1  . LYS A 1 39  ? 10.851  15.547  2.628   0.00 0.00  ? 38  LYS A HZ1  1 
ATOM   375  H HZ2  . LYS A 1 39  ? 9.459   14.610  2.873   0.00 0.00  ? 38  LYS A HZ2  1 
ATOM   376  H HZ3  . LYS A 1 39  ? 10.086  15.510  4.159   0.00 0.00  ? 38  LYS A HZ3  1 
ATOM   377  N N    . GLY A 1 40  ? 13.727  7.925   2.704   1.00 22.62 ? 39  GLY A N    1 
ATOM   378  C CA   . GLY A 1 40  ? 14.135  6.523   2.777   1.00 19.81 ? 39  GLY A CA   1 
ATOM   379  C C    . GLY A 1 40  ? 13.040  5.472   3.015   1.00 17.86 ? 39  GLY A C    1 
ATOM   380  O O    . GLY A 1 40  ? 13.300  4.274   3.044   1.00 18.42 ? 39  GLY A O    1 
ATOM   381  H H    . GLY A 1 40  ? 13.308  8.364   1.905   0.00 0.00  ? 39  GLY A H    1 
ATOM   382  N N    . ALA A 1 41  ? 11.788  5.932   3.177   1.00 15.13 ? 40  ALA A N    1 
ATOM   383  C CA   . ALA A 1 41  ? 10.770  4.891   3.310   1.00 11.16 ? 40  ALA A CA   1 
ATOM   384  C C    . ALA A 1 41  ? 9.689   4.852   2.235   1.00 11.15 ? 40  ALA A C    1 
ATOM   385  O O    . ALA A 1 41  ? 9.469   5.781   1.466   1.00 9.35  ? 40  ALA A O    1 
ATOM   386  C CB   . ALA A 1 41  ? 10.125  4.929   4.689   1.00 12.08 ? 40  ALA A CB   1 
ATOM   387  H H    . ALA A 1 41  ? 11.573  6.907   3.108   0.00 0.00  ? 40  ALA A H    1 
ATOM   388  N N    . TYR A 1 42  ? 9.003   3.698   2.226   1.00 9.84  ? 41  TYR A N    1 
ATOM   389  C CA   . TYR A 1 42  ? 7.928   3.570   1.246   1.00 8.37  ? 41  TYR A CA   1 
ATOM   390  C C    . TYR A 1 42  ? 6.522   3.589   1.866   1.00 8.25  ? 41  TYR A C    1 
ATOM   391  O O    . TYR A 1 42  ? 6.345   3.496   3.069   1.00 7.45  ? 41  TYR A O    1 
ATOM   392  C CB   . TYR A 1 42  ? 8.152   2.337   0.333   1.00 6.05  ? 41  TYR A CB   1 
ATOM   393  C CG   . TYR A 1 42  ? 9.500   2.392   -0.373  1.00 7.09  ? 41  TYR A CG   1 
ATOM   394  C CD1  . TYR A 1 42  ? 10.639  1.885   0.296   1.00 6.83  ? 41  TYR A CD1  1 
ATOM   395  C CD2  . TYR A 1 42  ? 9.604   2.979   -1.662  1.00 6.70  ? 41  TYR A CD2  1 
ATOM   396  C CE1  . TYR A 1 42  ? 11.910  2.080   -0.280  1.00 9.86  ? 41  TYR A CE1  1 
ATOM   397  C CE2  . TYR A 1 42  ? 10.874  3.169   -2.244  1.00 7.77  ? 41  TYR A CE2  1 
ATOM   398  C CZ   . TYR A 1 42  ? 12.022  2.748   -1.522  1.00 10.82 ? 41  TYR A CZ   1 
ATOM   399  O OH   . TYR A 1 42  ? 13.299  2.970   -2.012  1.00 9.03  ? 41  TYR A OH   1 
ATOM   400  H H    . TYR A 1 42  ? 9.172   3.018   2.942   0.00 0.00  ? 41  TYR A H    1 
ATOM   401  H HH   . TYR A 1 42  ? 13.220  3.526   -2.790  0.00 0.00  ? 41  TYR A HH   1 
ATOM   402  N N    . CYS A 1 43  ? 5.506   3.708   0.995   1.00 8.93  ? 42  CYS A N    1 
ATOM   403  C CA   . CYS A 1 43  ? 4.106   3.527   1.417   1.00 9.28  ? 42  CYS A CA   1 
ATOM   404  C C    . CYS A 1 43  ? 3.274   2.647   0.519   1.00 8.75  ? 42  CYS A C    1 
ATOM   405  O O    . CYS A 1 43  ? 3.233   2.803   -0.693  1.00 8.18  ? 42  CYS A O    1 
ATOM   406  C CB   . CYS A 1 43  ? 3.249   4.794   1.430   1.00 10.32 ? 42  CYS A CB   1 
ATOM   407  S SG   . CYS A 1 43  ? 3.593   5.817   2.853   1.00 16.67 ? 42  CYS A SG   1 
ATOM   408  H H    . CYS A 1 43  ? 5.760   3.808   0.036   0.00 0.00  ? 42  CYS A H    1 
ATOM   409  N N    . LEU A 1 44  ? 2.534   1.795   1.220   1.00 6.51  ? 43  LEU A N    1 
ATOM   410  C CA   . LEU A 1 44  ? 1.407   1.078   0.628   1.00 5.86  ? 43  LEU A CA   1 
ATOM   411  C C    . LEU A 1 44  ? 0.065   1.846   0.820   1.00 8.50  ? 43  LEU A C    1 
ATOM   412  O O    . LEU A 1 44  ? -0.478  1.987   1.910   1.00 10.25 ? 43  LEU A O    1 
ATOM   413  C CB   . LEU A 1 44  ? 1.411   -0.306  1.302   1.00 6.64  ? 43  LEU A CB   1 
ATOM   414  C CG   . LEU A 1 44  ? 0.962   -1.556  0.563   1.00 6.62  ? 43  LEU A CG   1 
ATOM   415  C CD1  . LEU A 1 44  ? 0.172   -2.469  1.490   1.00 7.15  ? 43  LEU A CD1  1 
ATOM   416  C CD2  . LEU A 1 44  ? 0.270   -1.296  -0.764  1.00 7.48  ? 43  LEU A CD2  1 
ATOM   417  H H    . LEU A 1 44  ? 2.735   1.718   2.200   0.00 0.00  ? 43  LEU A H    1 
ATOM   418  N N    . SER A 1 45  ? -0.435  2.375   -0.297  1.00 8.72  ? 44  SER A N    1 
ATOM   419  C CA   . SER A 1 45  ? -1.753  3.025   -0.266  1.00 8.75  ? 44  SER A CA   1 
ATOM   420  C C    . SER A 1 45  ? -2.876  2.141   -0.805  1.00 9.20  ? 44  SER A C    1 
ATOM   421  O O    . SER A 1 45  ? -2.830  1.696   -1.943  1.00 10.91 ? 44  SER A O    1 
ATOM   422  C CB   . SER A 1 45  ? -1.746  4.328   -1.070  1.00 9.11  ? 44  SER A CB   1 
ATOM   423  O OG   . SER A 1 45  ? -0.696  5.220   -0.644  1.00 8.86  ? 44  SER A OG   1 
ATOM   424  H H    . SER A 1 45  ? 0.059   2.168   -1.145  0.00 0.00  ? 44  SER A H    1 
ATOM   425  H HG   . SER A 1 45  ? 0.035   4.975   -1.205  0.00 0.00  ? 44  SER A HG   1 
ATOM   426  N N    . VAL A 1 46  ? -3.863  1.883   0.074   1.00 8.61  ? 45  VAL A N    1 
ATOM   427  C CA   . VAL A 1 46  ? -4.931  0.869   -0.124  1.00 8.87  ? 45  VAL A CA   1 
ATOM   428  C C    . VAL A 1 46  ? -6.380  1.377   -0.007  1.00 10.05 ? 45  VAL A C    1 
ATOM   429  O O    . VAL A 1 46  ? -6.762  1.951   1.010   1.00 12.05 ? 45  VAL A O    1 
ATOM   430  C CB   . VAL A 1 46  ? -4.797  -0.304  0.880   1.00 7.46  ? 45  VAL A CB   1 
ATOM   431  C CG1  . VAL A 1 46  ? -5.645  -1.514  0.433   1.00 5.30  ? 45  VAL A CG1  1 
ATOM   432  C CG2  . VAL A 1 46  ? -3.342  -0.758  1.073   1.00 7.41  ? 45  VAL A CG2  1 
ATOM   433  H H    . VAL A 1 46  ? -3.807  2.362   0.948   0.00 0.00  ? 45  VAL A H    1 
ATOM   434  N N    . SER A 1 47  ? -7.186  1.134   -1.064  1.00 8.85  ? 46  SER A N    1 
ATOM   435  C CA   . SER A 1 47  ? -8.612  1.422   -0.902  1.00 7.98  ? 46  SER A CA   1 
ATOM   436  C C    . SER A 1 47  ? -9.429  0.436   -0.054  1.00 9.03  ? 46  SER A C    1 
ATOM   437  O O    . SER A 1 47  ? -9.324  -0.789  -0.053  1.00 6.94  ? 46  SER A O    1 
ATOM   438  C CB   . SER A 1 47  ? -9.332  1.627   -2.224  1.00 8.15  ? 46  SER A CB   1 
ATOM   439  O OG   . SER A 1 47  ? -9.509  0.373   -2.896  1.00 11.30 ? 46  SER A OG   1 
ATOM   440  H H    . SER A 1 47  ? -6.847  0.592   -1.831  0.00 0.00  ? 46  SER A H    1 
ATOM   441  H HG   . SER A 1 47  ? -10.453 0.292   -3.042  0.00 0.00  ? 46  SER A HG   1 
ATOM   442  N N    . ASP A 1 48  ? -10.257 1.102   0.729   1.00 9.98  ? 47  ASP A N    1 
ATOM   443  C CA   . ASP A 1 48  ? -11.085 0.425   1.698   1.00 11.76 ? 47  ASP A CA   1 
ATOM   444  C C    . ASP A 1 48  ? -12.467 1.077   1.800   1.00 12.17 ? 47  ASP A C    1 
ATOM   445  O O    . ASP A 1 48  ? -12.777 2.078   1.179   1.00 14.01 ? 47  ASP A O    1 
ATOM   446  C CB   . ASP A 1 48  ? -10.300 0.375   3.021   1.00 13.23 ? 47  ASP A CB   1 
ATOM   447  C CG   . ASP A 1 48  ? -10.944 -0.592  4.026   1.00 15.65 ? 47  ASP A CG   1 
ATOM   448  O OD1  . ASP A 1 48  ? -11.360 -1.702  3.670   1.00 12.51 ? 47  ASP A OD1  1 
ATOM   449  O OD2  . ASP A 1 48  ? -11.064 -0.210  5.178   1.00 18.25 ? 47  ASP A OD2  1 
ATOM   450  H H    . ASP A 1 48  ? -10.225 2.102   0.676   0.00 0.00  ? 47  ASP A H    1 
ATOM   451  N N    . PHE A 1 49  ? -13.301 0.470   2.616   1.00 13.81 ? 48  PHE A N    1 
ATOM   452  C CA   . PHE A 1 49  ? -14.674 0.919   2.830   1.00 15.50 ? 48  PHE A CA   1 
ATOM   453  C C    . PHE A 1 49  ? -15.138 0.584   4.240   1.00 16.63 ? 48  PHE A C    1 
ATOM   454  O O    . PHE A 1 49  ? -15.140 -0.566  4.671   1.00 17.11 ? 48  PHE A O    1 
ATOM   455  C CB   . PHE A 1 49  ? -15.594 0.250   1.788   1.00 15.08 ? 48  PHE A CB   1 
ATOM   456  C CG   . PHE A 1 49  ? -17.004 0.819   1.744   1.00 14.06 ? 48  PHE A CG   1 
ATOM   457  C CD1  . PHE A 1 49  ? -17.994 0.357   2.636   1.00 13.04 ? 48  PHE A CD1  1 
ATOM   458  C CD2  . PHE A 1 49  ? -17.314 1.790   0.770   1.00 13.60 ? 48  PHE A CD2  1 
ATOM   459  C CE1  . PHE A 1 49  ? -19.311 0.848   2.537   1.00 14.20 ? 48  PHE A CE1  1 
ATOM   460  C CE2  . PHE A 1 49  ? -18.633 2.279   0.657   1.00 12.23 ? 48  PHE A CE2  1 
ATOM   461  C CZ   . PHE A 1 49  ? -19.625 1.795   1.534   1.00 13.24 ? 48  PHE A CZ   1 
ATOM   462  H H    . PHE A 1 49  ? -12.937 -0.330  3.098   0.00 0.00  ? 48  PHE A H    1 
ATOM   463  N N    . ASP A 1 50  ? -15.597 1.623   4.910   1.00 19.54 ? 49  ASP A N    1 
ATOM   464  C CA   . ASP A 1 50  ? -16.447 1.305   6.056   1.00 22.62 ? 49  ASP A CA   1 
ATOM   465  C C    . ASP A 1 50  ? -17.798 1.991   5.957   1.00 23.47 ? 49  ASP A C    1 
ATOM   466  O O    . ASP A 1 50  ? -18.003 2.876   5.134   1.00 24.29 ? 49  ASP A O    1 
ATOM   467  C CB   . ASP A 1 50  ? -15.707 1.519   7.386   1.00 24.96 ? 49  ASP A CB   1 
ATOM   468  C CG   . ASP A 1 50  ? -15.282 2.961   7.546   1.00 28.04 ? 49  ASP A CG   1 
ATOM   469  O OD1  . ASP A 1 50  ? -16.150 3.802   7.778   1.00 31.20 ? 49  ASP A OD1  1 
ATOM   470  O OD2  . ASP A 1 50  ? -14.091 3.246   7.424   1.00 31.74 ? 49  ASP A OD2  1 
ATOM   471  H H    . ASP A 1 50  ? -15.418 2.555   4.594   0.00 0.00  ? 49  ASP A H    1 
ATOM   472  N N    . ASN A 1 51  ? -18.772 1.552   6.761   1.00 26.24 ? 50  ASN A N    1 
ATOM   473  C CA   . ASN A 1 51  ? -19.965 2.381   6.542   1.00 29.83 ? 50  ASN A CA   1 
ATOM   474  C C    . ASN A 1 51  ? -20.192 3.626   7.422   1.00 30.73 ? 50  ASN A C    1 
ATOM   475  O O    . ASN A 1 51  ? -21.261 4.222   7.409   1.00 32.02 ? 50  ASN A O    1 
ATOM   476  C CB   . ASN A 1 51  ? -21.223 1.554   6.172   1.00 31.97 ? 50  ASN A CB   1 
ATOM   477  C CG   . ASN A 1 51  ? -22.163 1.374   7.339   1.00 35.58 ? 50  ASN A CG   1 
ATOM   478  O OD1  . ASN A 1 51  ? -21.815 0.861   8.392   1.00 38.43 ? 50  ASN A OD1  1 
ATOM   479  N ND2  . ASN A 1 51  ? -23.380 1.835   7.123   1.00 34.55 ? 50  ASN A ND2  1 
ATOM   480  H H    . ASN A 1 51  ? -18.602 0.909   7.506   0.00 0.00  ? 50  ASN A H    1 
ATOM   481  H HD21 . ASN A 1 51  ? -23.932 1.744   7.948   0.00 0.00  ? 50  ASN A HD21 1 
ATOM   482  H HD22 . ASN A 1 51  ? -23.728 2.264   6.290   0.00 0.00  ? 50  ASN A HD22 1 
ATOM   483  N N    . ALA A 1 52  ? -19.128 4.030   8.143   1.00 30.32 ? 51  ALA A N    1 
ATOM   484  C CA   . ALA A 1 52  ? -19.205 5.415   8.651   1.00 29.18 ? 51  ALA A CA   1 
ATOM   485  C C    . ALA A 1 52  ? -18.819 6.442   7.608   1.00 27.80 ? 51  ALA A C    1 
ATOM   486  O O    . ALA A 1 52  ? -19.394 7.507   7.445   1.00 29.08 ? 51  ALA A O    1 
ATOM   487  C CB   . ALA A 1 52  ? -18.260 5.630   9.827   1.00 30.79 ? 51  ALA A CB   1 
ATOM   488  H H    . ALA A 1 52  ? -18.254 3.539   8.134   0.00 0.00  ? 51  ALA A H    1 
ATOM   489  N N    . LYS A 1 53  ? -17.789 6.049   6.874   1.00 26.08 ? 52  LYS A N    1 
ATOM   490  C CA   . LYS A 1 53  ? -17.218 6.999   5.924   1.00 24.41 ? 52  LYS A CA   1 
ATOM   491  C C    . LYS A 1 53  ? -17.351 6.671   4.434   1.00 19.54 ? 52  LYS A C    1 
ATOM   492  O O    . LYS A 1 53  ? -16.988 7.445   3.556   1.00 19.70 ? 52  LYS A O    1 
ATOM   493  C CB   . LYS A 1 53  ? -15.753 7.135   6.293   1.00 29.18 ? 52  LYS A CB   1 
ATOM   494  C CG   . LYS A 1 53  ? -15.511 7.542   7.760   1.00 33.72 ? 52  LYS A CG   1 
ATOM   495  C CD   . LYS A 1 53  ? -14.036 7.332   8.090   1.00 37.81 ? 52  LYS A CD   1 
ATOM   496  C CE   . LYS A 1 53  ? -13.176 7.931   6.960   1.00 40.17 ? 52  LYS A CE   1 
ATOM   497  N NZ   . LYS A 1 53  ? -11.741 7.767   7.228   1.00 41.56 ? 52  LYS A NZ   1 
ATOM   498  H H    . LYS A 1 53  ? -17.341 5.182   7.109   0.00 0.00  ? 52  LYS A H    1 
ATOM   499  H HZ1  . LYS A 1 53  ? -11.537 7.771   8.240   0.00 0.00  ? 52  LYS A HZ1  1 
ATOM   500  H HZ2  . LYS A 1 53  ? -11.332 6.893   6.820   0.00 0.00  ? 52  LYS A HZ2  1 
ATOM   501  H HZ3  . LYS A 1 53  ? -11.222 8.542   6.774   0.00 0.00  ? 52  LYS A HZ3  1 
ATOM   502  N N    . GLY A 1 54  ? -17.841 5.460   4.180   1.00 15.57 ? 53  GLY A N    1 
ATOM   503  C CA   . GLY A 1 54  ? -17.722 4.952   2.819   1.00 12.68 ? 53  GLY A CA   1 
ATOM   504  C C    . GLY A 1 54  ? -16.308 4.565   2.346   1.00 11.03 ? 53  GLY A C    1 
ATOM   505  O O    . GLY A 1 54  ? -15.420 4.141   3.080   1.00 7.90  ? 53  GLY A O    1 
ATOM   506  H H    . GLY A 1 54  ? -18.001 4.834   4.942   0.00 0.00  ? 53  GLY A H    1 
ATOM   507  N N    . LEU A 1 55  ? -16.146 4.806   1.033   1.00 10.61 ? 54  LEU A N    1 
ATOM   508  C CA   . LEU A 1 55  ? -14.828 4.791   0.383   1.00 11.89 ? 54  LEU A CA   1 
ATOM   509  C C    . LEU A 1 55  ? -13.783 5.627   1.131   1.00 12.66 ? 54  LEU A C    1 
ATOM   510  O O    . LEU A 1 55  ? -13.956 6.821   1.403   1.00 13.30 ? 54  LEU A O    1 
ATOM   511  C CB   . LEU A 1 55  ? -14.968 5.343   -1.060  1.00 13.09 ? 54  LEU A CB   1 
ATOM   512  C CG   . LEU A 1 55  ? -14.972 4.453   -2.309  1.00 11.01 ? 54  LEU A CG   1 
ATOM   513  C CD1  . LEU A 1 55  ? -15.301 2.990   -2.066  1.00 11.29 ? 54  LEU A CD1  1 
ATOM   514  C CD2  . LEU A 1 55  ? -15.878 5.055   -3.382  1.00 11.66 ? 54  LEU A CD2  1 
ATOM   515  H H    . LEU A 1 55  ? -16.946 5.097   0.508   0.00 0.00  ? 54  LEU A H    1 
ATOM   516  N N    . ASN A 1 56  ? -12.691 4.942   1.466   1.00 11.33 ? 55  ASN A N    1 
ATOM   517  C CA   . ASN A 1 56  ? -11.577 5.676   2.072   1.00 10.68 ? 55  ASN A CA   1 
ATOM   518  C C    . ASN A 1 56  ? -10.222 5.106   1.654   1.00 10.90 ? 55  ASN A C    1 
ATOM   519  O O    . ASN A 1 56  ? -10.186 4.001   1.136   1.00 12.82 ? 55  ASN A O    1 
ATOM   520  C CB   . ASN A 1 56  ? -11.777 5.843   3.597   1.00 10.49 ? 55  ASN A CB   1 
ATOM   521  C CG   . ASN A 1 56  ? -11.808 4.524   4.381   1.00 10.95 ? 55  ASN A CG   1 
ATOM   522  O OD1  . ASN A 1 56  ? -10.821 4.114   4.970   1.00 13.24 ? 55  ASN A OD1  1 
ATOM   523  N ND2  . ASN A 1 56  ? -12.997 3.955   4.529   1.00 6.46  ? 55  ASN A ND2  1 
ATOM   524  H H    . ASN A 1 56  ? -12.654 3.970   1.220   0.00 0.00  ? 55  ASN A H    1 
ATOM   525  H HD21 . ASN A 1 56  ? -13.158 3.308   5.278   0.00 0.00  ? 55  ASN A HD21 1 
ATOM   526  H HD22 . ASN A 1 56  ? -13.789 4.195   3.970   0.00 0.00  ? 55  ASN A HD22 1 
ATOM   527  N N    . VAL A 1 57  ? -9.126  5.856   1.877   1.00 8.67  ? 56  VAL A N    1 
ATOM   528  C CA   . VAL A 1 57  ? -7.863  5.127   1.770   1.00 7.10  ? 56  VAL A CA   1 
ATOM   529  C C    . VAL A 1 57  ? -6.977  5.013   3.044   1.00 7.84  ? 56  VAL A C    1 
ATOM   530  O O    . VAL A 1 57  ? -6.842  5.889   3.892   1.00 4.15  ? 56  VAL A O    1 
ATOM   531  C CB   . VAL A 1 57  ? -7.081  5.403   0.450   1.00 7.71  ? 56  VAL A CB   1 
ATOM   532  C CG1  . VAL A 1 57  ? -7.945  6.061   -0.611  1.00 6.03  ? 56  VAL A CG1  1 
ATOM   533  C CG2  . VAL A 1 57  ? -5.704  6.058   0.607   1.00 7.77  ? 56  VAL A CG2  1 
ATOM   534  H H    . VAL A 1 57  ? -9.206  6.763   2.293   0.00 0.00  ? 56  VAL A H    1 
ATOM   535  N N    . LYS A 1 58  ? -6.430  3.798   3.166   1.00 8.86  ? 57  LYS A N    1 
ATOM   536  C CA   . LYS A 1 58  ? -5.460  3.572   4.235   1.00 9.04  ? 57  LYS A CA   1 
ATOM   537  C C    . LYS A 1 58  ? -4.017  3.656   3.694   1.00 8.52  ? 57  LYS A C    1 
ATOM   538  O O    . LYS A 1 58  ? -3.699  3.225   2.590   1.00 6.56  ? 57  LYS A O    1 
ATOM   539  C CB   . LYS A 1 58  ? -5.718  2.213   4.904   1.00 9.88  ? 57  LYS A CB   1 
ATOM   540  C CG   . LYS A 1 58  ? -7.165  1.822   5.292   1.00 11.73 ? 57  LYS A CG   1 
ATOM   541  C CD   . LYS A 1 58  ? -7.735  2.458   6.563   1.00 11.73 ? 57  LYS A CD   1 
ATOM   542  C CE   . LYS A 1 58  ? -9.013  1.828   7.199   1.00 16.03 ? 57  LYS A CE   1 
ATOM   543  N NZ   . LYS A 1 58  ? -10.277 1.959   6.437   1.00 13.15 ? 57  LYS A NZ   1 
ATOM   544  H H    . LYS A 1 58  ? -6.561  3.151   2.413   0.00 0.00  ? 57  LYS A H    1 
ATOM   545  H HZ1  . LYS A 1 58  ? -10.441 2.911   6.055   0.00 0.00  ? 57  LYS A HZ1  1 
ATOM   546  H HZ2  . LYS A 1 58  ? -10.314 1.268   5.657   0.00 0.00  ? 57  LYS A HZ2  1 
ATOM   547  H HZ3  . LYS A 1 58  ? -11.083 1.700   7.042   0.00 0.00  ? 57  LYS A HZ3  1 
ATOM   548  N N    . HIS A 1 59  ? -3.143  4.265   4.501   1.00 7.53  ? 58  HIS A N    1 
ATOM   549  C CA   . HIS A 1 59  ? -1.731  4.175   4.103   1.00 6.58  ? 58  HIS A CA   1 
ATOM   550  C C    . HIS A 1 59  ? -0.830  3.499   5.139   1.00 6.20  ? 58  HIS A C    1 
ATOM   551  O O    . HIS A 1 59  ? -0.857  3.778   6.334   1.00 5.52  ? 58  HIS A O    1 
ATOM   552  C CB   . HIS A 1 59  ? -1.080  5.514   3.795   1.00 8.18  ? 58  HIS A CB   1 
ATOM   553  C CG   . HIS A 1 59  ? -1.914  6.442   2.953   1.00 10.33 ? 58  HIS A CG   1 
ATOM   554  N ND1  . HIS A 1 59  ? -1.751  6.595   1.621   1.00 10.44 ? 58  HIS A ND1  1 
ATOM   555  C CD2  . HIS A 1 59  ? -2.894  7.338   3.396   1.00 8.60  ? 58  HIS A CD2  1 
ATOM   556  C CE1  . HIS A 1 59  ? -2.613  7.583   1.220   1.00 8.58  ? 58  HIS A CE1  1 
ATOM   557  N NE2  . HIS A 1 59  ? -3.303  8.029   2.310   1.00 7.82  ? 58  HIS A NE2  1 
ATOM   558  H H    . HIS A 1 59  ? -3.481  4.718   5.328   0.00 0.00  ? 58  HIS A H    1 
ATOM   559  H HD1  . HIS A 1 59  ? -1.230  6.033   1.008   0.00 0.00  ? 58  HIS A HD1  1 
ATOM   560  N N    . TYR A 1 60  ? -0.016  2.590   4.628   1.00 5.38  ? 59  TYR A N    1 
ATOM   561  C CA   . TYR A 1 60  ? 0.878   1.850   5.515   1.00 6.24  ? 59  TYR A CA   1 
ATOM   562  C C    . TYR A 1 60  ? 2.347   2.188   5.278   1.00 8.17  ? 59  TYR A C    1 
ATOM   563  O O    . TYR A 1 60  ? 2.904   1.934   4.213   1.00 8.45  ? 59  TYR A O    1 
ATOM   564  C CB   . TYR A 1 60  ? 0.683   0.322   5.342   1.00 6.25  ? 59  TYR A CB   1 
ATOM   565  C CG   . TYR A 1 60  ? -0.738  -0.114  5.627   1.00 5.55  ? 59  TYR A CG   1 
ATOM   566  C CD1  . TYR A 1 60  ? -1.735  0.023   4.629   1.00 6.49  ? 59  TYR A CD1  1 
ATOM   567  C CD2  . TYR A 1 60  ? -1.026  -0.623  6.902   1.00 5.93  ? 59  TYR A CD2  1 
ATOM   568  C CE1  . TYR A 1 60  ? -3.066  -0.294  4.931   1.00 3.92  ? 59  TYR A CE1  1 
ATOM   569  C CE2  . TYR A 1 60  ? -2.357  -0.961  7.198   1.00 7.83  ? 59  TYR A CE2  1 
ATOM   570  C CZ   . TYR A 1 60  ? -3.355  -0.794  6.217   1.00 6.51  ? 59  TYR A CZ   1 
ATOM   571  O OH   . TYR A 1 60  ? -4.645  -1.149  6.539   1.00 7.11  ? 59  TYR A OH   1 
ATOM   572  H H    . TYR A 1 60  ? -0.093  2.388   3.652   0.00 0.00  ? 59  TYR A H    1 
ATOM   573  H HH   . TYR A 1 60  ? -5.224  -0.655  5.973   0.00 0.00  ? 59  TYR A HH   1 
ATOM   574  N N    . LYS A 1 61  ? 2.973   2.762   6.309   1.00 9.76  ? 60  LYS A N    1 
ATOM   575  C CA   . LYS A 1 61  ? 4.431   2.832   6.186   1.00 9.54  ? 60  LYS A CA   1 
ATOM   576  C C    . LYS A 1 61  ? 5.200   1.511   6.044   1.00 9.02  ? 60  LYS A C    1 
ATOM   577  O O    . LYS A 1 61  ? 5.122   0.578   6.837   1.00 6.46  ? 60  LYS A O    1 
ATOM   578  C CB   . LYS A 1 61  ? 5.039   3.759   7.242   1.00 11.43 ? 60  LYS A CB   1 
ATOM   579  C CG   . LYS A 1 61  ? 6.143   4.608   6.589   1.00 14.46 ? 60  LYS A CG   1 
ATOM   580  C CD   . LYS A 1 61  ? 6.320   6.037   7.120   1.00 15.24 ? 60  LYS A CD   1 
ATOM   581  C CE   . LYS A 1 61  ? 5.044   6.891   7.084   1.00 14.53 ? 60  LYS A CE   1 
ATOM   582  N NZ   . LYS A 1 61  ? 5.328   8.342   7.031   1.00 13.24 ? 60  LYS A NZ   1 
ATOM   583  H H    . LYS A 1 61  ? 2.453   2.992   7.122   0.00 0.00  ? 60  LYS A H    1 
ATOM   584  H HZ1  . LYS A 1 61  ? 6.313   8.555   7.298   0.00 0.00  ? 60  LYS A HZ1  1 
ATOM   585  H HZ2  . LYS A 1 61  ? 5.187   8.693   6.061   0.00 0.00  ? 60  LYS A HZ2  1 
ATOM   586  H HZ3  . LYS A 1 61  ? 4.651   8.861   7.633   0.00 0.00  ? 60  LYS A HZ3  1 
ATOM   587  N N    . ILE A 1 62  ? 5.950   1.519   4.948   1.00 8.86  ? 61  ILE A N    1 
ATOM   588  C CA   . ILE A 1 62  ? 6.978   0.518   4.752   1.00 9.58  ? 61  ILE A CA   1 
ATOM   589  C C    . ILE A 1 62  ? 8.373   1.021   5.127   1.00 12.04 ? 61  ILE A C    1 
ATOM   590  O O    . ILE A 1 62  ? 8.972   1.957   4.597   1.00 10.62 ? 61  ILE A O    1 
ATOM   591  C CB   . ILE A 1 62  ? 6.929   -0.030  3.329   1.00 8.89  ? 61  ILE A CB   1 
ATOM   592  C CG1  . ILE A 1 62  ? 5.522   -0.576  3.058   1.00 4.13  ? 61  ILE A CG1  1 
ATOM   593  C CG2  . ILE A 1 62  ? 8.017   -1.109  3.119   1.00 7.27  ? 61  ILE A CG2  1 
ATOM   594  C CD1  . ILE A 1 62  ? 5.280   -0.734  1.565   1.00 3.09  ? 61  ILE A CD1  1 
ATOM   595  H H    . ILE A 1 62  ? 5.815   2.287   4.327   0.00 0.00  ? 61  ILE A H    1 
ATOM   596  N N    . ARG A 1 63  ? 8.866   0.299   6.128   1.00 15.72 ? 62  ARG A N    1 
ATOM   597  C CA   . ARG A 1 63  ? 10.253  0.487   6.525   1.00 17.79 ? 62  ARG A CA   1 
ATOM   598  C C    . ARG A 1 63  ? 11.180  -0.631  6.129   1.00 17.84 ? 62  ARG A C    1 
ATOM   599  O O    . ARG A 1 63  ? 10.813  -1.713  5.695   1.00 18.94 ? 62  ARG A O    1 
ATOM   600  C CB   . ARG A 1 63  ? 10.335  0.762   8.023   1.00 21.08 ? 62  ARG A CB   1 
ATOM   601  C CG   . ARG A 1 63  ? 9.974   2.221   8.280   1.00 24.84 ? 62  ARG A CG   1 
ATOM   602  C CD   . ARG A 1 63  ? 9.885   2.540   9.762   1.00 30.06 ? 62  ARG A CD   1 
ATOM   603  N NE   . ARG A 1 63  ? 8.496   2.630   10.196  1.00 31.69 ? 62  ARG A NE   1 
ATOM   604  C CZ   . ARG A 1 63  ? 8.058   3.795   10.662  1.00 34.46 ? 62  ARG A CZ   1 
ATOM   605  N NH1  . ARG A 1 63  ? 8.819   4.864   10.680  1.00 35.56 ? 62  ARG A NH1  1 
ATOM   606  N NH2  . ARG A 1 63  ? 6.837   3.863   11.116  1.00 34.21 ? 62  ARG A NH2  1 
ATOM   607  H H    . ARG A 1 63  ? 8.295   -0.433  6.505   0.00 0.00  ? 62  ARG A H    1 
ATOM   608  H HE   . ARG A 1 63  ? 7.884   1.837   10.129  0.00 0.00  ? 62  ARG A HE   1 
ATOM   609  H HH11 . ARG A 1 63  ? 9.754   4.827   10.318  0.00 0.00  ? 62  ARG A HH11 1 
ATOM   610  H HH12 . ARG A 1 63  ? 8.529   5.737   11.056  0.00 0.00  ? 62  ARG A HH12 1 
ATOM   611  H HH21 . ARG A 1 63  ? 6.288   3.029   11.068  0.00 0.00  ? 62  ARG A HH21 1 
ATOM   612  H HH22 . ARG A 1 63  ? 6.475   4.710   11.492  0.00 0.00  ? 62  ARG A HH22 1 
ATOM   613  N N    . LYS A 1 64  ? 12.434  -0.297  6.301   1.00 18.73 ? 63  LYS A N    1 
ATOM   614  C CA   . LYS A 1 64  ? 13.435  -1.278  5.959   1.00 19.74 ? 63  LYS A CA   1 
ATOM   615  C C    . LYS A 1 64  ? 14.562  -1.278  6.962   1.00 20.23 ? 63  LYS A C    1 
ATOM   616  O O    . LYS A 1 64  ? 15.306  -0.316  7.094   1.00 19.10 ? 63  LYS A O    1 
ATOM   617  C CB   . LYS A 1 64  ? 13.997  -1.014  4.557   1.00 20.67 ? 63  LYS A CB   1 
ATOM   618  C CG   . LYS A 1 64  ? 14.863  -2.219  4.160   1.00 23.49 ? 63  LYS A CG   1 
ATOM   619  C CD   . LYS A 1 64  ? 15.893  -1.917  3.076   1.00 28.46 ? 63  LYS A CD   1 
ATOM   620  C CE   . LYS A 1 64  ? 16.913  -3.040  2.887   1.00 28.79 ? 63  LYS A CE   1 
ATOM   621  N NZ   . LYS A 1 64  ? 16.212  -4.205  2.350   1.00 27.96 ? 63  LYS A NZ   1 
ATOM   622  H H    . LYS A 1 64  ? 12.676  0.637   6.568   0.00 0.00  ? 63  LYS A H    1 
ATOM   623  H HZ1  . LYS A 1 64  ? 15.582  -3.966  1.562   0.00 0.00  ? 63  LYS A HZ1  1 
ATOM   624  H HZ2  . LYS A 1 64  ? 16.867  -4.966  2.093   0.00 0.00  ? 63  LYS A HZ2  1 
ATOM   625  H HZ3  . LYS A 1 64  ? 15.663  -4.632  3.125   0.00 0.00  ? 63  LYS A HZ3  1 
ATOM   626  N N    . LEU A 1 65  ? 14.675  -2.409  7.657   1.00 22.95 ? 64  LEU A N    1 
ATOM   627  C CA   . LEU A 1 65  ? 15.890  -2.546  8.474   1.00 24.86 ? 64  LEU A CA   1 
ATOM   628  C C    . LEU A 1 65  ? 17.189  -2.503  7.697   1.00 26.46 ? 64  LEU A C    1 
ATOM   629  O O    . LEU A 1 65  ? 17.329  -3.060  6.612   1.00 26.42 ? 64  LEU A O    1 
ATOM   630  C CB   . LEU A 1 65  ? 15.891  -3.861  9.224   1.00 24.15 ? 64  LEU A CB   1 
ATOM   631  C CG   . LEU A 1 65  ? 14.739  -3.973  10.185  1.00 24.29 ? 64  LEU A CG   1 
ATOM   632  C CD1  . LEU A 1 65  ? 14.472  -5.433  10.494  1.00 26.78 ? 64  LEU A CD1  1 
ATOM   633  C CD2  . LEU A 1 65  ? 14.978  -3.169  11.456  1.00 22.31 ? 64  LEU A CD2  1 
ATOM   634  H H    . LEU A 1 65  ? 14.016  -3.149  7.487   0.00 0.00  ? 64  LEU A H    1 
ATOM   635  N N    . ASP A 1 66  ? 18.156  -1.845  8.328   1.00 29.89 ? 65  ASP A N    1 
ATOM   636  C CA   . ASP A 1 66  ? 19.363  -1.615  7.537   1.00 32.37 ? 65  ASP A CA   1 
ATOM   637  C C    . ASP A 1 66  ? 20.025  -2.701  6.700   1.00 33.88 ? 65  ASP A C    1 
ATOM   638  O O    . ASP A 1 66  ? 20.069  -2.622  5.471   1.00 35.01 ? 65  ASP A O    1 
ATOM   639  C CB   . ASP A 1 66  ? 20.394  -0.810  8.310   1.00 32.77 ? 65  ASP A CB   1 
ATOM   640  C CG   . ASP A 1 66  ? 20.197  0.543   7.706   1.00 35.31 ? 65  ASP A CG   1 
ATOM   641  O OD1  . ASP A 1 66  ? 20.557  0.717   6.548   1.00 35.69 ? 65  ASP A OD1  1 
ATOM   642  O OD2  . ASP A 1 66  ? 19.604  1.400   8.338   1.00 37.07 ? 65  ASP A OD2  1 
ATOM   643  H H    . ASP A 1 66  ? 17.951  -1.244  9.098   0.00 0.00  ? 65  ASP A H    1 
ATOM   644  N N    . SER A 1 67  ? 20.506  -3.742  7.386   1.00 34.25 ? 66  SER A N    1 
ATOM   645  C CA   . SER A 1 67  ? 21.171  -4.663  6.446   1.00 36.54 ? 66  SER A CA   1 
ATOM   646  C C    . SER A 1 67  ? 20.315  -5.848  5.931   1.00 35.83 ? 66  SER A C    1 
ATOM   647  O O    . SER A 1 67  ? 20.767  -6.991  5.848   1.00 35.60 ? 66  SER A O    1 
ATOM   648  C CB   . SER A 1 67  ? 22.573  -5.129  6.939   1.00 39.94 ? 66  SER A CB   1 
ATOM   649  O OG   . SER A 1 67  ? 23.546  -4.048  7.093   1.00 42.41 ? 66  SER A OG   1 
ATOM   650  H H    . SER A 1 67  ? 20.434  -3.798  8.375   0.00 0.00  ? 66  SER A H    1 
ATOM   651  H HG   . SER A 1 67  ? 24.314  -4.480  7.462   0.00 0.00  ? 66  SER A HG   1 
ATOM   652  N N    . GLY A 1 68  ? 19.020  -5.548  5.661   1.00 34.39 ? 67  GLY A N    1 
ATOM   653  C CA   . GLY A 1 68  ? 18.025  -6.645  5.569   1.00 30.93 ? 67  GLY A CA   1 
ATOM   654  C C    . GLY A 1 68  ? 16.547  -6.260  5.363   1.00 28.10 ? 67  GLY A C    1 
ATOM   655  O O    . GLY A 1 68  ? 16.243  -5.500  4.460   1.00 32.20 ? 67  GLY A O    1 
ATOM   656  H H    . GLY A 1 68  ? 18.763  -4.583  5.577   0.00 0.00  ? 67  GLY A H    1 
ATOM   657  N N    . GLY A 1 69  ? 15.605  -6.793  6.150   1.00 21.41 ? 68  GLY A N    1 
ATOM   658  C CA   . GLY A 1 69  ? 14.203  -6.822  5.662   1.00 17.06 ? 68  GLY A CA   1 
ATOM   659  C C    . GLY A 1 69  ? 13.242  -5.595  5.549   1.00 15.10 ? 68  GLY A C    1 
ATOM   660  O O    . GLY A 1 69  ? 13.167  -4.698  6.384   1.00 14.87 ? 68  GLY A O    1 
ATOM   661  H H    . GLY A 1 69  ? 15.915  -7.332  6.931   0.00 0.00  ? 68  GLY A H    1 
ATOM   662  N N    . PHE A 1 70  ? 12.469  -5.613  4.444   1.00 12.45 ? 69  PHE A N    1 
ATOM   663  C CA   . PHE A 1 70  ? 11.295  -4.722  4.296   1.00 11.02 ? 69  PHE A CA   1 
ATOM   664  C C    . PHE A 1 70  ? 10.055  -5.156  5.121   1.00 10.83 ? 69  PHE A C    1 
ATOM   665  O O    . PHE A 1 70  ? 9.707   -6.326  5.177   1.00 11.62 ? 69  PHE A O    1 
ATOM   666  C CB   . PHE A 1 70  ? 10.828  -4.606  2.824   1.00 8.90  ? 69  PHE A CB   1 
ATOM   667  C CG   . PHE A 1 70  ? 11.661  -3.741  1.901   1.00 9.68  ? 69  PHE A CG   1 
ATOM   668  C CD1  . PHE A 1 70  ? 11.600  -2.334  2.004   1.00 9.76  ? 69  PHE A CD1  1 
ATOM   669  C CD2  . PHE A 1 70  ? 12.448  -4.355  0.903   1.00 11.61 ? 69  PHE A CD2  1 
ATOM   670  C CE1  . PHE A 1 70  ? 12.298  -1.534  1.075   1.00 9.36  ? 69  PHE A CE1  1 
ATOM   671  C CE2  . PHE A 1 70  ? 13.154  -3.558  -0.020  1.00 10.63 ? 69  PHE A CE2  1 
ATOM   672  C CZ   . PHE A 1 70  ? 13.056  -2.156  0.062   1.00 9.53  ? 69  PHE A CZ   1 
ATOM   673  H H    . PHE A 1 70  ? 12.588  -6.393  3.833   0.00 0.00  ? 69  PHE A H    1 
ATOM   674  N N    . TYR A 1 71  ? 9.412   -4.164  5.766   1.00 9.88  ? 70  TYR A N    1 
ATOM   675  C CA   . TYR A 1 71  ? 8.330   -4.461  6.716   1.00 9.04  ? 70  TYR A CA   1 
ATOM   676  C C    . TYR A 1 71  ? 7.342   -3.316  6.985   1.00 9.01  ? 70  TYR A C    1 
ATOM   677  O O    . TYR A 1 71  ? 7.705   -2.154  7.095   1.00 8.72  ? 70  TYR A O    1 
ATOM   678  C CB   . TYR A 1 71  ? 8.878   -5.006  8.063   1.00 7.73  ? 70  TYR A CB   1 
ATOM   679  C CG   . TYR A 1 71  ? 9.529   -3.946  8.950   1.00 10.69 ? 70  TYR A CG   1 
ATOM   680  C CD1  . TYR A 1 71  ? 8.739   -3.170  9.833   1.00 9.97  ? 70  TYR A CD1  1 
ATOM   681  C CD2  . TYR A 1 71  ? 10.927  -3.738  8.870   1.00 14.20 ? 70  TYR A CD2  1 
ATOM   682  C CE1  . TYR A 1 71  ? 9.325   -2.153  10.598  1.00 9.84  ? 70  TYR A CE1  1 
ATOM   683  C CE2  . TYR A 1 71  ? 11.523  -2.702  9.616   1.00 13.39 ? 70  TYR A CE2  1 
ATOM   684  C CZ   . TYR A 1 71  ? 10.712  -1.924  10.461  1.00 12.79 ? 70  TYR A CZ   1 
ATOM   685  O OH   . TYR A 1 71  ? 11.308  -0.904  11.173  1.00 13.50 ? 70  TYR A OH   1 
ATOM   686  H H    . TYR A 1 71  ? 9.824   -3.260  5.694   0.00 0.00  ? 70  TYR A H    1 
ATOM   687  H HH   . TYR A 1 71  ? 12.252  -1.006  11.113  0.00 0.00  ? 70  TYR A HH   1 
ATOM   688  N N    . ILE A 1 72  ? 6.080   -3.710  7.162   1.00 9.09  ? 71  ILE A N    1 
ATOM   689  C CA   . ILE A 1 72  ? 5.059   -2.868  7.831   1.00 9.32  ? 71  ILE A CA   1 
ATOM   690  C C    . ILE A 1 72  ? 4.998   -3.027  9.365   1.00 10.00 ? 71  ILE A C    1 
ATOM   691  O O    . ILE A 1 72  ? 4.891   -2.081  10.134  1.00 12.30 ? 71  ILE A O    1 
ATOM   692  C CB   . ILE A 1 72  ? 3.668   -3.145  7.215   1.00 8.95  ? 71  ILE A CB   1 
ATOM   693  C CG1  . ILE A 1 72  ? 3.752   -2.952  5.703   1.00 9.18  ? 71  ILE A CG1  1 
ATOM   694  C CG2  . ILE A 1 72  ? 2.579   -2.241  7.805   1.00 9.28  ? 71  ILE A CG2  1 
ATOM   695  C CD1  . ILE A 1 72  ? 2.421   -3.180  4.979   1.00 14.51 ? 71  ILE A CD1  1 
ATOM   696  H H    . ILE A 1 72  ? 5.899   -4.669  6.940   0.00 0.00  ? 71  ILE A H    1 
ATOM   697  N N    . THR A 1 73  ? 5.079   -4.293  9.779   1.00 10.43 ? 72  THR A N    1 
ATOM   698  C CA   . THR A 1 73  ? 5.309   -4.654  11.177  1.00 9.80  ? 72  THR A CA   1 
ATOM   699  C C    . THR A 1 73  ? 6.549   -5.503  11.314  1.00 10.54 ? 72  THR A C    1 
ATOM   700  O O    . THR A 1 73  ? 6.884   -6.286  10.436  1.00 12.98 ? 72  THR A O    1 
ATOM   701  C CB   . THR A 1 73  ? 4.103   -5.370  11.807  1.00 10.58 ? 72  THR A CB   1 
ATOM   702  O OG1  . THR A 1 73  ? 4.406   -5.805  13.129  1.00 11.51 ? 72  THR A OG1  1 
ATOM   703  C CG2  . THR A 1 73  ? 3.520   -6.539  11.020  1.00 10.92 ? 72  THR A CG2  1 
ATOM   704  H H    . THR A 1 73  ? 5.111   -4.987  9.057   0.00 0.00  ? 72  THR A H    1 
ATOM   705  H HG1  . THR A 1 73  ? 3.550   -6.045  13.477  0.00 0.00  ? 72  THR A HG1  1 
ATOM   706  N N    . SER A 1 74  ? 7.288   -5.289  12.411  1.00 10.57 ? 73  SER A N    1 
ATOM   707  C CA   . SER A 1 74  ? 8.709   -5.652  12.349  1.00 11.70 ? 73  SER A CA   1 
ATOM   708  C C    . SER A 1 74  ? 9.118   -7.110  12.415  1.00 13.52 ? 73  SER A C    1 
ATOM   709  O O    . SER A 1 74  ? 10.178  -7.524  11.948  1.00 13.71 ? 73  SER A O    1 
ATOM   710  C CB   . SER A 1 74  ? 9.570   -4.872  13.338  1.00 11.45 ? 73  SER A CB   1 
ATOM   711  O OG   . SER A 1 74  ? 9.381   -5.371  14.665  1.00 15.55 ? 73  SER A OG   1 
ATOM   712  H H    . SER A 1 74  ? 6.881   -4.756  13.152  0.00 0.00  ? 73  SER A H    1 
ATOM   713  H HG   . SER A 1 74  ? 9.205   -4.584  15.182  0.00 0.00  ? 73  SER A HG   1 
ATOM   714  N N    . ARG A 1 75  ? 8.193   -7.909  12.972  1.00 15.80 ? 74  ARG A N    1 
ATOM   715  C CA   . ARG A 1 75  ? 8.434   -9.347  12.787  1.00 18.73 ? 74  ARG A CA   1 
ATOM   716  C C    . ARG A 1 75  ? 7.995   -10.005 11.454  1.00 20.21 ? 74  ARG A C    1 
ATOM   717  O O    . ARG A 1 75  ? 8.445   -11.090 11.099  1.00 23.67 ? 74  ARG A O    1 
ATOM   718  C CB   . ARG A 1 75  ? 7.969   -10.170 13.997  1.00 19.42 ? 74  ARG A CB   1 
ATOM   719  C CG   . ARG A 1 75  ? 8.684   -9.848  15.322  1.00 21.74 ? 74  ARG A CG   1 
ATOM   720  C CD   . ARG A 1 75  ? 8.417   -10.904 16.414  1.00 23.86 ? 74  ARG A CD   1 
ATOM   721  N NE   . ARG A 1 75  ? 8.806   -10.449 17.753  1.00 22.74 ? 74  ARG A NE   1 
ATOM   722  C CZ   . ARG A 1 75  ? 10.027  -10.620 18.231  1.00 22.51 ? 74  ARG A CZ   1 
ATOM   723  N NH1  . ARG A 1 75  ? 10.945  -11.239 17.534  1.00 23.34 ? 74  ARG A NH1  1 
ATOM   724  N NH2  . ARG A 1 75  ? 10.314  -10.164 19.421  1.00 19.75 ? 74  ARG A NH2  1 
ATOM   725  H H    . ARG A 1 75  ? 7.362   -7.492  13.334  0.00 0.00  ? 74  ARG A H    1 
ATOM   726  H HE   . ARG A 1 75  ? 8.162   -9.968  18.350  0.00 0.00  ? 74  ARG A HE   1 
ATOM   727  H HH11 . ARG A 1 75  ? 10.718  -11.653 16.659  0.00 0.00  ? 74  ARG A HH11 1 
ATOM   728  H HH12 . ARG A 1 75  ? 11.873  -11.279 17.909  0.00 0.00  ? 74  ARG A HH12 1 
ATOM   729  H HH21 . ARG A 1 75  ? 9.608   -9.711  19.976  0.00 0.00  ? 74  ARG A HH21 1 
ATOM   730  H HH22 . ARG A 1 75  ? 11.247  -10.244 19.759  0.00 0.00  ? 74  ARG A HH22 1 
ATOM   731  N N    . THR A 1 76  ? 7.140   -9.315  10.683  1.00 19.13 ? 75  THR A N    1 
ATOM   732  C CA   . THR A 1 76  ? 6.796   -9.859  9.346   1.00 18.48 ? 75  THR A CA   1 
ATOM   733  C C    . THR A 1 76  ? 7.562   -9.180  8.214   1.00 16.25 ? 75  THR A C    1 
ATOM   734  O O    . THR A 1 76  ? 7.161   -8.194  7.614   1.00 16.36 ? 75  THR A O    1 
ATOM   735  C CB   . THR A 1 76  ? 5.269   -9.825  9.064   1.00 19.69 ? 75  THR A CB   1 
ATOM   736  O OG1  . THR A 1 76  ? 4.557   -10.294 10.213  1.00 20.10 ? 75  THR A OG1  1 
ATOM   737  C CG2  . THR A 1 76  ? 4.840   -10.662 7.847   1.00 19.64 ? 75  THR A CG2  1 
ATOM   738  H H    . THR A 1 76  ? 6.811   -8.416  10.974  0.00 0.00  ? 75  THR A H    1 
ATOM   739  H HG1  . THR A 1 76  ? 3.629   -10.277 9.983   0.00 0.00  ? 75  THR A HG1  1 
ATOM   740  N N    . GLN A 1 77  ? 8.738   -9.751  7.975   1.00 14.19 ? 76  GLN A N    1 
ATOM   741  C CA   . GLN A 1 77  ? 9.631   -9.118  7.007   1.00 13.52 ? 76  GLN A CA   1 
ATOM   742  C C    . GLN A 1 77  ? 9.712   -9.815  5.661   1.00 13.97 ? 76  GLN A C    1 
ATOM   743  O O    . GLN A 1 77  ? 9.396   -11.000 5.516   1.00 15.14 ? 76  GLN A O    1 
ATOM   744  C CB   . GLN A 1 77  ? 11.034  -9.006  7.572   1.00 13.17 ? 76  GLN A CB   1 
ATOM   745  C CG   . GLN A 1 77  ? 11.121  -8.045  8.744   1.00 14.58 ? 76  GLN A CG   1 
ATOM   746  C CD   . GLN A 1 77  ? 12.552  -8.023  9.236   1.00 16.59 ? 76  GLN A CD   1 
ATOM   747  O OE1  . GLN A 1 77  ? 13.537  -8.051  8.517   1.00 17.10 ? 76  GLN A OE1  1 
ATOM   748  N NE2  . GLN A 1 77  ? 12.652  -8.003  10.546  1.00 15.95 ? 76  GLN A NE2  1 
ATOM   749  H H    . GLN A 1 77  ? 8.982   -10.597 8.447   0.00 0.00  ? 76  GLN A H    1 
ATOM   750  H HE21 . GLN A 1 77  ? 13.578  -8.051  10.900  0.00 0.00  ? 76  GLN A HE21 1 
ATOM   751  H HE22 . GLN A 1 77  ? 11.825  -7.923  11.101  0.00 0.00  ? 76  GLN A HE22 1 
ATOM   752  N N    . PHE A 1 78  ? 10.138  -9.008  4.678   1.00 12.60 ? 77  PHE A N    1 
ATOM   753  C CA   . PHE A 1 78  ? 10.249  -9.426  3.270   1.00 8.95  ? 77  PHE A CA   1 
ATOM   754  C C    . PHE A 1 78  ? 11.538  -8.944  2.619   1.00 9.38  ? 77  PHE A C    1 
ATOM   755  O O    . PHE A 1 78  ? 12.030  -7.847  2.834   1.00 8.68  ? 77  PHE A O    1 
ATOM   756  C CB   . PHE A 1 78  ? 9.067   -8.924  2.444   1.00 7.25  ? 77  PHE A CB   1 
ATOM   757  C CG   . PHE A 1 78  ? 7.749   -9.264  3.123   1.00 4.52  ? 77  PHE A CG   1 
ATOM   758  C CD1  . PHE A 1 78  ? 7.210   -8.374  4.087   1.00 4.00  ? 77  PHE A CD1  1 
ATOM   759  C CD2  . PHE A 1 78  ? 7.096   -10.469 2.804   1.00 2.00  ? 77  PHE A CD2  1 
ATOM   760  C CE1  . PHE A 1 78  ? 6.035   -8.716  4.784   1.00 2.49  ? 77  PHE A CE1  1 
ATOM   761  C CE2  . PHE A 1 78  ? 5.921   -10.808 3.501   1.00 3.86  ? 77  PHE A CE2  1 
ATOM   762  C CZ   . PHE A 1 78  ? 5.409   -9.940  4.493   1.00 2.00  ? 77  PHE A CZ   1 
ATOM   763  H H    . PHE A 1 78  ? 10.287  -8.053  4.936   0.00 0.00  ? 77  PHE A H    1 
ATOM   764  N N    . SER A 1 79  ? 12.119  -9.827  1.835   1.00 10.26 ? 78  SER A N    1 
ATOM   765  C CA   . SER A 1 79  ? 13.391  -9.432  1.223   1.00 10.33 ? 78  SER A CA   1 
ATOM   766  C C    . SER A 1 79  ? 13.324  -8.384  0.123   1.00 11.16 ? 78  SER A C    1 
ATOM   767  O O    . SER A 1 79  ? 14.189  -7.531  -0.053  1.00 11.23 ? 78  SER A O    1 
ATOM   768  C CB   . SER A 1 79  ? 14.091  -10.645 0.667   1.00 10.78 ? 78  SER A CB   1 
ATOM   769  O OG   . SER A 1 79  ? 14.321  -11.568 1.733   1.00 14.58 ? 78  SER A OG   1 
ATOM   770  H H    . SER A 1 79  ? 11.704  -10.725 1.703   0.00 0.00  ? 78  SER A H    1 
ATOM   771  H HG   . SER A 1 79  ? 15.244  -11.494 1.958   0.00 0.00  ? 78  SER A HG   1 
ATOM   772  N N    . SER A 1 80  ? 12.202  -8.461  -0.578  1.00 10.97 ? 79  SER A N    1 
ATOM   773  C CA   . SER A 1 80  ? 11.878  -7.405  -1.537  1.00 12.28 ? 79  SER A CA   1 
ATOM   774  C C    . SER A 1 80  ? 10.467  -6.862  -1.447  1.00 12.03 ? 79  SER A C    1 
ATOM   775  O O    . SER A 1 80  ? 9.550   -7.455  -0.896  1.00 12.37 ? 79  SER A O    1 
ATOM   776  C CB   . SER A 1 80  ? 12.069  -7.876  -2.968  1.00 12.98 ? 79  SER A CB   1 
ATOM   777  O OG   . SER A 1 80  ? 11.285  -9.044  -3.181  1.00 11.64 ? 79  SER A OG   1 
ATOM   778  H H    . SER A 1 80  ? 11.619  -9.264  -0.447  0.00 0.00  ? 79  SER A H    1 
ATOM   779  H HG   . SER A 1 80  ? 11.776  -9.741  -2.750  0.00 0.00  ? 79  SER A HG   1 
ATOM   780  N N    . LEU A 1 81  ? 10.296  -5.700  -2.045  1.00 11.94 ? 80  LEU A N    1 
ATOM   781  C CA   . LEU A 1 81  ? 8.945   -5.140  -2.172  1.00 10.28 ? 80  LEU A CA   1 
ATOM   782  C C    . LEU A 1 81  ? 7.908   -6.006  -2.921  1.00 10.47 ? 80  LEU A C    1 
ATOM   783  O O    . LEU A 1 81  ? 6.751   -6.155  -2.555  1.00 12.03 ? 80  LEU A O    1 
ATOM   784  C CB   . LEU A 1 81  ? 9.133   -3.800  -2.835  1.00 12.36 ? 80  LEU A CB   1 
ATOM   785  C CG   . LEU A 1 81  ? 8.664   -2.579  -2.072  1.00 14.58 ? 80  LEU A CG   1 
ATOM   786  C CD1  . LEU A 1 81  ? 9.049   -2.539  -0.592  1.00 15.82 ? 80  LEU A CD1  1 
ATOM   787  C CD2  . LEU A 1 81  ? 9.213   -1.364  -2.808  1.00 15.14 ? 80  LEU A CD2  1 
ATOM   788  H H    . LEU A 1 81  ? 11.104  -5.237  -2.410  0.00 0.00  ? 80  LEU A H    1 
ATOM   789  N N    . GLN A 1 82  ? 8.417   -6.665  -3.966  1.00 8.27  ? 81  GLN A N    1 
ATOM   790  C CA   . GLN A 1 82  ? 7.723   -7.764  -4.639  1.00 8.96  ? 81  GLN A CA   1 
ATOM   791  C C    . GLN A 1 82  ? 7.125   -8.893  -3.766  1.00 11.01 ? 81  GLN A C    1 
ATOM   792  O O    . GLN A 1 82  ? 5.937   -9.191  -3.791  1.00 13.59 ? 81  GLN A O    1 
ATOM   793  C CB   . GLN A 1 82  ? 8.645   -8.369  -5.697  1.00 7.35  ? 81  GLN A CB   1 
ATOM   794  C CG   . GLN A 1 82  ? 8.943   -7.479  -6.909  1.00 7.86  ? 81  GLN A CG   1 
ATOM   795  C CD   . GLN A 1 82  ? 10.130  -6.568  -6.713  1.00 9.45  ? 81  GLN A CD   1 
ATOM   796  O OE1  . GLN A 1 82  ? 10.657  -6.313  -5.646  1.00 10.73 ? 81  GLN A OE1  1 
ATOM   797  N NE2  . GLN A 1 82  ? 10.533  -5.993  -7.822  1.00 12.54 ? 81  GLN A NE2  1 
ATOM   798  H H    . GLN A 1 82  ? 9.357   -6.419  -4.205  0.00 0.00  ? 81  GLN A H    1 
ATOM   799  H HE21 . GLN A 1 82  ? 11.219  -5.271  -7.734  0.00 0.00  ? 81  GLN A HE21 1 
ATOM   800  H HE22 . GLN A 1 82  ? 10.244  -6.337  -8.710  0.00 0.00  ? 81  GLN A HE22 1 
ATOM   801  N N    . GLN A 1 83  ? 7.985   -9.502  -2.942  1.00 11.55 ? 82  GLN A N    1 
ATOM   802  C CA   . GLN A 1 83  ? 7.518   -10.402 -1.881  1.00 10.56 ? 82  GLN A CA   1 
ATOM   803  C C    . GLN A 1 83  ? 6.483   -9.827  -0.885  1.00 11.24 ? 82  GLN A C    1 
ATOM   804  O O    . GLN A 1 83  ? 5.459   -10.434 -0.594  1.00 9.15  ? 82  GLN A O    1 
ATOM   805  C CB   . GLN A 1 83  ? 8.751   -10.993 -1.216  1.00 12.81 ? 82  GLN A CB   1 
ATOM   806  C CG   . GLN A 1 83  ? 9.534   -11.827 -2.240  1.00 15.72 ? 82  GLN A CG   1 
ATOM   807  C CD   . GLN A 1 83  ? 11.017  -11.959 -1.869  1.00 21.67 ? 82  GLN A CD   1 
ATOM   808  O OE1  . GLN A 1 83  ? 11.696  -11.045 -1.422  1.00 22.84 ? 82  GLN A OE1  1 
ATOM   809  N NE2  . GLN A 1 83  ? 11.569  -13.137 -2.120  1.00 20.34 ? 82  GLN A NE2  1 
ATOM   810  H H    . GLN A 1 83  ? 8.954   -9.280  -3.064  0.00 0.00  ? 82  GLN A H    1 
ATOM   811  H HE21 . GLN A 1 83  ? 12.542  -13.114 -1.891  0.00 0.00  ? 82  GLN A HE21 1 
ATOM   812  H HE22 . GLN A 1 83  ? 11.046  -13.888 -2.510  0.00 0.00  ? 82  GLN A HE22 1 
ATOM   813  N N    . LEU A 1 84  ? 6.732   -8.575  -0.445  1.00 11.02 ? 83  LEU A N    1 
ATOM   814  C CA   . LEU A 1 84  ? 5.759   -7.849  0.401   1.00 10.19 ? 83  LEU A CA   1 
ATOM   815  C C    . LEU A 1 84  ? 4.356   -7.850  -0.204  1.00 10.08 ? 83  LEU A C    1 
ATOM   816  O O    . LEU A 1 84  ? 3.373   -8.283  0.381   1.00 9.63  ? 83  LEU A O    1 
ATOM   817  C CB   . LEU A 1 84  ? 6.321   -6.423  0.652   1.00 10.22 ? 83  LEU A CB   1 
ATOM   818  C CG   . LEU A 1 84  ? 5.720   -5.291  1.538   1.00 9.96  ? 83  LEU A CG   1 
ATOM   819  C CD1  . LEU A 1 84  ? 4.202   -5.084  1.476   1.00 9.31  ? 83  LEU A CD1  1 
ATOM   820  C CD2  . LEU A 1 84  ? 6.264   -5.299  2.949   1.00 10.22 ? 83  LEU A CD2  1 
ATOM   821  H H    . LEU A 1 84  ? 7.629   -8.190  -0.667  0.00 0.00  ? 83  LEU A H    1 
ATOM   822  N N    . VAL A 1 85  ? 4.315   -7.374  -1.463  1.00 9.84  ? 84  VAL A N    1 
ATOM   823  C CA   . VAL A 1 85  ? 2.997   -7.253  -2.085  1.00 7.09  ? 84  VAL A CA   1 
ATOM   824  C C    . VAL A 1 85  ? 2.318   -8.565  -2.468  1.00 7.97  ? 84  VAL A C    1 
ATOM   825  O O    . VAL A 1 85  ? 1.121   -8.800  -2.332  1.00 8.25  ? 84  VAL A O    1 
ATOM   826  C CB   . VAL A 1 85  ? 2.940   -6.196  -3.224  1.00 6.78  ? 84  VAL A CB   1 
ATOM   827  C CG1  . VAL A 1 85  ? 3.876   -5.009  -2.982  1.00 9.52  ? 84  VAL A CG1  1 
ATOM   828  C CG2  . VAL A 1 85  ? 3.062   -6.746  -4.636  1.00 7.05  ? 84  VAL A CG2  1 
ATOM   829  H H    . VAL A 1 85  ? 5.171   -7.046  -1.865  0.00 0.00  ? 84  VAL A H    1 
ATOM   830  N N    . ALA A 1 86  ? 3.175   -9.487  -2.906  1.00 7.75  ? 85  ALA A N    1 
ATOM   831  C CA   . ALA A 1 86  ? 2.662   -10.830 -3.163  1.00 6.27  ? 85  ALA A CA   1 
ATOM   832  C C    . ALA A 1 86  ? 2.088   -11.581 -1.940  1.00 5.55  ? 85  ALA A C    1 
ATOM   833  O O    . ALA A 1 86  ? 1.138   -12.342 -2.078  1.00 7.77  ? 85  ALA A O    1 
ATOM   834  C CB   . ALA A 1 86  ? 3.747   -11.680 -3.836  1.00 5.91  ? 85  ALA A CB   1 
ATOM   835  H H    . ALA A 1 86  ? 4.143   -9.241  -2.984  0.00 0.00  ? 85  ALA A H    1 
ATOM   836  N N    . TYR A 1 87  ? 2.656   -11.309 -0.756  1.00 5.50  ? 86  TYR A N    1 
ATOM   837  C CA   . TYR A 1 87  ? 2.087   -11.754 0.516   1.00 6.19  ? 86  TYR A CA   1 
ATOM   838  C C    . TYR A 1 87  ? 0.696   -11.192 0.879   1.00 6.85  ? 86  TYR A C    1 
ATOM   839  O O    . TYR A 1 87  ? -0.310  -11.872 0.998   1.00 7.97  ? 86  TYR A O    1 
ATOM   840  C CB   . TYR A 1 87  ? 3.111   -11.421 1.590   1.00 9.78  ? 86  TYR A CB   1 
ATOM   841  C CG   . TYR A 1 87  ? 2.709   -11.917 2.971   1.00 13.67 ? 86  TYR A CG   1 
ATOM   842  C CD1  . TYR A 1 87  ? 3.039   -13.238 3.357   1.00 13.57 ? 86  TYR A CD1  1 
ATOM   843  C CD2  . TYR A 1 87  ? 2.036   -11.038 3.851   1.00 14.95 ? 86  TYR A CD2  1 
ATOM   844  C CE1  . TYR A 1 87  ? 2.731   -13.661 4.661   1.00 14.62 ? 86  TYR A CE1  1 
ATOM   845  C CE2  . TYR A 1 87  ? 1.735   -11.456 5.156   1.00 15.25 ? 86  TYR A CE2  1 
ATOM   846  C CZ   . TYR A 1 87  ? 2.102   -12.758 5.547   1.00 16.20 ? 86  TYR A CZ   1 
ATOM   847  O OH   . TYR A 1 87  ? 1.864   -13.170 6.838   1.00 20.71 ? 86  TYR A OH   1 
ATOM   848  H H    . TYR A 1 87  ? 3.507   -10.772 -0.748  0.00 0.00  ? 86  TYR A H    1 
ATOM   849  H HH   . TYR A 1 87  ? 1.336   -12.517 7.315   0.00 0.00  ? 86  TYR A HH   1 
ATOM   850  N N    . TYR A 1 88  ? 0.669   -9.870  0.980   1.00 7.83  ? 87  TYR A N    1 
ATOM   851  C CA   . TYR A 1 88  ? -0.567  -9.157  1.275   1.00 6.70  ? 87  TYR A CA   1 
ATOM   852  C C    . TYR A 1 88  ? -1.717  -9.298  0.272   1.00 6.35  ? 87  TYR A C    1 
ATOM   853  O O    . TYR A 1 88  ? -2.889  -9.096  0.538   1.00 5.29  ? 87  TYR A O    1 
ATOM   854  C CB   . TYR A 1 88  ? -0.169  -7.713  1.573   1.00 5.70  ? 87  TYR A CB   1 
ATOM   855  C CG   . TYR A 1 88  ? 0.537   -7.631  2.916   1.00 6.29  ? 87  TYR A CG   1 
ATOM   856  C CD1  . TYR A 1 88  ? -0.159  -8.008  4.085   1.00 7.60  ? 87  TYR A CD1  1 
ATOM   857  C CD2  . TYR A 1 88  ? 1.858   -7.135  2.984   1.00 5.00  ? 87  TYR A CD2  1 
ATOM   858  C CE1  . TYR A 1 88  ? 0.432   -7.824  5.349   1.00 6.97  ? 87  TYR A CE1  1 
ATOM   859  C CE2  . TYR A 1 88  ? 2.467   -6.956  4.241   1.00 3.88  ? 87  TYR A CE2  1 
ATOM   860  C CZ   . TYR A 1 88  ? 1.737   -7.294  5.403   1.00 9.03  ? 87  TYR A CZ   1 
ATOM   861  O OH   . TYR A 1 88  ? 2.320   -7.089  6.639   1.00 13.24 ? 87  TYR A OH   1 
ATOM   862  H H    . TYR A 1 88  ? 1.537   -9.373  0.904   0.00 0.00  ? 87  TYR A H    1 
ATOM   863  H HH   . TYR A 1 88  ? 1.723   -7.391  7.322   0.00 0.00  ? 87  TYR A HH   1 
ATOM   864  N N    . SER A 1 89  ? -1.339  -9.748  -0.930  1.00 9.31  ? 88  SER A N    1 
ATOM   865  C CA   . SER A 1 89  ? -2.382  -10.275 -1.839  1.00 10.36 ? 88  SER A CA   1 
ATOM   866  C C    . SER A 1 89  ? -2.979  -11.654 -1.556  1.00 11.87 ? 88  SER A C    1 
ATOM   867  O O    . SER A 1 89  ? -4.030  -12.028 -2.049  1.00 15.47 ? 88  SER A O    1 
ATOM   868  C CB   . SER A 1 89  ? -1.901  -10.408 -3.267  1.00 9.77  ? 88  SER A CB   1 
ATOM   869  O OG   . SER A 1 89  ? -1.171  -9.251  -3.661  1.00 11.17 ? 88  SER A OG   1 
ATOM   870  H H    . SER A 1 89  ? -0.354  -9.771  -1.101  0.00 0.00  ? 88  SER A H    1 
ATOM   871  H HG   . SER A 1 89  ? -0.592  -8.991  -2.952  0.00 0.00  ? 88  SER A HG   1 
ATOM   872  N N    . LYS A 1 90  ? -2.250  -12.455 -0.787  1.00 14.39 ? 89  LYS A N    1 
ATOM   873  C CA   . LYS A 1 90  ? -2.806  -13.750 -0.371  1.00 15.94 ? 89  LYS A CA   1 
ATOM   874  C C    . LYS A 1 90  ? -3.568  -13.643 0.947   1.00 16.64 ? 89  LYS A C    1 
ATOM   875  O O    . LYS A 1 90  ? -4.630  -14.193 1.164   1.00 16.20 ? 89  LYS A O    1 
ATOM   876  C CB   . LYS A 1 90  ? -1.703  -14.778 -0.119  1.00 17.82 ? 89  LYS A CB   1 
ATOM   877  C CG   . LYS A 1 90  ? -0.479  -14.810 -1.047  1.00 24.33 ? 89  LYS A CG   1 
ATOM   878  C CD   . LYS A 1 90  ? -0.566  -15.709 -2.286  1.00 28.61 ? 89  LYS A CD   1 
ATOM   879  C CE   . LYS A 1 90  ? 0.652   -15.604 -3.241  1.00 32.40 ? 89  LYS A CE   1 
ATOM   880  N NZ   . LYS A 1 90  ? 0.697   -14.308 -3.951  1.00 34.55 ? 89  LYS A NZ   1 
ATOM   881  H H    . LYS A 1 90  ? -1.381  -12.120 -0.434  0.00 0.00  ? 89  LYS A H    1 
ATOM   882  H HZ1  . LYS A 1 90  ? 0.754   -13.539 -3.246  0.00 0.00  ? 89  LYS A HZ1  1 
ATOM   883  H HZ2  . LYS A 1 90  ? 1.560   -14.295 -4.538  0.00 0.00  ? 89  LYS A HZ2  1 
ATOM   884  H HZ3  . LYS A 1 90  ? -0.149  -14.170 -4.541  0.00 0.00  ? 89  LYS A HZ3  1 
ATOM   885  N N    . HIS A 1 91  ? -2.958  -12.867 1.838   1.00 17.94 ? 90  HIS A N    1 
ATOM   886  C CA   . HIS A 1 91  ? -3.643  -12.563 3.089   1.00 19.08 ? 90  HIS A CA   1 
ATOM   887  C C    . HIS A 1 91  ? -3.502  -11.136 3.578   1.00 17.03 ? 90  HIS A C    1 
ATOM   888  O O    . HIS A 1 91  ? -2.456  -10.519 3.487   1.00 16.34 ? 90  HIS A O    1 
ATOM   889  C CB   . HIS A 1 91  ? -3.237  -13.453 4.268   1.00 22.50 ? 90  HIS A CB   1 
ATOM   890  C CG   . HIS A 1 91  ? -2.162  -14.431 3.925   1.00 25.33 ? 90  HIS A CG   1 
ATOM   891  N ND1  . HIS A 1 91  ? -2.412  -15.733 3.666   1.00 28.56 ? 90  HIS A ND1  1 
ATOM   892  C CD2  . HIS A 1 91  ? -0.795  -14.188 3.817   1.00 28.15 ? 90  HIS A CD2  1 
ATOM   893  C CE1  . HIS A 1 91  ? -1.214  -16.334 3.390   1.00 28.80 ? 90  HIS A CE1  1 
ATOM   894  N NE2  . HIS A 1 91  ? -0.230  -15.380 3.484   1.00 30.58 ? 90  HIS A NE2  1 
ATOM   895  H H    . HIS A 1 91  ? -2.035  -12.524 1.652   0.00 0.00  ? 90  HIS A H    1 
ATOM   896  H HD1  . HIS A 1 91  ? -3.286  -16.167 3.653   0.00 0.00  ? 90  HIS A HD1  1 
ATOM   897  N N    . ALA A 1 92  ? -4.602  -10.662 4.162   1.00 17.07 ? 91  ALA A N    1 
ATOM   898  C CA   . ALA A 1 92  ? -4.505  -9.361  4.829   1.00 16.97 ? 91  ALA A CA   1 
ATOM   899  C C    . ALA A 1 92  ? -3.553  -9.272  6.037   1.00 16.41 ? 91  ALA A C    1 
ATOM   900  O O    . ALA A 1 92  ? -2.790  -8.330  6.195   1.00 18.20 ? 91  ALA A O    1 
ATOM   901  C CB   . ALA A 1 92  ? -5.911  -8.888  5.205   1.00 13.58 ? 91  ALA A CB   1 
ATOM   902  H H    . ALA A 1 92  ? -5.438  -11.212 4.132   0.00 0.00  ? 91  ALA A H    1 
ATOM   903  N N    . ASP A 1 93  ? -3.623  -10.298 6.910   1.00 18.32 ? 92  ASP A N    1 
ATOM   904  C CA   . ASP A 1 93  ? -2.717  -10.370 8.093   1.00 18.34 ? 92  ASP A CA   1 
ATOM   905  C C    . ASP A 1 93  ? -2.655  -9.095  8.978   1.00 17.84 ? 92  ASP A C    1 
ATOM   906  O O    . ASP A 1 93  ? -1.627  -8.495  9.266   1.00 17.53 ? 92  ASP A O    1 
ATOM   907  C CB   . ASP A 1 93  ? -1.330  -10.901 7.622   1.00 20.50 ? 92  ASP A CB   1 
ATOM   908  C CG   . ASP A 1 93  ? -0.410  -11.377 8.748   1.00 22.22 ? 92  ASP A CG   1 
ATOM   909  O OD1  . ASP A 1 93  ? -0.893  -11.915 9.729   1.00 25.59 ? 92  ASP A OD1  1 
ATOM   910  O OD2  . ASP A 1 93  ? 0.803   -11.209 8.654   1.00 23.00 ? 92  ASP A OD2  1 
ATOM   911  H H    . ASP A 1 93  ? -4.191  -11.065 6.633   0.00 0.00  ? 92  ASP A H    1 
ATOM   912  N N    . GLY A 1 94  ? -3.852  -8.619  9.356   1.00 17.43 ? 93  GLY A N    1 
ATOM   913  C CA   . GLY A 1 94  ? -3.849  -7.289  9.990   1.00 16.02 ? 93  GLY A CA   1 
ATOM   914  C C    . GLY A 1 94  ? -4.167  -6.053  9.116   1.00 15.63 ? 93  GLY A C    1 
ATOM   915  O O    . GLY A 1 94  ? -4.613  -5.029  9.607   1.00 16.99 ? 93  GLY A O    1 
ATOM   916  H H    . GLY A 1 94  ? -4.694  -9.099  9.108   0.00 0.00  ? 93  GLY A H    1 
ATOM   917  N N    . LEU A 1 95  ? -3.909  -6.147  7.795   1.00 13.51 ? 94  LEU A N    1 
ATOM   918  C CA   . LEU A 1 95  ? -4.335  -5.057  6.891   1.00 11.41 ? 94  LEU A CA   1 
ATOM   919  C C    . LEU A 1 95  ? -5.843  -4.813  6.806   1.00 11.90 ? 94  LEU A C    1 
ATOM   920  O O    . LEU A 1 95  ? -6.639  -5.733  6.952   1.00 13.41 ? 94  LEU A O    1 
ATOM   921  C CB   . LEU A 1 95  ? -3.830  -5.347  5.479   1.00 9.71  ? 94  LEU A CB   1 
ATOM   922  C CG   . LEU A 1 95  ? -2.586  -4.624  4.998   1.00 10.23 ? 94  LEU A CG   1 
ATOM   923  C CD1  . LEU A 1 95  ? -1.404  -4.619  5.982   1.00 10.43 ? 94  LEU A CD1  1 
ATOM   924  C CD2  . LEU A 1 95  ? -2.215  -5.176  3.620   1.00 12.25 ? 94  LEU A CD2  1 
ATOM   925  H H    . LEU A 1 95  ? -3.469  -6.971  7.439   0.00 0.00  ? 94  LEU A H    1 
ATOM   926  N N    . CYS A 1 96  ? -6.222  -3.573  6.468   1.00 12.49 ? 95  CYS A N    1 
ATOM   927  C CA   . CYS A 1 96  ? -7.670  -3.313  6.200   1.00 14.05 ? 95  CYS A CA   1 
ATOM   928  C C    . CYS A 1 96  ? -8.471  -4.264  5.264   1.00 15.16 ? 95  CYS A C    1 
ATOM   929  O O    . CYS A 1 96  ? -9.648  -4.596  5.435   1.00 14.18 ? 95  CYS A O    1 
ATOM   930  C CB   . CYS A 1 96  ? -7.894  -1.884  5.714   1.00 13.05 ? 95  CYS A CB   1 
ATOM   931  S SG   . CYS A 1 96  ? -7.122  -1.480  4.093   1.00 15.26 ? 95  CYS A SG   1 
ATOM   932  H H    . CYS A 1 96  ? -5.546  -2.857  6.640   0.00 0.00  ? 95  CYS A H    1 
ATOM   933  N N    . HIS A 1 97  ? -7.710  -4.698  4.248   1.00 13.69 ? 96  HIS A N    1 
ATOM   934  C CA   . HIS A 1 97  ? -8.161  -5.615  3.211   1.00 12.16 ? 96  HIS A CA   1 
ATOM   935  C C    . HIS A 1 97  ? -6.940  -6.334  2.612   1.00 13.78 ? 96  HIS A C    1 
ATOM   936  O O    . HIS A 1 97  ? -5.824  -5.837  2.602   1.00 14.80 ? 96  HIS A O    1 
ATOM   937  C CB   . HIS A 1 97  ? -8.923  -4.841  2.107   1.00 10.24 ? 96  HIS A CB   1 
ATOM   938  C CG   . HIS A 1 97  ? -9.828  -5.763  1.311   1.00 8.99  ? 96  HIS A CG   1 
ATOM   939  N ND1  . HIS A 1 97  ? -11.076 -6.086  1.687   1.00 9.24  ? 96  HIS A ND1  1 
ATOM   940  C CD2  . HIS A 1 97  ? -9.563  -6.442  0.120   1.00 9.13  ? 96  HIS A CD2  1 
ATOM   941  C CE1  . HIS A 1 97  ? -11.599 -6.946  0.759   1.00 8.45  ? 96  HIS A CE1  1 
ATOM   942  N NE2  . HIS A 1 97  ? -10.661 -7.171  -0.200  1.00 10.19 ? 96  HIS A NE2  1 
ATOM   943  H H    . HIS A 1 97  ? -6.801  -4.296  4.178   0.00 0.00  ? 96  HIS A H    1 
ATOM   944  H HD1  . HIS A 1 97  ? -11.542 -5.731  2.466   0.00 0.00  ? 96  HIS A HD1  1 
ATOM   945  N N    . ARG A 1 98  ? -7.197  -7.521  2.078   1.00 14.14 ? 97  ARG A N    1 
ATOM   946  C CA   . ARG A 1 98  ? -6.240  -8.111  1.149   1.00 12.08 ? 97  ARG A CA   1 
ATOM   947  C C    . ARG A 1 98  ? -5.984  -7.319  -0.156  1.00 11.42 ? 97  ARG A C    1 
ATOM   948  O O    . ARG A 1 98  ? -6.875  -6.751  -0.758  1.00 11.60 ? 97  ARG A O    1 
ATOM   949  C CB   . ARG A 1 98  ? -6.837  -9.466  0.891   1.00 12.87 ? 97  ARG A CB   1 
ATOM   950  C CG   . ARG A 1 98  ? -5.925  -10.496 0.287   1.00 17.12 ? 97  ARG A CG   1 
ATOM   951  C CD   . ARG A 1 98  ? -6.757  -11.733 -0.075  1.00 18.09 ? 97  ARG A CD   1 
ATOM   952  N NE   . ARG A 1 98  ? -7.855  -11.362 -0.975  1.00 19.91 ? 97  ARG A NE   1 
ATOM   953  C CZ   . ARG A 1 98  ? -7.699  -11.152 -2.280  1.00 19.82 ? 97  ARG A CZ   1 
ATOM   954  N NH1  . ARG A 1 98  ? -6.541  -11.305 -2.882  1.00 18.89 ? 97  ARG A NH1  1 
ATOM   955  N NH2  . ARG A 1 98  ? -8.747  -10.766 -2.956  1.00 21.13 ? 97  ARG A NH2  1 
ATOM   956  H H    . ARG A 1 98  ? -8.095  -7.928  2.223   0.00 0.00  ? 97  ARG A H    1 
ATOM   957  H HE   . ARG A 1 98  ? -8.768  -11.236 -0.585  0.00 0.00  ? 97  ARG A HE   1 
ATOM   958  H HH11 . ARG A 1 98  ? -5.754  -11.586 -2.324  0.00 0.00  ? 97  ARG A HH11 1 
ATOM   959  H HH12 . ARG A 1 98  ? -6.401  -11.150 -3.851  0.00 0.00  ? 97  ARG A HH12 1 
ATOM   960  H HH21 . ARG A 1 98  ? -9.612  -10.623 -2.464  0.00 0.00  ? 97  ARG A HH21 1 
ATOM   961  H HH22 . ARG A 1 98  ? -8.681  -10.582 -3.927  0.00 0.00  ? 97  ARG A HH22 1 
ATOM   962  N N    . LEU A 1 99  ? -4.738  -7.306  -0.620  1.00 10.92 ? 98  LEU A N    1 
ATOM   963  C CA   . LEU A 1 99  ? -4.507  -6.620  -1.905  1.00 10.07 ? 98  LEU A CA   1 
ATOM   964  C C    . LEU A 1 99  ? -5.140  -7.272  -3.120  1.00 11.03 ? 98  LEU A C    1 
ATOM   965  O O    . LEU A 1 99  ? -5.078  -8.474  -3.364  1.00 12.83 ? 98  LEU A O    1 
ATOM   966  C CB   . LEU A 1 99  ? -3.022  -6.410  -2.150  1.00 7.63  ? 98  LEU A CB   1 
ATOM   967  C CG   . LEU A 1 99  ? -2.362  -5.165  -1.563  1.00 6.98  ? 98  LEU A CG   1 
ATOM   968  C CD1  . LEU A 1 99  ? -3.060  -4.497  -0.375  1.00 3.17  ? 98  LEU A CD1  1 
ATOM   969  C CD2  . LEU A 1 99  ? -0.876  -5.464  -1.354  1.00 4.78  ? 98  LEU A CD2  1 
ATOM   970  H H    . LEU A 1 99  ? -4.016  -7.726  -0.072  0.00 0.00  ? 98  LEU A H    1 
ATOM   971  N N    . THR A 1 100 ? -5.828  -6.407  -3.855  1.00 11.91 ? 99  THR A N    1 
ATOM   972  C CA   . THR A 1 100 ? -6.568  -6.931  -5.011  1.00 11.16 ? 99  THR A CA   1 
ATOM   973  C C    . THR A 1 100 ? -6.058  -6.363  -6.325  1.00 12.56 ? 99  THR A C    1 
ATOM   974  O O    . THR A 1 100 ? -5.173  -6.880  -6.980  1.00 14.97 ? 99  THR A O    1 
ATOM   975  C CB   . THR A 1 100 ? -8.126  -6.791  -4.874  1.00 10.20 ? 99  THR A CB   1 
ATOM   976  O OG1  . THR A 1 100 ? -8.566  -5.422  -4.915  1.00 5.97  ? 99  THR A OG1  1 
ATOM   977  C CG2  . THR A 1 100 ? -8.693  -7.447  -3.606  1.00 8.80  ? 99  THR A CG2  1 
ATOM   978  H H    . THR A 1 100 ? -5.812  -5.450  -3.561  0.00 0.00  ? 99  THR A H    1 
ATOM   979  H HG1  . THR A 1 100 ? -9.316  -5.365  -4.313  0.00 0.00  ? 99  THR A HG1  1 
ATOM   980  N N    . ASN A 1 101 ? -6.628  -5.243  -6.690  1.00 14.40 ? 100 ASN A N    1 
ATOM   981  C CA   . ASN A 1 101 ? -6.352  -4.603  -7.960  1.00 15.44 ? 100 ASN A CA   1 
ATOM   982  C C    . ASN A 1 101 ? -5.139  -3.673  -7.930  1.00 15.49 ? 100 ASN A C    1 
ATOM   983  O O    . ASN A 1 101 ? -5.059  -2.794  -7.085  1.00 15.18 ? 100 ASN A O    1 
ATOM   984  C CB   . ASN A 1 101 ? -7.617  -3.789  -8.230  1.00 17.45 ? 100 ASN A CB   1 
ATOM   985  C CG   . ASN A 1 101 ? -8.183  -4.099  -9.582  1.00 19.25 ? 100 ASN A CG   1 
ATOM   986  O OD1  . ASN A 1 101 ? -8.642  -5.190  -9.862  1.00 19.30 ? 100 ASN A OD1  1 
ATOM   987  N ND2  . ASN A 1 101 ? -8.102  -3.095  -10.447 1.00 23.46 ? 100 ASN A ND2  1 
ATOM   988  H H    . ASN A 1 101 ? -7.176  -4.784  -5.991  0.00 0.00  ? 100 ASN A H    1 
ATOM   989  H HD21 . ASN A 1 101 ? -8.430  -3.307  -11.364 0.00 0.00  ? 100 ASN A HD21 1 
ATOM   990  H HD22 . ASN A 1 101 ? -7.756  -2.192  -10.203 0.00 0.00  ? 100 ASN A HD22 1 
ATOM   991  N N    . VAL A 1 102 ? -4.223  -3.797  -8.904  1.00 16.44 ? 101 VAL A N    1 
ATOM   992  C CA   . VAL A 1 102 ? -3.384  -2.581  -9.018  1.00 16.87 ? 101 VAL A CA   1 
ATOM   993  C C    . VAL A 1 102 ? -4.146  -1.356  -9.560  1.00 17.51 ? 101 VAL A C    1 
ATOM   994  O O    . VAL A 1 102 ? -4.976  -1.451  -10.456 1.00 16.58 ? 101 VAL A O    1 
ATOM   995  C CB   . VAL A 1 102 ? -1.965  -2.770  -9.669  1.00 15.78 ? 101 VAL A CB   1 
ATOM   996  C CG1  . VAL A 1 102 ? -1.461  -4.224  -9.624  1.00 13.59 ? 101 VAL A CG1  1 
ATOM   997  C CG2  . VAL A 1 102 ? -1.804  -2.161  -11.059 1.00 13.51 ? 101 VAL A CG2  1 
ATOM   998  H H    . VAL A 1 102 ? -4.294  -4.552  -9.563  0.00 0.00  ? 101 VAL A H    1 
ATOM   999  N N    . CYS A 1 103 ? -3.874  -0.210  -8.932  1.00 19.21 ? 102 CYS A N    1 
ATOM   1000 C CA   . CYS A 1 103 ? -4.544  1.032   -9.353  1.00 19.87 ? 102 CYS A CA   1 
ATOM   1001 C C    . CYS A 1 103 ? -4.274  1.429   -10.800 1.00 22.66 ? 102 CYS A C    1 
ATOM   1002 O O    . CYS A 1 103 ? -3.136  1.523   -11.231 1.00 25.39 ? 102 CYS A O    1 
ATOM   1003 C CB   . CYS A 1 103 ? -4.094  2.171   -8.439  1.00 18.59 ? 102 CYS A CB   1 
ATOM   1004 S SG   . CYS A 1 103 ? -4.874  3.777   -8.695  1.00 16.12 ? 102 CYS A SG   1 
ATOM   1005 H H    . CYS A 1 103 ? -3.194  -0.240  -8.193  0.00 0.00  ? 102 CYS A H    1 
ATOM   1006 N N    . PRO A 1 104 ? -5.337  1.660   -11.579 1.00 22.99 ? 103 PRO A N    1 
ATOM   1007 C CA   . PRO A 1 104 ? -5.066  2.278   -12.880 1.00 25.26 ? 103 PRO A CA   1 
ATOM   1008 C C    . PRO A 1 104 ? -4.806  3.787   -12.725 1.00 29.28 ? 103 PRO A C    1 
ATOM   1009 O O    . PRO A 1 104 ? -5.491  4.485   -11.975 1.00 29.96 ? 103 PRO A O    1 
ATOM   1010 C CB   . PRO A 1 104 ? -6.322  1.870   -13.664 1.00 25.14 ? 103 PRO A CB   1 
ATOM   1011 C CG   . PRO A 1 104 ? -7.452  1.685   -12.623 1.00 23.60 ? 103 PRO A CG   1 
ATOM   1012 C CD   . PRO A 1 104 ? -6.740  1.389   -11.300 1.00 22.61 ? 103 PRO A CD   1 
ATOM   1013 N N    . THR A 1 105 ? -3.779  4.246   -13.430 1.00 32.56 ? 104 THR A N    1 
ATOM   1014 C CA   . THR A 1 105 ? -3.290  5.622   -13.242 1.00 36.69 ? 104 THR A CA   1 
ATOM   1015 C C    . THR A 1 105 ? -1.884  5.739   -13.811 1.00 39.06 ? 104 THR A C    1 
ATOM   1016 O O    . THR A 1 105 ? -1.268  6.793   -13.625 1.00 41.60 ? 104 THR A O    1 
ATOM   1017 C CB   . THR A 1 105 ? -4.174  6.718   -13.910 1.00 38.33 ? 104 THR A CB   1 
ATOM   1018 O OG1  . THR A 1 105 ? -5.516  6.835   -13.335 1.00 40.65 ? 104 THR A OG1  1 
ATOM   1019 C CG2  . THR A 1 105 ? -4.234  6.498   -15.439 1.00 38.12 ? 104 THR A CG2  1 
ATOM   1020 H H    . THR A 1 105 ? -3.189  3.699   -14.017 0.00 0.00  ? 104 THR A H    1 
ATOM   1021 H HG1  . THR A 1 105 ? -5.530  6.227   -12.601 0.00 0.00  ? 104 THR A HG1  1 
HETATM 1022 C C1   . UR2 B 2 .   ? 1.268   8.365   4.883   1.00 8.17  ? 113 UR2 A C1   1 
HETATM 1023 C C10  . UR2 B 2 .   ? -0.859  8.602   10.923  1.00 26.42 ? 113 UR2 A C10  1 
HETATM 1024 C C13  . UR2 B 2 .   ? -0.370  5.373   9.869   1.00 13.28 ? 113 UR2 A C13  1 
HETATM 1025 C C16  . UR2 B 2 .   ? -0.578  2.940   9.755   1.00 9.87  ? 113 UR2 A C16  1 
HETATM 1026 C C17  . UR2 B 2 .   ? -1.517  1.985   8.976   1.00 9.63  ? 113 UR2 A C17  1 
HETATM 1027 C C18  . UR2 B 2 .   ? -3.004  2.363   8.970   1.00 11.10 ? 113 UR2 A C18  1 
HETATM 1028 C C19  . UR2 B 2 .   ? -3.555  2.671   10.352  1.00 14.84 ? 113 UR2 A C19  1 
HETATM 1029 C C2   . UR2 B 2 .   ? 1.568   7.149   5.486   1.00 10.69 ? 113 UR2 A C2   1 
HETATM 1030 C C22  . UR2 B 2 .   ? 0.889   2.421   9.591   1.00 8.98  ? 113 UR2 A C22  1 
HETATM 1031 C C25  . UR2 B 2 .   ? 2.715   0.906   9.950   1.00 3.73  ? 113 UR2 A C25  1 
HETATM 1032 C C26  . UR2 B 2 .   ? 0.845   1.010   11.673  1.00 8.63  ? 113 UR2 A C26  1 
HETATM 1033 C C27  . UR2 B 2 .   ? -0.124  -0.174  11.629  1.00 10.39 ? 113 UR2 A C27  1 
HETATM 1034 C C28  . UR2 B 2 .   ? 0.449   -1.355  10.835  1.00 12.57 ? 113 UR2 A C28  1 
HETATM 1035 C C29  . UR2 B 2 .   ? -0.305  -2.689  11.039  1.00 14.23 ? 113 UR2 A C29  1 
HETATM 1036 C C3   . UR2 B 2 .   ? 0.750   6.678   6.517   1.00 11.60 ? 113 UR2 A C3   1 
HETATM 1037 C C30  . UR2 B 2 .   ? 0.206   -3.457  12.280  1.00 14.99 ? 113 UR2 A C30  1 
HETATM 1038 C C31  . UR2 B 2 .   ? -0.491  -4.813  12.446  1.00 15.04 ? 113 UR2 A C31  1 
HETATM 1039 C C32  . UR2 B 2 .   ? -0.436  -5.669  11.169  1.00 13.80 ? 113 UR2 A C32  1 
HETATM 1040 C C33  . UR2 B 2 .   ? -0.973  -4.868  9.975   1.00 12.66 ? 113 UR2 A C33  1 
HETATM 1041 C C34  . UR2 B 2 .   ? -0.181  -3.580  9.797   1.00 13.07 ? 113 UR2 A C34  1 
HETATM 1042 C C4   . UR2 B 2 .   ? -0.365  7.415   6.933   1.00 12.78 ? 113 UR2 A C4   1 
HETATM 1043 C C5   . UR2 B 2 .   ? -0.636  8.653   6.321   1.00 10.71 ? 113 UR2 A C5   1 
HETATM 1044 C C6   . UR2 B 2 .   ? 0.195   9.129   5.295   1.00 6.67  ? 113 UR2 A C6   1 
HETATM 1045 C C7   . UR2 B 2 .   ? -1.260  6.852   8.009   1.00 11.15 ? 113 UR2 A C7   1 
HETATM 1046 C C9   . UR2 B 2 .   ? 0.051   7.780   9.969   1.00 20.25 ? 113 UR2 A C9   1 
HETATM 1047 N N15  . UR2 B 2 .   ? -0.745  4.293   9.193   1.00 11.08 ? 113 UR2 A N15  1 
HETATM 1048 N N24  . UR2 B 2 .   ? 1.416   1.442   10.394  1.00 7.02  ? 113 UR2 A N24  1 
HETATM 1049 N N8   . UR2 B 2 .   ? -0.547  6.604   9.273   1.00 13.65 ? 113 UR2 A N8   1 
HETATM 1050 O O11  . UR2 B 2 .   ? -0.165  9.634   11.429  1.00 30.91 ? 113 UR2 A O11  1 
HETATM 1051 O O12  . UR2 B 2 .   ? -1.993  8.401   11.225  1.00 26.30 ? 113 UR2 A O12  1 
HETATM 1052 O O14  . UR2 B 2 .   ? 0.165   5.261   10.962  1.00 14.00 ? 113 UR2 A O14  1 
HETATM 1053 O O1P  . UR2 B 2 .   ? 3.299   10.719  4.760   1.00 14.52 ? 113 UR2 A O1P  1 
HETATM 1054 O O20  . UR2 B 2 .   ? -4.314  3.627   10.449  1.00 16.67 ? 113 UR2 A O20  1 
HETATM 1055 O O21  . UR2 B 2 .   ? -3.215  1.972   11.307  1.00 16.15 ? 113 UR2 A O21  1 
HETATM 1056 O O23  . UR2 B 2 .   ? 1.572   2.896   8.696   1.00 8.67  ? 113 UR2 A O23  1 
HETATM 1057 O O2P  . UR2 B 2 .   ? 3.797   9.750   2.494   1.00 13.46 ? 113 UR2 A O2P  1 
HETATM 1058 O O3P  . UR2 B 2 .   ? 4.297   8.355   4.575   1.00 13.65 ? 113 UR2 A O3P  1 
HETATM 1059 O O4P  . UR2 B 2 .   ? 2.003   8.807   3.775   1.00 10.64 ? 113 UR2 A O4P  1 
HETATM 1060 P P    . UR2 B 2 .   ? 3.417   9.429   3.943   1.00 13.04 ? 113 UR2 A P    1 
HETATM 1061 H H16  . UR2 B 2 .   ? -0.867  2.992   10.805  0.00 0.00  ? 113 UR2 A H16  1 
HETATM 1062 H H171 . UR2 B 2 .   ? -1.185  1.941   7.941   0.00 0.00  ? 113 UR2 A H171 1 
HETATM 1063 H H172 . UR2 B 2 .   ? -1.430  0.971   9.361   0.00 0.00  ? 113 UR2 A H172 1 
HETATM 1064 H H181 . UR2 B 2 .   ? -3.180  3.226   8.332   0.00 0.00  ? 113 UR2 A H181 1 
HETATM 1065 H H182 . UR2 B 2 .   ? -3.605  1.545   8.573   0.00 0.00  ? 113 UR2 A H182 1 
HETATM 1066 H H2   . UR2 B 2 .   ? 2.410   6.572   5.133   0.00 0.00  ? 113 UR2 A H2   1 
HETATM 1067 H H251 . UR2 B 2 .   ? 3.038   0.090   10.598  0.00 0.00  ? 113 UR2 A H251 1 
HETATM 1068 H H252 . UR2 B 2 .   ? 3.462   1.702   9.990   0.00 0.00  ? 113 UR2 A H252 1 
HETATM 1069 H H253 . UR2 B 2 .   ? 2.638   0.556   8.917   0.00 0.00  ? 113 UR2 A H253 1 
HETATM 1070 H H262 . UR2 B 2 .   ? 0.355   1.837   12.177  0.00 0.00  ? 113 UR2 A H262 1 
HETATM 1071 H H271 . UR2 B 2 .   ? -1.094  0.132   11.241  0.00 0.00  ? 113 UR2 A H271 1 
HETATM 1072 H H272 . UR2 B 2 .   ? -0.331  -0.470  12.657  0.00 0.00  ? 113 UR2 A H272 1 
HETATM 1073 H H281 . UR2 B 2 .   ? 0.407   -1.067  9.782   0.00 0.00  ? 113 UR2 A H281 1 
HETATM 1074 H H282 . UR2 B 2 .   ? 1.505   -1.501  11.068  0.00 0.00  ? 113 UR2 A H282 1 
HETATM 1075 H H29  . UR2 B 2 .   ? -1.364  -2.463  11.170  0.00 0.00  ? 113 UR2 A H29  1 
HETATM 1076 H H3   . UR2 B 2 .   ? 0.953   5.721   6.981   0.00 0.00  ? 113 UR2 A H3   1 
HETATM 1077 H H301 . UR2 B 2 .   ? 0.043   -2.859  13.179  0.00 0.00  ? 113 UR2 A H301 1 
HETATM 1078 H H302 . UR2 B 2 .   ? 1.281   -3.616  12.207  0.00 0.00  ? 113 UR2 A H302 1 
HETATM 1079 H H311 . UR2 B 2 .   ? -1.541  -4.622  12.689  0.00 0.00  ? 113 UR2 A H311 1 
HETATM 1080 H H312 . UR2 B 2 .   ? -0.082  -5.360  13.297  0.00 0.00  ? 113 UR2 A H312 1 
HETATM 1081 H H321 . UR2 B 2 .   ? -1.014  -6.589  11.289  0.00 0.00  ? 113 UR2 A H321 1 
HETATM 1082 H H322 . UR2 B 2 .   ? 0.582   -5.998  10.958  0.00 0.00  ? 113 UR2 A H322 1 
HETATM 1083 H H331 . UR2 B 2 .   ? -2.030  -4.620  10.116  0.00 0.00  ? 113 UR2 A H331 1 
HETATM 1084 H H332 . UR2 B 2 .   ? -0.919  -5.477  9.066   0.00 0.00  ? 113 UR2 A H332 1 
HETATM 1085 H H341 . UR2 B 2 .   ? 0.863   -3.836  9.604   0.00 0.00  ? 113 UR2 A H341 1 
HETATM 1086 H H342 . UR2 B 2 .   ? -0.545  -3.054  8.910   0.00 0.00  ? 113 UR2 A H342 1 
HETATM 1087 H H5   . UR2 B 2 .   ? -1.497  9.231   6.630   0.00 0.00  ? 113 UR2 A H5   1 
HETATM 1088 H H6   . UR2 B 2 .   ? 0.031   10.071  4.788   0.00 0.00  ? 113 UR2 A H6   1 
HETATM 1089 H H71  . UR2 B 2 .   ? -1.737  5.946   7.635   0.00 0.00  ? 113 UR2 A H71  1 
HETATM 1090 H H72  . UR2 B 2 .   ? -2.090  7.527   8.237   0.00 0.00  ? 113 UR2 A H72  1 
HETATM 1091 H H91  . UR2 B 2 .   ? 0.899   7.471   10.571  0.00 0.00  ? 113 UR2 A H91  1 
HETATM 1092 H H92  . UR2 B 2 .   ? 0.450   8.470   9.232   0.00 0.00  ? 113 UR2 A H92  1 
HETATM 1093 H HN5  . UR2 B 2 .   ? -1.140  4.405   8.285   0.00 0.00  ? 113 UR2 A HN5  1 
HETATM 1094 H HO1  . UR2 B 2 .   ? -0.751  10.156  11.958  0.00 0.00  ? 113 UR2 A HO1  1 
HETATM 1095 H HOP3 . UR2 B 2 .   ? 4.075   7.618   4.025   0.00 0.00  ? 113 UR2 A HOP3 1 
HETATM 1096 O O    . HOH C 3 .   ? -18.771 5.894   -0.657  1.00 2.00  ? 114 HOH A O    1 
HETATM 1097 H H1   . HOH C 3 .   ? -19.466 6.461   -1.000  0.00 0.00  ? 114 HOH A H1   1 
HETATM 1098 H H2   . HOH C 3 .   ? -18.988 5.917   0.285   0.00 0.00  ? 114 HOH A H2   1 
HETATM 1099 O O    . HOH C 3 .   ? 11.342  5.934   -0.735  1.00 35.08 ? 115 HOH A O    1 
HETATM 1100 H H1   . HOH C 3 .   ? 11.395  6.218   -1.664  0.00 0.00  ? 115 HOH A H1   1 
HETATM 1101 H H2   . HOH C 3 .   ? 11.055  6.733   -0.285  0.00 0.00  ? 115 HOH A H2   1 
HETATM 1102 O O    . HOH C 3 .   ? -9.510  -9.342  3.079   1.00 12.59 ? 116 HOH A O    1 
HETATM 1103 H H1   . HOH C 3 .   ? -10.329 -9.006  2.697   0.00 0.00  ? 116 HOH A H1   1 
HETATM 1104 H H2   . HOH C 3 .   ? -9.568  -9.043  3.993   0.00 0.00  ? 116 HOH A H2   1 
HETATM 1105 O O    . HOH C 3 .   ? -12.373 12.510  7.114   1.00 33.46 ? 117 HOH A O    1 
HETATM 1106 H H1   . HOH C 3 .   ? -13.329 12.494  7.029   0.00 0.00  ? 117 HOH A H1   1 
HETATM 1107 H H2   . HOH C 3 .   ? -12.196 13.458  7.200   0.00 0.00  ? 117 HOH A H2   1 
HETATM 1108 O O    . HOH C 3 .   ? 10.344  -12.744 1.558   1.00 13.48 ? 118 HOH A O    1 
HETATM 1109 H H1   . HOH C 3 .   ? 11.299  -12.850 1.502   0.00 0.00  ? 118 HOH A H1   1 
HETATM 1110 H H2   . HOH C 3 .   ? 10.121  -13.241 2.347   0.00 0.00  ? 118 HOH A H2   1 
HETATM 1111 O O    . HOH C 3 .   ? -11.540 10.649  -6.605  1.00 14.72 ? 119 HOH A O    1 
HETATM 1112 H H1   . HOH C 3 .   ? -10.675 10.227  -6.675  0.00 0.00  ? 119 HOH A H1   1 
HETATM 1113 H H2   . HOH C 3 .   ? -12.073 10.144  -7.231  0.00 0.00  ? 119 HOH A H2   1 
HETATM 1114 O O    . HOH C 3 .   ? -22.957 -0.885  1.753   1.00 18.23 ? 120 HOH A O    1 
HETATM 1115 H H1   . HOH C 3 .   ? -23.611 -1.408  1.256   0.00 0.00  ? 120 HOH A H1   1 
HETATM 1116 H H2   . HOH C 3 .   ? -22.945 -0.076  1.211   0.00 0.00  ? 120 HOH A H2   1 
HETATM 1117 O O    . HOH C 3 .   ? 11.238  5.830   -6.249  1.00 17.01 ? 121 HOH A O    1 
HETATM 1118 H H1   . HOH C 3 .   ? 10.757  6.075   -5.445  0.00 0.00  ? 121 HOH A H1   1 
HETATM 1119 H H2   . HOH C 3 .   ? 12.121  5.663   -5.867  0.00 0.00  ? 121 HOH A H2   1 
HETATM 1120 O O    . HOH C 3 .   ? -10.037 12.511  -10.771 1.00 24.13 ? 122 HOH A O    1 
HETATM 1121 H H1   . HOH C 3 .   ? -10.627 13.149  -10.352 0.00 0.00  ? 122 HOH A H1   1 
HETATM 1122 H H2   . HOH C 3 .   ? -10.360 11.668  -10.413 0.00 0.00  ? 122 HOH A H2   1 
HETATM 1123 O O    . HOH C 3 .   ? 4.910   -6.380  7.570   1.00 6.08  ? 123 HOH A O    1 
HETATM 1124 H H1   . HOH C 3 .   ? 5.592   -7.057  7.476   0.00 0.00  ? 123 HOH A H1   1 
HETATM 1125 H H2   . HOH C 3 .   ? 4.142   -6.789  7.144   0.00 0.00  ? 123 HOH A H2   1 
HETATM 1126 O O    . HOH C 3 .   ? -14.302 9.042   3.326   1.00 17.15 ? 124 HOH A O    1 
HETATM 1127 H H1   . HOH C 3 .   ? -14.180 8.183   2.896   0.00 0.00  ? 124 HOH A H1   1 
HETATM 1128 H H2   . HOH C 3 .   ? -15.265 9.052   3.448   0.00 0.00  ? 124 HOH A H2   1 
HETATM 1129 O O    . HOH C 3 .   ? 0.319   15.055  -0.835  1.00 16.34 ? 125 HOH A O    1 
HETATM 1130 H H1   . HOH C 3 .   ? 0.870   15.716  -1.273  0.00 0.00  ? 125 HOH A H1   1 
HETATM 1131 H H2   . HOH C 3 .   ? 1.031   14.565  -0.380  0.00 0.00  ? 125 HOH A H2   1 
HETATM 1132 O O    . HOH C 3 .   ? -11.363 -8.099  -7.775  1.00 39.74 ? 126 HOH A O    1 
HETATM 1133 H H1   . HOH C 3 .   ? -10.929 -8.222  -8.629  0.00 0.00  ? 126 HOH A H1   1 
HETATM 1134 H H2   . HOH C 3 .   ? -10.987 -7.265  -7.474  0.00 0.00  ? 126 HOH A H2   1 
HETATM 1135 O O    . HOH C 3 .   ? -4.271  5.577   7.472   1.00 14.95 ? 127 HOH A O    1 
HETATM 1136 H H1   . HOH C 3 .   ? -5.153  5.920   7.298   0.00 0.00  ? 127 HOH A H1   1 
HETATM 1137 H H2   . HOH C 3 .   ? -4.398  5.131   8.329   0.00 0.00  ? 127 HOH A H2   1 
HETATM 1138 O O    . HOH C 3 .   ? -6.569  -8.196  8.448   1.00 37.62 ? 128 HOH A O    1 
HETATM 1139 H H1   . HOH C 3 .   ? -6.859  -7.327  8.131   0.00 0.00  ? 128 HOH A H1   1 
HETATM 1140 H H2   . HOH C 3 .   ? -7.265  -8.422  9.083   0.00 0.00  ? 128 HOH A H2   1 
HETATM 1141 O O    . HOH C 3 .   ? -11.042 -1.088  7.904   1.00 44.22 ? 129 HOH A O    1 
HETATM 1142 H H1   . HOH C 3 .   ? -11.210 -1.258  6.964   0.00 0.00  ? 129 HOH A H1   1 
HETATM 1143 H H2   . HOH C 3 .   ? -11.879 -1.310  8.323   0.00 0.00  ? 129 HOH A H2   1 
HETATM 1144 O O    . HOH C 3 .   ? -12.433 0.420   -3.140  1.00 31.91 ? 130 HOH A O    1 
HETATM 1145 H H1   . HOH C 3 .   ? -12.924 0.061   -3.888  0.00 0.00  ? 130 HOH A H1   1 
HETATM 1146 H H2   . HOH C 3 .   ? -12.503 1.366   -3.345  0.00 0.00  ? 130 HOH A H2   1 
HETATM 1147 O O    . HOH C 3 .   ? -15.623 -5.180  6.179   1.00 27.83 ? 131 HOH A O    1 
HETATM 1148 H H1   . HOH C 3 .   ? -15.323 -5.935  6.699   0.00 0.00  ? 131 HOH A H1   1 
HETATM 1149 H H2   . HOH C 3 .   ? -16.085 -4.652  6.840   0.00 0.00  ? 131 HOH A H2   1 
HETATM 1150 O O    . HOH C 3 .   ? -15.977 -2.015  -11.067 1.00 42.36 ? 132 HOH A O    1 
HETATM 1151 H H1   . HOH C 3 .   ? -15.779 -1.754  -11.967 0.00 0.00  ? 132 HOH A H1   1 
HETATM 1152 H H2   . HOH C 3 .   ? -15.331 -1.517  -10.557 0.00 0.00  ? 132 HOH A H2   1 
HETATM 1153 O O    . HOH C 3 .   ? -12.520 -6.871  -4.183  1.00 23.37 ? 133 HOH A O    1 
HETATM 1154 H H1   . HOH C 3 .   ? -12.575 -6.056  -4.678  0.00 0.00  ? 133 HOH A H1   1 
HETATM 1155 H H2   . HOH C 3 .   ? -13.107 -6.625  -3.452  0.00 0.00  ? 133 HOH A H2   1 
HETATM 1156 O O    . HOH C 3 .   ? 1.862   13.530  -7.651  1.00 15.58 ? 134 HOH A O    1 
HETATM 1157 H H1   . HOH C 3 .   ? 1.517   12.955  -8.338  0.00 0.00  ? 134 HOH A H1   1 
HETATM 1158 H H2   . HOH C 3 .   ? 1.179   14.202  -7.566  0.00 0.00  ? 134 HOH A H2   1 
HETATM 1159 O O    . HOH C 3 .   ? 2.929   4.506   -12.673 1.00 31.00 ? 135 HOH A O    1 
HETATM 1160 H H1   . HOH C 3 .   ? 2.402   3.706   -12.745 0.00 0.00  ? 135 HOH A H1   1 
HETATM 1161 H H2   . HOH C 3 .   ? 2.268   5.195   -12.807 0.00 0.00  ? 135 HOH A H2   1 
HETATM 1162 O O    . HOH C 3 .   ? -5.931  -2.460  -12.807 1.00 34.79 ? 136 HOH A O    1 
HETATM 1163 H H1   . HOH C 3 .   ? -5.464  -1.660  -13.079 0.00 0.00  ? 136 HOH A H1   1 
HETATM 1164 H H2   . HOH C 3 .   ? -5.783  -2.451  -11.861 0.00 0.00  ? 136 HOH A H2   1 
HETATM 1165 O O    . HOH C 3 .   ? 10.499  -7.199  16.776  1.00 37.46 ? 137 HOH A O    1 
HETATM 1166 H H1   . HOH C 3 .   ? 11.368  -7.161  16.357  0.00 0.00  ? 137 HOH A H1   1 
HETATM 1167 H H2   . HOH C 3 .   ? 9.968   -6.712  16.131  0.00 0.00  ? 137 HOH A H2   1 
HETATM 1168 O O    . HOH C 3 .   ? 14.851  10.227  0.794   1.00 32.60 ? 138 HOH A O    1 
HETATM 1169 H H1   . HOH C 3 .   ? 14.622  9.973   -0.102  0.00 0.00  ? 138 HOH A H1   1 
HETATM 1170 H H2   . HOH C 3 .   ? 15.814  10.239  0.792   0.00 0.00  ? 138 HOH A H2   1 
HETATM 1171 O O    . HOH C 3 .   ? -6.471  -13.480 -4.924  1.00 21.98 ? 139 HOH A O    1 
HETATM 1172 H H1   . HOH C 3 .   ? -6.348  -13.836 -4.035  0.00 0.00  ? 139 HOH A H1   1 
HETATM 1173 H H2   . HOH C 3 .   ? -5.724  -13.869 -5.393  0.00 0.00  ? 139 HOH A H2   1 
HETATM 1174 O O    . HOH C 3 .   ? -22.126 4.703   4.828   1.00 32.75 ? 140 HOH A O    1 
HETATM 1175 H H1   . HOH C 3 .   ? -21.632 5.533   4.796   0.00 0.00  ? 140 HOH A H1   1 
HETATM 1176 H H2   . HOH C 3 .   ? -22.287 4.614   5.778   0.00 0.00  ? 140 HOH A H2   1 
HETATM 1177 O O    . HOH C 3 .   ? 1.377   -7.418  -10.051 1.00 39.66 ? 141 HOH A O    1 
HETATM 1178 H H1   . HOH C 3 .   ? 0.796   -7.490  -10.811 0.00 0.00  ? 141 HOH A H1   1 
HETATM 1179 H H2   . HOH C 3 .   ? 0.782   -7.608  -9.317  0.00 0.00  ? 141 HOH A H2   1 
HETATM 1180 O O    . HOH C 3 .   ? -12.295 3.636   -4.446  1.00 24.64 ? 142 HOH A O    1 
HETATM 1181 H H1   . HOH C 3 .   ? -11.555 3.647   -5.062  0.00 0.00  ? 142 HOH A H1   1 
HETATM 1182 H H2   . HOH C 3 .   ? -12.826 4.399   -4.693  0.00 0.00  ? 142 HOH A H2   1 
HETATM 1183 O O    . HOH C 3 .   ? -11.478 -9.623  -2.152  1.00 50.91 ? 143 HOH A O    1 
HETATM 1184 H H1   . HOH C 3 .   ? -11.178 -8.789  -2.551  0.00 0.00  ? 143 HOH A H1   1 
HETATM 1185 H H2   . HOH C 3 .   ? -12.241 -9.258  -1.687  0.00 0.00  ? 143 HOH A H2   1 
HETATM 1186 O O    . HOH C 3 .   ? -2.837  -13.278 -5.738  1.00 21.89 ? 144 HOH A O    1 
HETATM 1187 H H1   . HOH C 3 .   ? -2.961  -12.321 -5.788  0.00 0.00  ? 144 HOH A H1   1 
HETATM 1188 H H2   . HOH C 3 .   ? -3.185  -13.558 -6.593  0.00 0.00  ? 144 HOH A H2   1 
HETATM 1189 O O    . HOH C 3 .   ? -16.742 -1.941  -6.740  1.00 39.46 ? 145 HOH A O    1 
HETATM 1190 H H1   . HOH C 3 .   ? -16.849 -2.142  -7.678  0.00 0.00  ? 145 HOH A H1   1 
HETATM 1191 H H2   . HOH C 3 .   ? -16.199 -1.152  -6.770  0.00 0.00  ? 145 HOH A H2   1 
HETATM 1192 O O    . HOH C 3 .   ? 3.063   17.204  -1.969  1.00 33.64 ? 146 HOH A O    1 
HETATM 1193 H H1   . HOH C 3 .   ? 3.752   17.475  -1.358  0.00 0.00  ? 146 HOH A H1   1 
HETATM 1194 H H2   . HOH C 3 .   ? 3.120   16.239  -1.877  0.00 0.00  ? 146 HOH A H2   1 
HETATM 1195 O O    . HOH C 3 .   ? -1.195  0.838   -13.573 1.00 40.15 ? 147 HOH A O    1 
HETATM 1196 H H1   . HOH C 3 .   ? -1.091  1.681   -14.027 0.00 0.00  ? 147 HOH A H1   1 
HETATM 1197 H H2   . HOH C 3 .   ? -1.112  1.084   -12.645 0.00 0.00  ? 147 HOH A H2   1 
HETATM 1198 O O    . HOH C 3 .   ? -10.197 -12.104 0.568   1.00 27.54 ? 148 HOH A O    1 
HETATM 1199 H H1   . HOH C 3 .   ? -10.090 -11.901 1.504   0.00 0.00  ? 148 HOH A H1   1 
HETATM 1200 H H2   . HOH C 3 .   ? -11.144 -12.266 0.489   0.00 0.00  ? 148 HOH A H2   1 
HETATM 1201 O O    . HOH C 3 .   ? 9.787   -12.551 9.064   1.00 26.37 ? 149 HOH A O    1 
HETATM 1202 H H1   . HOH C 3 .   ? 10.619  -12.993 9.264   0.00 0.00  ? 149 HOH A H1   1 
HETATM 1203 H H2   . HOH C 3 .   ? 9.599   -12.082 9.887   0.00 0.00  ? 149 HOH A H2   1 
HETATM 1204 O O    . HOH C 3 .   ? -20.471 7.800   4.500   1.00 29.78 ? 150 HOH A O    1 
HETATM 1205 H H1   . HOH C 3 .   ? -20.555 8.689   4.149   0.00 0.00  ? 150 HOH A H1   1 
HETATM 1206 H H2   . HOH C 3 .   ? -20.210 7.958   5.421   0.00 0.00  ? 150 HOH A H2   1 
HETATM 1207 O O    . HOH C 3 .   ? 4.536   -9.264  -6.334  1.00 23.65 ? 151 HOH A O    1 
HETATM 1208 H H1   . HOH C 3 .   ? 3.669   -8.929  -6.106  0.00 0.00  ? 151 HOH A H1   1 
HETATM 1209 H H2   . HOH C 3 .   ? 4.959   -9.438  -5.488  0.00 0.00  ? 151 HOH A H2   1 
HETATM 1210 O O    . HOH C 3 .   ? 6.522   -2.959  14.099  1.00 14.44 ? 152 HOH A O    1 
HETATM 1211 H H1   . HOH C 3 .   ? 5.667   -2.547  13.963  0.00 0.00  ? 152 HOH A H1   1 
HETATM 1212 H H2   . HOH C 3 .   ? 7.113   -2.195  14.224  0.00 0.00  ? 152 HOH A H2   1 
HETATM 1213 O O    . HOH C 3 .   ? 1.357   12.760  3.571   1.00 32.06 ? 153 HOH A O    1 
HETATM 1214 H H1   . HOH C 3 .   ? 2.159   12.269  3.791   0.00 0.00  ? 153 HOH A H1   1 
HETATM 1215 H H2   . HOH C 3 .   ? 1.634   13.184  2.741   0.00 0.00  ? 153 HOH A H2   1 
HETATM 1216 O O    . HOH C 3 .   ? -9.989  9.019   -9.838  1.00 15.94 ? 154 HOH A O    1 
HETATM 1217 H H1   . HOH C 3 .   ? -9.424  8.299   -10.147 0.00 0.00  ? 154 HOH A H1   1 
HETATM 1218 H H2   . HOH C 3 .   ? -9.708  9.091   -8.918  0.00 0.00  ? 154 HOH A H2   1 
HETATM 1219 O O    . HOH C 3 .   ? 3.000   9.881   7.888   1.00 19.64 ? 155 HOH A O    1 
HETATM 1220 H H1   . HOH C 3 .   ? 2.778   10.337  7.060   0.00 0.00  ? 155 HOH A H1   1 
HETATM 1221 H H2   . HOH C 3 .   ? 2.851   10.576  8.542   0.00 0.00  ? 155 HOH A H2   1 
HETATM 1222 O O    . HOH C 3 .   ? -7.478  -12.123 4.256   1.00 12.36 ? 156 HOH A O    1 
HETATM 1223 H H1   . HOH C 3 .   ? -8.053  -12.886 4.359   0.00 0.00  ? 156 HOH A H1   1 
HETATM 1224 H H2   . HOH C 3 .   ? -7.985  -11.522 3.699   0.00 0.00  ? 156 HOH A H2   1 
HETATM 1225 O O    . HOH C 3 .   ? 11.012  6.676   10.675  1.00 31.35 ? 157 HOH A O    1 
HETATM 1226 H H1   . HOH C 3 .   ? 11.521  6.761   11.493  0.00 0.00  ? 157 HOH A H1   1 
HETATM 1227 H H2   . HOH C 3 .   ? 11.686  6.813   9.999   0.00 0.00  ? 157 HOH A H2   1 
HETATM 1228 O O    . HOH C 3 .   ? -9.484  8.857   2.458   1.00 4.90  ? 158 HOH A O    1 
HETATM 1229 H H1   . HOH C 3 .   ? -10.229 9.039   1.874   0.00 0.00  ? 158 HOH A H1   1 
HETATM 1230 H H2   . HOH C 3 .   ? -8.683  8.951   1.927   0.00 0.00  ? 158 HOH A H2   1 
HETATM 1231 O O    . HOH C 3 .   ? -12.089 10.184  0.813   1.00 13.98 ? 159 HOH A O    1 
HETATM 1232 H H1   . HOH C 3 .   ? -12.611 9.884   0.051   0.00 0.00  ? 159 HOH A H1   1 
HETATM 1233 H H2   . HOH C 3 .   ? -12.753 10.172  1.525   0.00 0.00  ? 159 HOH A H2   1 
HETATM 1234 O O    . HOH C 3 .   ? -19.490 -5.453  3.342   1.00 32.42 ? 160 HOH A O    1 
HETATM 1235 H H1   . HOH C 3 .   ? -18.589 -5.681  3.101   0.00 0.00  ? 160 HOH A H1   1 
HETATM 1236 H H2   . HOH C 3 .   ? -19.769 -4.919  2.595   0.00 0.00  ? 160 HOH A H2   1 
HETATM 1237 O O    . HOH C 3 .   ? -9.550  6.457   6.210   1.00 30.03 ? 161 HOH A O    1 
HETATM 1238 H H1   . HOH C 3 .   ? -9.126  6.949   5.487   0.00 0.00  ? 161 HOH A H1   1 
HETATM 1239 H H2   . HOH C 3 .   ? -8.783  6.043   6.622   0.00 0.00  ? 161 HOH A H2   1 
HETATM 1240 O O    . HOH C 3 .   ? -20.404 5.526   -8.564  1.00 32.77 ? 162 HOH A O    1 
HETATM 1241 H H1   . HOH C 3 .   ? -20.679 6.263   -9.119  0.00 0.00  ? 162 HOH A H1   1 
HETATM 1242 H H2   . HOH C 3 .   ? -21.099 4.901   -8.825  0.00 0.00  ? 162 HOH A H2   1 
HETATM 1243 O O    . HOH C 3 .   ? -2.509  -20.548 -3.533  1.00 33.64 ? 163 HOH A O    1 
HETATM 1244 H H1   . HOH C 3 .   ? -3.136  -20.946 -4.142  0.00 0.00  ? 163 HOH A H1   1 
HETATM 1245 H H2   . HOH C 3 .   ? -2.010  -19.938 -4.071  0.00 0.00  ? 163 HOH A H2   1 
HETATM 1246 O O    . HOH C 3 .   ? -8.404  5.044   -10.592 1.00 39.11 ? 164 HOH A O    1 
HETATM 1247 H H1   . HOH C 3 .   ? -7.657  4.825   -11.163 0.00 0.00  ? 164 HOH A H1   1 
HETATM 1248 H H2   . HOH C 3 .   ? -7.962  5.227   -9.761  0.00 0.00  ? 164 HOH A H2   1 
HETATM 1249 O O    . HOH C 3 .   ? -16.489 6.127   -11.400 1.00 27.34 ? 165 HOH A O    1 
HETATM 1250 H H1   . HOH C 3 .   ? -15.553 5.880   -11.432 0.00 0.00  ? 165 HOH A H1   1 
HETATM 1251 H H2   . HOH C 3 .   ? -16.812 5.685   -12.194 0.00 0.00  ? 165 HOH A H2   1 
HETATM 1252 O O    . HOH C 3 .   ? -10.353 -5.963  -12.467 1.00 32.12 ? 166 HOH A O    1 
HETATM 1253 H H1   . HOH C 3 .   ? -9.602  -6.232  -12.998 0.00 0.00  ? 166 HOH A H1   1 
HETATM 1254 H H2   . HOH C 3 .   ? -10.023 -6.050  -11.564 0.00 0.00  ? 166 HOH A H2   1 
HETATM 1255 O O    . HOH C 3 .   ? -1.495  15.666  1.977   1.00 19.40 ? 167 HOH A O    1 
HETATM 1256 H H1   . HOH C 3 .   ? -1.043  15.404  1.160   0.00 0.00  ? 167 HOH A H1   1 
HETATM 1257 H H2   . HOH C 3 .   ? -0.761  15.945  2.534   0.00 0.00  ? 167 HOH A H2   1 
HETATM 1258 O O    . HOH C 3 .   ? -6.257  19.316  0.099   1.00 40.79 ? 168 HOH A O    1 
HETATM 1259 H H1   . HOH C 3 .   ? -5.546  18.728  -0.188  0.00 0.00  ? 168 HOH A H1   1 
HETATM 1260 H H2   . HOH C 3 .   ? -6.561  19.601  -0.769  0.00 0.00  ? 168 HOH A H2   1 
HETATM 1261 O O    . HOH C 3 .   ? -23.464 3.465   -7.464  1.00 26.54 ? 169 HOH A O    1 
HETATM 1262 H H1   . HOH C 3 .   ? -22.981 3.146   -8.238  0.00 0.00  ? 169 HOH A H1   1 
HETATM 1263 H H2   . HOH C 3 .   ? -23.844 4.258   -7.878  0.00 0.00  ? 169 HOH A H2   1 
HETATM 1264 O O    . HOH C 3 .   ? 4.052   -15.217 -5.576  1.00 29.38 ? 170 HOH A O    1 
HETATM 1265 H H1   . HOH C 3 .   ? 4.965   -15.086 -5.279  0.00 0.00  ? 170 HOH A H1   1 
HETATM 1266 H H2   . HOH C 3 .   ? 4.243   -15.589 -6.462  0.00 0.00  ? 170 HOH A H2   1 
HETATM 1267 O O    . HOH C 3 .   ? 12.512  4.270   8.408   1.00 45.33 ? 171 HOH A O    1 
HETATM 1268 H H1   . HOH C 3 .   ? 12.524  3.904   7.512   0.00 0.00  ? 171 HOH A H1   1 
HETATM 1269 H H2   . HOH C 3 .   ? 13.452  4.361   8.577   0.00 0.00  ? 171 HOH A H2   1 
HETATM 1270 O O    . HOH C 3 .   ? -6.215  9.205   4.312   1.00 39.28 ? 172 HOH A O    1 
HETATM 1271 H H1   . HOH C 3 .   ? -5.781  8.893   3.501   0.00 0.00  ? 172 HOH A H1   1 
HETATM 1272 H H2   . HOH C 3 .   ? -6.756  9.914   3.950   0.00 0.00  ? 172 HOH A H2   1 
HETATM 1273 O O    . HOH C 3 .   ? -5.257  -5.459  -11.214 1.00 32.45 ? 173 HOH A O    1 
HETATM 1274 H H1   . HOH C 3 .   ? -6.021  -6.035  -11.343 0.00 0.00  ? 173 HOH A H1   1 
HETATM 1275 H H2   . HOH C 3 .   ? -5.269  -4.891  -11.994 0.00 0.00  ? 173 HOH A H2   1 
HETATM 1276 O O    . HOH C 3 .   ? 13.136  -10.435 19.116  1.00 42.68 ? 174 HOH A O    1 
HETATM 1277 H H1   . HOH C 3 .   ? 13.631  -10.646 19.921  0.00 0.00  ? 174 HOH A H1   1 
HETATM 1278 H H2   . HOH C 3 .   ? 13.246  -9.474  19.065  0.00 0.00  ? 174 HOH A H2   1 
# 
